data_7NUW
# 
_entry.id   7NUW 
# 
_audit_conform.dict_name       mmcif_pdbx.dic 
_audit_conform.dict_version    5.397 
_audit_conform.dict_location   http://mmcif.pdb.org/dictionaries/ascii/mmcif_pdbx.dic 
# 
loop_
_database_2.database_id 
_database_2.database_code 
_database_2.pdbx_database_accession 
_database_2.pdbx_DOI 
PDB   7NUW         pdb_00007nuw 10.2210/pdb7nuw/pdb 
WWPDB D_1292114554 ?            ?                   
# 
loop_
_pdbx_audit_revision_history.ordinal 
_pdbx_audit_revision_history.data_content_type 
_pdbx_audit_revision_history.major_revision 
_pdbx_audit_revision_history.minor_revision 
_pdbx_audit_revision_history.revision_date 
1 'Structure model' 1 0 2021-08-25 
2 'Structure model' 1 1 2021-10-13 
3 'Structure model' 1 2 2024-01-31 
4 'Structure model' 1 3 2024-10-16 
# 
_pdbx_audit_revision_details.ordinal             1 
_pdbx_audit_revision_details.revision_ordinal    1 
_pdbx_audit_revision_details.data_content_type   'Structure model' 
_pdbx_audit_revision_details.provider            repository 
_pdbx_audit_revision_details.type                'Initial release' 
_pdbx_audit_revision_details.description         ? 
_pdbx_audit_revision_details.details             ? 
# 
loop_
_pdbx_audit_revision_group.ordinal 
_pdbx_audit_revision_group.revision_ordinal 
_pdbx_audit_revision_group.data_content_type 
_pdbx_audit_revision_group.group 
1 2 'Structure model' 'Data collection'        
2 2 'Structure model' 'Database references'    
3 3 'Structure model' 'Data collection'        
4 3 'Structure model' 'Refinement description' 
5 4 'Structure model' 'Structure summary'      
# 
loop_
_pdbx_audit_revision_category.ordinal 
_pdbx_audit_revision_category.revision_ordinal 
_pdbx_audit_revision_category.data_content_type 
_pdbx_audit_revision_category.category 
1  2 'Structure model' citation                      
2  2 'Structure model' citation_author               
3  2 'Structure model' database_PDB_rev              
4  2 'Structure model' database_PDB_rev_record       
5  2 'Structure model' pdbx_database_proc            
6  3 'Structure model' chem_comp_atom                
7  3 'Structure model' chem_comp_bond                
8  3 'Structure model' pdbx_initial_refinement_model 
9  4 'Structure model' pdbx_entry_details            
10 4 'Structure model' pdbx_modification_feature     
# 
loop_
_pdbx_audit_revision_item.ordinal 
_pdbx_audit_revision_item.revision_ordinal 
_pdbx_audit_revision_item.data_content_type 
_pdbx_audit_revision_item.item 
1  2 'Structure model' '_citation.country'                 
2  2 'Structure model' '_citation.journal_abbrev'          
3  2 'Structure model' '_citation.journal_id_CSD'          
4  2 'Structure model' '_citation.journal_id_ISSN'         
5  2 'Structure model' '_citation.journal_volume'          
6  2 'Structure model' '_citation.page_first'              
7  2 'Structure model' '_citation.page_last'               
8  2 'Structure model' '_citation.pdbx_database_id_DOI'    
9  2 'Structure model' '_citation.pdbx_database_id_PubMed' 
10 2 'Structure model' '_citation.title'                   
11 2 'Structure model' '_citation.year'                    
# 
_pdbx_database_status.status_code                     REL 
_pdbx_database_status.status_code_sf                  REL 
_pdbx_database_status.status_code_mr                  ? 
_pdbx_database_status.entry_id                        7NUW 
_pdbx_database_status.recvd_initial_deposition_date   2021-03-15 
_pdbx_database_status.SG_entry                        N 
_pdbx_database_status.deposit_site                    PDBE 
_pdbx_database_status.process_site                    PDBE 
_pdbx_database_status.status_code_cs                  ? 
_pdbx_database_status.status_code_nmr_data            ? 
_pdbx_database_status.methods_development_category    ? 
_pdbx_database_status.pdb_format_compatible           Y 
# 
loop_
_audit_author.name 
_audit_author.pdbx_ordinal 
_audit_author.identifier_ORCID 
'Vakhrameev, D.D.'    1 ? 
'Luginina, A.P.'      2 ? 
'Shevtsov, M.B.'      3 ? 
'Lushpa, V.A.'        4 ? 
'Mineev, K.S.'        5 ? 
'Borshchevskiy, V.I.' 6 ? 
# 
_citation.abstract                  ? 
_citation.abstract_id_CAS           ? 
_citation.book_id_ISBN              ? 
_citation.book_publisher            ? 
_citation.book_publisher_city       ? 
_citation.book_title                ? 
_citation.coordinate_linkage        ? 
_citation.country                   UK 
_citation.database_id_Medline       ? 
_citation.details                   ? 
_citation.id                        primary 
_citation.journal_abbrev            'Commun Biol' 
_citation.journal_id_ASTM           ? 
_citation.journal_id_CSD            ? 
_citation.journal_id_ISSN           2399-3642 
_citation.journal_full              ? 
_citation.journal_issue             ? 
_citation.journal_volume            4 
_citation.language                  ? 
_citation.page_first                1003 
_citation.page_last                 1003 
_citation.title                     'Modulation of Toll-like receptor 1 intracellular domain structure and activity by Zn 2+ ions.' 
_citation.year                      2021 
_citation.database_id_CSD           ? 
_citation.pdbx_database_id_DOI      10.1038/s42003-021-02532-0 
_citation.pdbx_database_id_PubMed   34429510 
_citation.pdbx_database_id_patent   ? 
_citation.unpublished_flag          ? 
# 
loop_
_citation_author.citation_id 
_citation_author.name 
_citation_author.ordinal 
_citation_author.identifier_ORCID 
primary 'Lushpa, V.A.'        1  ?                   
primary 'Goncharuk, M.V.'     2  ?                   
primary 'Lin, C.'             3  ?                   
primary 'Zalevsky, A.O.'      4  0000-0001-6987-8119 
primary 'Talyzina, I.A.'      5  0000-0003-1245-8644 
primary 'Luginina, A.P.'      6  ?                   
primary 'Vakhrameev, D.D.'    7  ?                   
primary 'Shevtsov, M.B.'      8  ?                   
primary 'Goncharuk, S.A.'     9  0000-0002-0263-6462 
primary 'Arseniev, A.S.'      10 ?                   
primary 'Borshchevskiy, V.I.' 11 0000-0003-4398-9712 
primary 'Wang, X.'            12 ?                   
primary 'Mineev, K.S.'        13 0000-0002-2418-9421 
# 
loop_
_entity.id 
_entity.type 
_entity.src_method 
_entity.pdbx_description 
_entity.formula_weight 
_entity.pdbx_number_of_molecules 
_entity.pdbx_ec 
_entity.pdbx_mutation 
_entity.pdbx_fragment 
_entity.details 
1 polymer man 'Toll-like receptor 1' 19074.959 1  3.2.2.6 ? ? ? 
2 water   nat water                  18.015    39 ?       ? ? ? 
# 
_entity_name_com.entity_id   1 
_entity_name_com.name        'Toll/interleukin-1 receptor-like protein,TIL' 
# 
_entity_poly.entity_id                      1 
_entity_poly.type                           'polypeptide(L)' 
_entity_poly.nstd_linkage                   no 
_entity_poly.nstd_monomer                   no 
_entity_poly.pdbx_seq_one_letter_code       
;SNIPLEELQRNLQFHAFISYSGHDSFWVKNELLPNLEKEGMQICLHERNFVPGKSIVENIITCIEKSYKSIFVLSPNFVQ
SEWCHYELYFAHHNLFHEGSNSLILILLEPIPQYSIPSSYHKLKSLMARRTYLEWPKEKSKRGLFWANLRAAINIKLTEQ
AK
;
_entity_poly.pdbx_seq_one_letter_code_can   
;SNIPLEELQRNLQFHAFISYSGHDSFWVKNELLPNLEKEGMQICLHERNFVPGKSIVENIITCIEKSYKSIFVLSPNFVQ
SEWCHYELYFAHHNLFHEGSNSLILILLEPIPQYSIPSSYHKLKSLMARRTYLEWPKEKSKRGLFWANLRAAINIKLTEQ
AK
;
_entity_poly.pdbx_strand_id                 A 
_entity_poly.pdbx_target_identifier         ? 
# 
_pdbx_entity_nonpoly.entity_id   2 
_pdbx_entity_nonpoly.name        water 
_pdbx_entity_nonpoly.comp_id     HOH 
# 
loop_
_entity_poly_seq.entity_id 
_entity_poly_seq.num 
_entity_poly_seq.mon_id 
_entity_poly_seq.hetero 
1 1   SER n 
1 2   ASN n 
1 3   ILE n 
1 4   PRO n 
1 5   LEU n 
1 6   GLU n 
1 7   GLU n 
1 8   LEU n 
1 9   GLN n 
1 10  ARG n 
1 11  ASN n 
1 12  LEU n 
1 13  GLN n 
1 14  PHE n 
1 15  HIS n 
1 16  ALA n 
1 17  PHE n 
1 18  ILE n 
1 19  SER n 
1 20  TYR n 
1 21  SER n 
1 22  GLY n 
1 23  HIS n 
1 24  ASP n 
1 25  SER n 
1 26  PHE n 
1 27  TRP n 
1 28  VAL n 
1 29  LYS n 
1 30  ASN n 
1 31  GLU n 
1 32  LEU n 
1 33  LEU n 
1 34  PRO n 
1 35  ASN n 
1 36  LEU n 
1 37  GLU n 
1 38  LYS n 
1 39  GLU n 
1 40  GLY n 
1 41  MET n 
1 42  GLN n 
1 43  ILE n 
1 44  CYS n 
1 45  LEU n 
1 46  HIS n 
1 47  GLU n 
1 48  ARG n 
1 49  ASN n 
1 50  PHE n 
1 51  VAL n 
1 52  PRO n 
1 53  GLY n 
1 54  LYS n 
1 55  SER n 
1 56  ILE n 
1 57  VAL n 
1 58  GLU n 
1 59  ASN n 
1 60  ILE n 
1 61  ILE n 
1 62  THR n 
1 63  CYS n 
1 64  ILE n 
1 65  GLU n 
1 66  LYS n 
1 67  SER n 
1 68  TYR n 
1 69  LYS n 
1 70  SER n 
1 71  ILE n 
1 72  PHE n 
1 73  VAL n 
1 74  LEU n 
1 75  SER n 
1 76  PRO n 
1 77  ASN n 
1 78  PHE n 
1 79  VAL n 
1 80  GLN n 
1 81  SER n 
1 82  GLU n 
1 83  TRP n 
1 84  CYS n 
1 85  HIS n 
1 86  TYR n 
1 87  GLU n 
1 88  LEU n 
1 89  TYR n 
1 90  PHE n 
1 91  ALA n 
1 92  HIS n 
1 93  HIS n 
1 94  ASN n 
1 95  LEU n 
1 96  PHE n 
1 97  HIS n 
1 98  GLU n 
1 99  GLY n 
1 100 SER n 
1 101 ASN n 
1 102 SER n 
1 103 LEU n 
1 104 ILE n 
1 105 LEU n 
1 106 ILE n 
1 107 LEU n 
1 108 LEU n 
1 109 GLU n 
1 110 PRO n 
1 111 ILE n 
1 112 PRO n 
1 113 GLN n 
1 114 TYR n 
1 115 SER n 
1 116 ILE n 
1 117 PRO n 
1 118 SER n 
1 119 SER n 
1 120 TYR n 
1 121 HIS n 
1 122 LYS n 
1 123 LEU n 
1 124 LYS n 
1 125 SER n 
1 126 LEU n 
1 127 MET n 
1 128 ALA n 
1 129 ARG n 
1 130 ARG n 
1 131 THR n 
1 132 TYR n 
1 133 LEU n 
1 134 GLU n 
1 135 TRP n 
1 136 PRO n 
1 137 LYS n 
1 138 GLU n 
1 139 LYS n 
1 140 SER n 
1 141 LYS n 
1 142 ARG n 
1 143 GLY n 
1 144 LEU n 
1 145 PHE n 
1 146 TRP n 
1 147 ALA n 
1 148 ASN n 
1 149 LEU n 
1 150 ARG n 
1 151 ALA n 
1 152 ALA n 
1 153 ILE n 
1 154 ASN n 
1 155 ILE n 
1 156 LYS n 
1 157 LEU n 
1 158 THR n 
1 159 GLU n 
1 160 GLN n 
1 161 ALA n 
1 162 LYS n 
# 
_entity_src_gen.entity_id                          1 
_entity_src_gen.pdbx_src_id                        1 
_entity_src_gen.pdbx_alt_source_flag               sample 
_entity_src_gen.pdbx_seq_type                      'Biological sequence' 
_entity_src_gen.pdbx_beg_seq_num                   1 
_entity_src_gen.pdbx_end_seq_num                   162 
_entity_src_gen.gene_src_common_name               Human 
_entity_src_gen.gene_src_genus                     ? 
_entity_src_gen.pdbx_gene_src_gene                 'TLR1, KIAA0012' 
_entity_src_gen.gene_src_species                   ? 
_entity_src_gen.gene_src_strain                    ? 
_entity_src_gen.gene_src_tissue                    ? 
_entity_src_gen.gene_src_tissue_fraction           ? 
_entity_src_gen.gene_src_details                   ? 
_entity_src_gen.pdbx_gene_src_fragment             ? 
_entity_src_gen.pdbx_gene_src_scientific_name      'Homo sapiens' 
_entity_src_gen.pdbx_gene_src_ncbi_taxonomy_id     9606 
_entity_src_gen.pdbx_gene_src_variant              ? 
_entity_src_gen.pdbx_gene_src_cell_line            ? 
_entity_src_gen.pdbx_gene_src_atcc                 ? 
_entity_src_gen.pdbx_gene_src_organ                ? 
_entity_src_gen.pdbx_gene_src_organelle            ? 
_entity_src_gen.pdbx_gene_src_cell                 ? 
_entity_src_gen.pdbx_gene_src_cellular_location    ? 
_entity_src_gen.host_org_common_name               ? 
_entity_src_gen.pdbx_host_org_scientific_name      'Escherichia coli BL21(DE3)' 
_entity_src_gen.pdbx_host_org_ncbi_taxonomy_id     469008 
_entity_src_gen.host_org_genus                     ? 
_entity_src_gen.pdbx_host_org_gene                 ? 
_entity_src_gen.pdbx_host_org_organ                ? 
_entity_src_gen.host_org_species                   ? 
_entity_src_gen.pdbx_host_org_tissue               ? 
_entity_src_gen.pdbx_host_org_tissue_fraction      ? 
_entity_src_gen.pdbx_host_org_strain               pLysS 
_entity_src_gen.pdbx_host_org_variant              ? 
_entity_src_gen.pdbx_host_org_cell_line            ? 
_entity_src_gen.pdbx_host_org_atcc                 ? 
_entity_src_gen.pdbx_host_org_culture_collection   ? 
_entity_src_gen.pdbx_host_org_cell                 ? 
_entity_src_gen.pdbx_host_org_organelle            ? 
_entity_src_gen.pdbx_host_org_cellular_location    ? 
_entity_src_gen.pdbx_host_org_vector_type          pGEMEX-1 
_entity_src_gen.pdbx_host_org_vector               ? 
_entity_src_gen.host_org_details                   ? 
_entity_src_gen.expression_system_id               ? 
_entity_src_gen.plasmid_name                       ? 
_entity_src_gen.plasmid_details                    ? 
_entity_src_gen.pdbx_description                   ? 
# 
loop_
_chem_comp.id 
_chem_comp.type 
_chem_comp.mon_nstd_flag 
_chem_comp.name 
_chem_comp.pdbx_synonyms 
_chem_comp.formula 
_chem_comp.formula_weight 
ALA 'L-peptide linking' y ALANINE         ? 'C3 H7 N O2'     89.093  
ARG 'L-peptide linking' y ARGININE        ? 'C6 H15 N4 O2 1' 175.209 
ASN 'L-peptide linking' y ASPARAGINE      ? 'C4 H8 N2 O3'    132.118 
ASP 'L-peptide linking' y 'ASPARTIC ACID' ? 'C4 H7 N O4'     133.103 
CYS 'L-peptide linking' y CYSTEINE        ? 'C3 H7 N O2 S'   121.158 
GLN 'L-peptide linking' y GLUTAMINE       ? 'C5 H10 N2 O3'   146.144 
GLU 'L-peptide linking' y 'GLUTAMIC ACID' ? 'C5 H9 N O4'     147.129 
GLY 'peptide linking'   y GLYCINE         ? 'C2 H5 N O2'     75.067  
HIS 'L-peptide linking' y HISTIDINE       ? 'C6 H10 N3 O2 1' 156.162 
HOH non-polymer         . WATER           ? 'H2 O'           18.015  
ILE 'L-peptide linking' y ISOLEUCINE      ? 'C6 H13 N O2'    131.173 
LEU 'L-peptide linking' y LEUCINE         ? 'C6 H13 N O2'    131.173 
LYS 'L-peptide linking' y LYSINE          ? 'C6 H15 N2 O2 1' 147.195 
MET 'L-peptide linking' y METHIONINE      ? 'C5 H11 N O2 S'  149.211 
PHE 'L-peptide linking' y PHENYLALANINE   ? 'C9 H11 N O2'    165.189 
PRO 'L-peptide linking' y PROLINE         ? 'C5 H9 N O2'     115.130 
SER 'L-peptide linking' y SERINE          ? 'C3 H7 N O3'     105.093 
THR 'L-peptide linking' y THREONINE       ? 'C4 H9 N O3'     119.119 
TRP 'L-peptide linking' y TRYPTOPHAN      ? 'C11 H12 N2 O2'  204.225 
TYR 'L-peptide linking' y TYROSINE        ? 'C9 H11 N O3'    181.189 
VAL 'L-peptide linking' y VALINE          ? 'C5 H11 N O2'    117.146 
# 
loop_
_pdbx_poly_seq_scheme.asym_id 
_pdbx_poly_seq_scheme.entity_id 
_pdbx_poly_seq_scheme.seq_id 
_pdbx_poly_seq_scheme.mon_id 
_pdbx_poly_seq_scheme.ndb_seq_num 
_pdbx_poly_seq_scheme.pdb_seq_num 
_pdbx_poly_seq_scheme.auth_seq_num 
_pdbx_poly_seq_scheme.pdb_mon_id 
_pdbx_poly_seq_scheme.auth_mon_id 
_pdbx_poly_seq_scheme.pdb_strand_id 
_pdbx_poly_seq_scheme.pdb_ins_code 
_pdbx_poly_seq_scheme.hetero 
A 1 1   SER 1   624 624 SER SER A . n 
A 1 2   ASN 2   625 625 ASN ASN A . n 
A 1 3   ILE 3   626 626 ILE ILE A . n 
A 1 4   PRO 4   627 627 PRO PRO A . n 
A 1 5   LEU 5   628 628 LEU LEU A . n 
A 1 6   GLU 6   629 629 GLU GLU A . n 
A 1 7   GLU 7   630 630 GLU GLU A . n 
A 1 8   LEU 8   631 631 LEU LEU A . n 
A 1 9   GLN 9   632 632 GLN GLN A . n 
A 1 10  ARG 10  633 633 ARG ARG A . n 
A 1 11  ASN 11  634 634 ASN ASN A . n 
A 1 12  LEU 12  635 635 LEU LEU A . n 
A 1 13  GLN 13  636 636 GLN GLN A . n 
A 1 14  PHE 14  637 637 PHE PHE A . n 
A 1 15  HIS 15  638 638 HIS HIS A . n 
A 1 16  ALA 16  639 639 ALA ALA A . n 
A 1 17  PHE 17  640 640 PHE PHE A . n 
A 1 18  ILE 18  641 641 ILE ILE A . n 
A 1 19  SER 19  642 642 SER SER A . n 
A 1 20  TYR 20  643 643 TYR TYR A . n 
A 1 21  SER 21  644 644 SER SER A . n 
A 1 22  GLY 22  645 645 GLY GLY A . n 
A 1 23  HIS 23  646 646 HIS HIS A . n 
A 1 24  ASP 24  647 647 ASP ASP A . n 
A 1 25  SER 25  648 648 SER SER A . n 
A 1 26  PHE 26  649 649 PHE PHE A . n 
A 1 27  TRP 27  650 650 TRP TRP A . n 
A 1 28  VAL 28  651 651 VAL VAL A . n 
A 1 29  LYS 29  652 652 LYS LYS A . n 
A 1 30  ASN 30  653 653 ASN ASN A . n 
A 1 31  GLU 31  654 654 GLU GLU A . n 
A 1 32  LEU 32  655 655 LEU LEU A . n 
A 1 33  LEU 33  656 656 LEU LEU A . n 
A 1 34  PRO 34  657 657 PRO PRO A . n 
A 1 35  ASN 35  658 658 ASN ASN A . n 
A 1 36  LEU 36  659 659 LEU LEU A . n 
A 1 37  GLU 37  660 660 GLU GLU A . n 
A 1 38  LYS 38  661 661 LYS LYS A . n 
A 1 39  GLU 39  662 662 GLU GLU A . n 
A 1 40  GLY 40  663 663 GLY GLY A . n 
A 1 41  MET 41  664 664 MET MET A . n 
A 1 42  GLN 42  665 665 GLN GLN A . n 
A 1 43  ILE 43  666 666 ILE ILE A . n 
A 1 44  CYS 44  667 667 CYS CYS A . n 
A 1 45  LEU 45  668 668 LEU LEU A . n 
A 1 46  HIS 46  669 669 HIS HIS A . n 
A 1 47  GLU 47  670 670 GLU GLU A . n 
A 1 48  ARG 48  671 671 ARG ARG A . n 
A 1 49  ASN 49  672 672 ASN ASN A . n 
A 1 50  PHE 50  673 673 PHE PHE A . n 
A 1 51  VAL 51  674 674 VAL VAL A . n 
A 1 52  PRO 52  675 675 PRO PRO A . n 
A 1 53  GLY 53  676 676 GLY GLY A . n 
A 1 54  LYS 54  677 677 LYS LYS A . n 
A 1 55  SER 55  678 678 SER SER A . n 
A 1 56  ILE 56  679 679 ILE ILE A . n 
A 1 57  VAL 57  680 680 VAL VAL A . n 
A 1 58  GLU 58  681 681 GLU GLU A . n 
A 1 59  ASN 59  682 682 ASN ASN A . n 
A 1 60  ILE 60  683 683 ILE ILE A . n 
A 1 61  ILE 61  684 684 ILE ILE A . n 
A 1 62  THR 62  685 685 THR THR A . n 
A 1 63  CYS 63  686 686 CYS CYS A . n 
A 1 64  ILE 64  687 687 ILE ILE A . n 
A 1 65  GLU 65  688 688 GLU GLU A . n 
A 1 66  LYS 66  689 689 LYS LYS A . n 
A 1 67  SER 67  690 690 SER SER A . n 
A 1 68  TYR 68  691 691 TYR TYR A . n 
A 1 69  LYS 69  692 692 LYS LYS A . n 
A 1 70  SER 70  693 693 SER SER A . n 
A 1 71  ILE 71  694 694 ILE ILE A . n 
A 1 72  PHE 72  695 695 PHE PHE A . n 
A 1 73  VAL 73  696 696 VAL VAL A . n 
A 1 74  LEU 74  697 697 LEU LEU A . n 
A 1 75  SER 75  698 698 SER SER A . n 
A 1 76  PRO 76  699 699 PRO PRO A . n 
A 1 77  ASN 77  700 700 ASN ASN A . n 
A 1 78  PHE 78  701 701 PHE PHE A . n 
A 1 79  VAL 79  702 702 VAL VAL A . n 
A 1 80  GLN 80  703 703 GLN GLN A . n 
A 1 81  SER 81  704 704 SER SER A . n 
A 1 82  GLU 82  705 705 GLU GLU A . n 
A 1 83  TRP 83  706 706 TRP TRP A . n 
A 1 84  CYS 84  707 707 CYS CYS A . n 
A 1 85  HIS 85  708 708 HIS HIS A . n 
A 1 86  TYR 86  709 709 TYR TYR A . n 
A 1 87  GLU 87  710 710 GLU GLU A . n 
A 1 88  LEU 88  711 711 LEU LEU A . n 
A 1 89  TYR 89  712 712 TYR TYR A . n 
A 1 90  PHE 90  713 713 PHE PHE A . n 
A 1 91  ALA 91  714 714 ALA ALA A . n 
A 1 92  HIS 92  715 715 HIS HIS A . n 
A 1 93  HIS 93  716 716 HIS HIS A . n 
A 1 94  ASN 94  717 717 ASN ASN A . n 
A 1 95  LEU 95  718 718 LEU LEU A . n 
A 1 96  PHE 96  719 719 PHE PHE A . n 
A 1 97  HIS 97  720 720 HIS HIS A . n 
A 1 98  GLU 98  721 721 GLU GLU A . n 
A 1 99  GLY 99  722 722 GLY GLY A . n 
A 1 100 SER 100 723 723 SER SER A . n 
A 1 101 ASN 101 724 724 ASN ASN A . n 
A 1 102 SER 102 725 725 SER SER A . n 
A 1 103 LEU 103 726 726 LEU LEU A . n 
A 1 104 ILE 104 727 727 ILE ILE A . n 
A 1 105 LEU 105 728 728 LEU LEU A . n 
A 1 106 ILE 106 729 729 ILE ILE A . n 
A 1 107 LEU 107 730 730 LEU LEU A . n 
A 1 108 LEU 108 731 731 LEU LEU A . n 
A 1 109 GLU 109 732 732 GLU GLU A . n 
A 1 110 PRO 110 733 733 PRO PRO A . n 
A 1 111 ILE 111 734 734 ILE ILE A . n 
A 1 112 PRO 112 735 735 PRO PRO A . n 
A 1 113 GLN 113 736 736 GLN GLN A . n 
A 1 114 TYR 114 737 737 TYR TYR A . n 
A 1 115 SER 115 738 738 SER SER A . n 
A 1 116 ILE 116 739 739 ILE ILE A . n 
A 1 117 PRO 117 740 740 PRO PRO A . n 
A 1 118 SER 118 741 741 SER SER A . n 
A 1 119 SER 119 742 742 SER SER A . n 
A 1 120 TYR 120 743 743 TYR TYR A . n 
A 1 121 HIS 121 744 744 HIS HIS A . n 
A 1 122 LYS 122 745 745 LYS LYS A . n 
A 1 123 LEU 123 746 746 LEU LEU A . n 
A 1 124 LYS 124 747 747 LYS LYS A . n 
A 1 125 SER 125 748 748 SER SER A . n 
A 1 126 LEU 126 749 749 LEU LEU A . n 
A 1 127 MET 127 750 750 MET MET A . n 
A 1 128 ALA 128 751 751 ALA ALA A . n 
A 1 129 ARG 129 752 752 ARG ARG A . n 
A 1 130 ARG 130 753 753 ARG ARG A . n 
A 1 131 THR 131 754 754 THR THR A . n 
A 1 132 TYR 132 755 755 TYR TYR A . n 
A 1 133 LEU 133 756 756 LEU LEU A . n 
A 1 134 GLU 134 757 757 GLU GLU A . n 
A 1 135 TRP 135 758 758 TRP TRP A . n 
A 1 136 PRO 136 759 759 PRO PRO A . n 
A 1 137 LYS 137 760 760 LYS LYS A . n 
A 1 138 GLU 138 761 761 GLU GLU A . n 
A 1 139 LYS 139 762 762 LYS LYS A . n 
A 1 140 SER 140 763 763 SER SER A . n 
A 1 141 LYS 141 764 764 LYS LYS A . n 
A 1 142 ARG 142 765 765 ARG ARG A . n 
A 1 143 GLY 143 766 766 GLY GLY A . n 
A 1 144 LEU 144 767 767 LEU LEU A . n 
A 1 145 PHE 145 768 768 PHE PHE A . n 
A 1 146 TRP 146 769 769 TRP TRP A . n 
A 1 147 ALA 147 770 770 ALA ALA A . n 
A 1 148 ASN 148 771 771 ASN ASN A . n 
A 1 149 LEU 149 772 772 LEU LEU A . n 
A 1 150 ARG 150 773 773 ARG ARG A . n 
A 1 151 ALA 151 774 774 ALA ALA A . n 
A 1 152 ALA 152 775 775 ALA ALA A . n 
A 1 153 ILE 153 776 776 ILE ILE A . n 
A 1 154 ASN 154 777 777 ASN ASN A . n 
A 1 155 ILE 155 778 778 ILE ILE A . n 
A 1 156 LYS 156 779 779 LYS LYS A . n 
A 1 157 LEU 157 780 780 LEU LEU A . n 
A 1 158 THR 158 781 781 THR THR A . n 
A 1 159 GLU 159 782 782 GLU GLU A . n 
A 1 160 GLN 160 783 ?   ?   ?   A . n 
A 1 161 ALA 161 784 ?   ?   ?   A . n 
A 1 162 LYS 162 785 ?   ?   ?   A . n 
# 
loop_
_pdbx_nonpoly_scheme.asym_id 
_pdbx_nonpoly_scheme.entity_id 
_pdbx_nonpoly_scheme.mon_id 
_pdbx_nonpoly_scheme.ndb_seq_num 
_pdbx_nonpoly_scheme.pdb_seq_num 
_pdbx_nonpoly_scheme.auth_seq_num 
_pdbx_nonpoly_scheme.pdb_mon_id 
_pdbx_nonpoly_scheme.auth_mon_id 
_pdbx_nonpoly_scheme.pdb_strand_id 
_pdbx_nonpoly_scheme.pdb_ins_code 
B 2 HOH 1  801 29 HOH HOH A . 
B 2 HOH 2  802 13 HOH HOH A . 
B 2 HOH 3  803 35 HOH HOH A . 
B 2 HOH 4  804 5  HOH HOH A . 
B 2 HOH 5  805 43 HOH HOH A . 
B 2 HOH 6  806 40 HOH HOH A . 
B 2 HOH 7  807 37 HOH HOH A . 
B 2 HOH 8  808 17 HOH HOH A . 
B 2 HOH 9  809 12 HOH HOH A . 
B 2 HOH 10 810 1  HOH HOH A . 
B 2 HOH 11 811 21 HOH HOH A . 
B 2 HOH 12 812 6  HOH HOH A . 
B 2 HOH 13 813 42 HOH HOH A . 
B 2 HOH 14 814 22 HOH HOH A . 
B 2 HOH 15 815 10 HOH HOH A . 
B 2 HOH 16 816 36 HOH HOH A . 
B 2 HOH 17 817 26 HOH HOH A . 
B 2 HOH 18 818 3  HOH HOH A . 
B 2 HOH 19 819 41 HOH HOH A . 
B 2 HOH 20 820 4  HOH HOH A . 
B 2 HOH 21 821 24 HOH HOH A . 
B 2 HOH 22 822 7  HOH HOH A . 
B 2 HOH 23 823 31 HOH HOH A . 
B 2 HOH 24 824 27 HOH HOH A . 
B 2 HOH 25 825 28 HOH HOH A . 
B 2 HOH 26 826 39 HOH HOH A . 
B 2 HOH 27 827 9  HOH HOH A . 
B 2 HOH 28 828 18 HOH HOH A . 
B 2 HOH 29 829 32 HOH HOH A . 
B 2 HOH 30 830 25 HOH HOH A . 
B 2 HOH 31 831 19 HOH HOH A . 
B 2 HOH 32 832 14 HOH HOH A . 
B 2 HOH 33 833 23 HOH HOH A . 
B 2 HOH 34 834 8  HOH HOH A . 
B 2 HOH 35 835 34 HOH HOH A . 
B 2 HOH 36 836 30 HOH HOH A . 
B 2 HOH 37 837 16 HOH HOH A . 
B 2 HOH 38 838 2  HOH HOH A . 
B 2 HOH 39 839 38 HOH HOH A . 
# 
loop_
_pdbx_unobs_or_zero_occ_atoms.id 
_pdbx_unobs_or_zero_occ_atoms.PDB_model_num 
_pdbx_unobs_or_zero_occ_atoms.polymer_flag 
_pdbx_unobs_or_zero_occ_atoms.occupancy_flag 
_pdbx_unobs_or_zero_occ_atoms.auth_asym_id 
_pdbx_unobs_or_zero_occ_atoms.auth_comp_id 
_pdbx_unobs_or_zero_occ_atoms.auth_seq_id 
_pdbx_unobs_or_zero_occ_atoms.PDB_ins_code 
_pdbx_unobs_or_zero_occ_atoms.auth_atom_id 
_pdbx_unobs_or_zero_occ_atoms.label_alt_id 
_pdbx_unobs_or_zero_occ_atoms.label_asym_id 
_pdbx_unobs_or_zero_occ_atoms.label_comp_id 
_pdbx_unobs_or_zero_occ_atoms.label_seq_id 
_pdbx_unobs_or_zero_occ_atoms.label_atom_id 
1  1 Y 1 A ASN 634 ? CG  ? A ASN 11  CG  
2  1 Y 1 A ASN 634 ? OD1 ? A ASN 11  OD1 
3  1 Y 1 A ASN 634 ? ND2 ? A ASN 11  ND2 
4  1 Y 1 A LYS 661 ? CG  ? A LYS 38  CG  
5  1 Y 1 A LYS 661 ? CD  ? A LYS 38  CD  
6  1 Y 1 A LYS 661 ? CE  ? A LYS 38  CE  
7  1 Y 1 A LYS 661 ? NZ  ? A LYS 38  NZ  
8  1 Y 1 A GLU 670 ? CG  ? A GLU 47  CG  
9  1 Y 1 A GLU 670 ? CD  ? A GLU 47  CD  
10 1 Y 1 A GLU 670 ? OE1 ? A GLU 47  OE1 
11 1 Y 1 A GLU 670 ? OE2 ? A GLU 47  OE2 
12 1 Y 1 A ASN 717 ? CG  ? A ASN 94  CG  
13 1 Y 1 A ASN 717 ? OD1 ? A ASN 94  OD1 
14 1 Y 1 A ASN 717 ? ND2 ? A ASN 94  ND2 
15 1 Y 1 A LEU 718 ? CD1 ? A LEU 95  CD1 
16 1 Y 1 A LEU 718 ? CD2 ? A LEU 95  CD2 
17 1 Y 1 A GLU 721 ? CG  ? A GLU 98  CG  
18 1 Y 1 A GLU 721 ? CD  ? A GLU 98  CD  
19 1 Y 1 A GLU 721 ? OE1 ? A GLU 98  OE1 
20 1 Y 1 A GLU 721 ? OE2 ? A GLU 98  OE2 
21 1 Y 1 A ARG 752 ? NE  ? A ARG 129 NE  
22 1 Y 1 A ARG 752 ? CZ  ? A ARG 129 CZ  
23 1 Y 1 A ARG 752 ? NH1 ? A ARG 129 NH1 
24 1 Y 1 A ARG 752 ? NH2 ? A ARG 129 NH2 
25 1 Y 1 A ARG 753 ? CD  ? A ARG 130 CD  
26 1 Y 1 A ARG 753 ? NE  ? A ARG 130 NE  
27 1 Y 1 A ARG 753 ? CZ  ? A ARG 130 CZ  
28 1 Y 1 A ARG 753 ? NH1 ? A ARG 130 NH1 
29 1 Y 1 A ARG 753 ? NH2 ? A ARG 130 NH2 
30 1 Y 1 A LYS 760 ? CG  ? A LYS 137 CG  
31 1 Y 1 A LYS 760 ? CD  ? A LYS 137 CD  
32 1 Y 1 A LYS 760 ? CE  ? A LYS 137 CE  
33 1 Y 1 A LYS 760 ? NZ  ? A LYS 137 NZ  
34 1 Y 1 A LYS 762 ? CD  ? A LYS 139 CD  
35 1 Y 1 A LYS 762 ? CE  ? A LYS 139 CE  
36 1 Y 1 A LYS 762 ? NZ  ? A LYS 139 NZ  
37 1 Y 1 A GLU 782 ? CD  ? A GLU 159 CD  
38 1 Y 1 A GLU 782 ? OE1 ? A GLU 159 OE1 
39 1 Y 1 A GLU 782 ? OE2 ? A GLU 159 OE2 
# 
loop_
_software.citation_id 
_software.classification 
_software.compiler_name 
_software.compiler_version 
_software.contact_author 
_software.contact_author_email 
_software.date 
_software.description 
_software.dependencies 
_software.hardware 
_software.language 
_software.location 
_software.mods 
_software.name 
_software.os 
_software.os_version 
_software.type 
_software.version 
_software.pdbx_ordinal 
? refinement       ? ? ? ? ? ? ? ? ? ? ? PHENIX ? ? ? 1.17.1_3660 1 
? 'data reduction' ? ? ? ? ? ? ? ? ? ? ? XDS    ? ? ? .           2 
? 'data scaling'   ? ? ? ? ? ? ? ? ? ? ? XSCALE ? ? ? .           3 
? phasing          ? ? ? ? ? ? ? ? ? ? ? PHASER ? ? ? .           4 
# 
_cell.angle_alpha                  90.000 
_cell.angle_alpha_esd              ? 
_cell.angle_beta                   90.000 
_cell.angle_beta_esd               ? 
_cell.angle_gamma                  120.000 
_cell.angle_gamma_esd              ? 
_cell.entry_id                     7NUW 
_cell.details                      ? 
_cell.formula_units_Z              ? 
_cell.length_a                     101.516 
_cell.length_a_esd                 ? 
_cell.length_b                     101.516 
_cell.length_b_esd                 ? 
_cell.length_c                     68.860 
_cell.length_c_esd                 ? 
_cell.volume                       614563.332 
_cell.volume_esd                   ? 
_cell.Z_PDB                        12 
_cell.reciprocal_angle_alpha       ? 
_cell.reciprocal_angle_beta        ? 
_cell.reciprocal_angle_gamma       ? 
_cell.reciprocal_angle_alpha_esd   ? 
_cell.reciprocal_angle_beta_esd    ? 
_cell.reciprocal_angle_gamma_esd   ? 
_cell.reciprocal_length_a          ? 
_cell.reciprocal_length_b          ? 
_cell.reciprocal_length_c          ? 
_cell.reciprocal_length_a_esd      ? 
_cell.reciprocal_length_b_esd      ? 
_cell.reciprocal_length_c_esd      ? 
_cell.pdbx_unique_axis             ? 
# 
_symmetry.entry_id                         7NUW 
_symmetry.cell_setting                     ? 
_symmetry.Int_Tables_number                180 
_symmetry.space_group_name_Hall            'P 62 2 (x,y,z+1/3)' 
_symmetry.space_group_name_H-M             'P 62 2 2' 
_symmetry.pdbx_full_space_group_name_H-M   ? 
# 
_exptl.absorpt_coefficient_mu     ? 
_exptl.absorpt_correction_T_max   ? 
_exptl.absorpt_correction_T_min   ? 
_exptl.absorpt_correction_type    ? 
_exptl.absorpt_process_details    ? 
_exptl.entry_id                   7NUW 
_exptl.crystals_number            1 
_exptl.details                    ? 
_exptl.method                     'X-RAY DIFFRACTION' 
_exptl.method_details             ? 
# 
_exptl_crystal.colour                      ? 
_exptl_crystal.density_diffrn              ? 
_exptl_crystal.density_Matthews            2.68 
_exptl_crystal.density_method              ? 
_exptl_crystal.density_percent_sol         54.19 
_exptl_crystal.description                 ? 
_exptl_crystal.F_000                       ? 
_exptl_crystal.id                          1 
_exptl_crystal.preparation                 ? 
_exptl_crystal.size_max                    ? 
_exptl_crystal.size_mid                    ? 
_exptl_crystal.size_min                    ? 
_exptl_crystal.size_rad                    ? 
_exptl_crystal.colour_lustre               ? 
_exptl_crystal.colour_modifier             ? 
_exptl_crystal.colour_primary              ? 
_exptl_crystal.density_meas                ? 
_exptl_crystal.density_meas_esd            ? 
_exptl_crystal.density_meas_gt             ? 
_exptl_crystal.density_meas_lt             ? 
_exptl_crystal.density_meas_temp           ? 
_exptl_crystal.density_meas_temp_esd       ? 
_exptl_crystal.density_meas_temp_gt        ? 
_exptl_crystal.density_meas_temp_lt        ? 
_exptl_crystal.pdbx_crystal_image_url      ? 
_exptl_crystal.pdbx_crystal_image_format   ? 
_exptl_crystal.pdbx_mosaicity              ? 
_exptl_crystal.pdbx_mosaicity_esd          ? 
# 
_exptl_crystal_grow.apparatus       ? 
_exptl_crystal_grow.atmosphere      ? 
_exptl_crystal_grow.crystal_id      1 
_exptl_crystal_grow.details         ? 
_exptl_crystal_grow.method          'VAPOR DIFFUSION' 
_exptl_crystal_grow.method_ref      ? 
_exptl_crystal_grow.pH              5.6 
_exptl_crystal_grow.pressure        ? 
_exptl_crystal_grow.pressure_esd    ? 
_exptl_crystal_grow.seeding         ? 
_exptl_crystal_grow.seeding_ref     ? 
_exptl_crystal_grow.temp            277 
_exptl_crystal_grow.temp_details    ? 
_exptl_crystal_grow.temp_esd        ? 
_exptl_crystal_grow.time            ? 
_exptl_crystal_grow.pdbx_details    
;170 mM Ammonium acetate, 85 mM Sodium citrate tribasic dihydrate pH 5.6, 25.5% w/v Polyethylene glycol 4,000, 15% v/v glycerol (#9 from HR2-122 Hampton) + Zinc chloride(molar ratio zinc chloride:protein 1:1).
Growth at +4 for 3-4 months.
;
_exptl_crystal_grow.pdbx_pH_range   ? 
# 
_diffrn.ambient_environment              ? 
_diffrn.ambient_temp                     100 
_diffrn.ambient_temp_details             ? 
_diffrn.ambient_temp_esd                 ? 
_diffrn.crystal_id                       1 
_diffrn.crystal_support                  ? 
_diffrn.crystal_treatment                ? 
_diffrn.details                          ? 
_diffrn.id                               1 
_diffrn.ambient_pressure                 ? 
_diffrn.ambient_pressure_esd             ? 
_diffrn.ambient_pressure_gt              ? 
_diffrn.ambient_pressure_lt              ? 
_diffrn.ambient_temp_gt                  ? 
_diffrn.ambient_temp_lt                  ? 
_diffrn.pdbx_serial_crystal_experiment   N 
# 
_diffrn_detector.details                      ? 
_diffrn_detector.detector                     PIXEL 
_diffrn_detector.diffrn_id                    1 
_diffrn_detector.type                         'DECTRIS PILATUS 6M' 
_diffrn_detector.area_resol_mean              ? 
_diffrn_detector.dtime                        ? 
_diffrn_detector.pdbx_frames_total            ? 
_diffrn_detector.pdbx_collection_time_total   ? 
_diffrn_detector.pdbx_collection_date         2020-09-17 
_diffrn_detector.pdbx_frequency               ? 
# 
_diffrn_radiation.collimation                      ? 
_diffrn_radiation.diffrn_id                        1 
_diffrn_radiation.filter_edge                      ? 
_diffrn_radiation.inhomogeneity                    ? 
_diffrn_radiation.monochromator                    ? 
_diffrn_radiation.polarisn_norm                    ? 
_diffrn_radiation.polarisn_ratio                   ? 
_diffrn_radiation.probe                            ? 
_diffrn_radiation.type                             ? 
_diffrn_radiation.xray_symbol                      ? 
_diffrn_radiation.wavelength_id                    1 
_diffrn_radiation.pdbx_monochromatic_or_laue_m_l   M 
_diffrn_radiation.pdbx_wavelength_list             ? 
_diffrn_radiation.pdbx_wavelength                  ? 
_diffrn_radiation.pdbx_diffrn_protocol             'SINGLE WAVELENGTH' 
_diffrn_radiation.pdbx_analyzer                    ? 
_diffrn_radiation.pdbx_scattering_type             x-ray 
# 
_diffrn_radiation_wavelength.id           1 
_diffrn_radiation_wavelength.wavelength   0.972 
_diffrn_radiation_wavelength.wt           1.0 
# 
_diffrn_source.current                     ? 
_diffrn_source.details                     ? 
_diffrn_source.diffrn_id                   1 
_diffrn_source.power                       ? 
_diffrn_source.size                        ? 
_diffrn_source.source                      SYNCHROTRON 
_diffrn_source.target                      ? 
_diffrn_source.type                        'ESRF BEAMLINE ID23-1' 
_diffrn_source.voltage                     ? 
_diffrn_source.take-off_angle              ? 
_diffrn_source.pdbx_wavelength_list        0.972 
_diffrn_source.pdbx_wavelength             ? 
_diffrn_source.pdbx_synchrotron_beamline   ID23-1 
_diffrn_source.pdbx_synchrotron_site       ESRF 
# 
_reflns.B_iso_Wilson_estimate            46.03 
_reflns.entry_id                         7NUW 
_reflns.data_reduction_details           ? 
_reflns.data_reduction_method            ? 
_reflns.d_resolution_high                1.9 
_reflns.d_resolution_low                 43.96 
_reflns.details                          ? 
_reflns.limit_h_max                      ? 
_reflns.limit_h_min                      ? 
_reflns.limit_k_max                      ? 
_reflns.limit_k_min                      ? 
_reflns.limit_l_max                      ? 
_reflns.limit_l_min                      ? 
_reflns.number_all                       ? 
_reflns.number_obs                       17010 
_reflns.observed_criterion               ? 
_reflns.observed_criterion_F_max         ? 
_reflns.observed_criterion_F_min         ? 
_reflns.observed_criterion_I_max         ? 
_reflns.observed_criterion_I_min         ? 
_reflns.observed_criterion_sigma_F       ? 
_reflns.observed_criterion_sigma_I       ? 
_reflns.percent_possible_obs             99.73 
_reflns.R_free_details                   ? 
_reflns.Rmerge_F_all                     ? 
_reflns.Rmerge_F_obs                     ? 
_reflns.Friedel_coverage                 ? 
_reflns.number_gt                        ? 
_reflns.threshold_expression             ? 
_reflns.pdbx_redundancy                  38.2 
_reflns.pdbx_Rmerge_I_obs                ? 
_reflns.pdbx_Rmerge_I_all                ? 
_reflns.pdbx_Rsym_value                  ? 
_reflns.pdbx_netI_over_av_sigmaI         ? 
_reflns.pdbx_netI_over_sigmaI            22.88 
_reflns.pdbx_res_netI_over_av_sigmaI_2   ? 
_reflns.pdbx_res_netI_over_sigmaI_2      ? 
_reflns.pdbx_chi_squared                 ? 
_reflns.pdbx_scaling_rejects             ? 
_reflns.pdbx_d_res_high_opt              ? 
_reflns.pdbx_d_res_low_opt               ? 
_reflns.pdbx_d_res_opt_method            ? 
_reflns.phase_calculation_details        ? 
_reflns.pdbx_Rrim_I_all                  ? 
_reflns.pdbx_Rpim_I_all                  0.0169 
_reflns.pdbx_d_opt                       ? 
_reflns.pdbx_number_measured_all         ? 
_reflns.pdbx_diffrn_id                   1 
_reflns.pdbx_ordinal                     1 
_reflns.pdbx_CC_half                     1 
_reflns.pdbx_CC_star                     1 
_reflns.pdbx_R_split                     ? 
# 
_reflns_shell.d_res_high                  1.9 
_reflns_shell.d_res_low                   1.968 
_reflns_shell.meanI_over_sigI_all         ? 
_reflns_shell.meanI_over_sigI_obs         0.69 
_reflns_shell.number_measured_all         ? 
_reflns_shell.number_measured_obs         ? 
_reflns_shell.number_possible             ? 
_reflns_shell.number_unique_all           ? 
_reflns_shell.number_unique_obs           1664 
_reflns_shell.percent_possible_all        ? 
_reflns_shell.percent_possible_obs        ? 
_reflns_shell.Rmerge_F_all                ? 
_reflns_shell.Rmerge_F_obs                ? 
_reflns_shell.Rmerge_I_all                ? 
_reflns_shell.Rmerge_I_obs                ? 
_reflns_shell.meanI_over_sigI_gt          ? 
_reflns_shell.meanI_over_uI_all           ? 
_reflns_shell.meanI_over_uI_gt            ? 
_reflns_shell.number_measured_gt          ? 
_reflns_shell.number_unique_gt            ? 
_reflns_shell.percent_possible_gt         ? 
_reflns_shell.Rmerge_F_gt                 ? 
_reflns_shell.Rmerge_I_gt                 ? 
_reflns_shell.pdbx_redundancy             ? 
_reflns_shell.pdbx_Rsym_value             ? 
_reflns_shell.pdbx_chi_squared            ? 
_reflns_shell.pdbx_netI_over_sigmaI_all   ? 
_reflns_shell.pdbx_netI_over_sigmaI_obs   ? 
_reflns_shell.pdbx_Rrim_I_all             ? 
_reflns_shell.pdbx_Rpim_I_all             0.8749 
_reflns_shell.pdbx_rejects                ? 
_reflns_shell.pdbx_ordinal                1 
_reflns_shell.pdbx_diffrn_id              1 
_reflns_shell.pdbx_CC_half                0.718 
_reflns_shell.pdbx_CC_star                0.914 
_reflns_shell.pdbx_R_split                ? 
# 
_refine.aniso_B[1][1]                            ? 
_refine.aniso_B[1][2]                            ? 
_refine.aniso_B[1][3]                            ? 
_refine.aniso_B[2][2]                            ? 
_refine.aniso_B[2][3]                            ? 
_refine.aniso_B[3][3]                            ? 
_refine.B_iso_max                                ? 
_refine.B_iso_mean                               57.34 
_refine.B_iso_min                                ? 
_refine.correlation_coeff_Fo_to_Fc               ? 
_refine.correlation_coeff_Fo_to_Fc_free          ? 
_refine.details                                  ? 
_refine.diff_density_max                         ? 
_refine.diff_density_max_esd                     ? 
_refine.diff_density_min                         ? 
_refine.diff_density_min_esd                     ? 
_refine.diff_density_rms                         ? 
_refine.diff_density_rms_esd                     ? 
_refine.entry_id                                 7NUW 
_refine.pdbx_refine_id                           'X-RAY DIFFRACTION' 
_refine.ls_abs_structure_details                 ? 
_refine.ls_abs_structure_Flack                   ? 
_refine.ls_abs_structure_Flack_esd               ? 
_refine.ls_abs_structure_Rogers                  ? 
_refine.ls_abs_structure_Rogers_esd              ? 
_refine.ls_d_res_high                            1.90 
_refine.ls_d_res_low                             43.96 
_refine.ls_extinction_coef                       ? 
_refine.ls_extinction_coef_esd                   ? 
_refine.ls_extinction_expression                 ? 
_refine.ls_extinction_method                     ? 
_refine.ls_goodness_of_fit_all                   ? 
_refine.ls_goodness_of_fit_all_esd               ? 
_refine.ls_goodness_of_fit_obs                   ? 
_refine.ls_goodness_of_fit_obs_esd               ? 
_refine.ls_hydrogen_treatment                    ? 
_refine.ls_matrix_type                           ? 
_refine.ls_number_constraints                    ? 
_refine.ls_number_parameters                     ? 
_refine.ls_number_reflns_all                     ? 
_refine.ls_number_reflns_obs                     16969 
_refine.ls_number_reflns_R_free                  851 
_refine.ls_number_reflns_R_work                  16118 
_refine.ls_number_restraints                     ? 
_refine.ls_percent_reflns_obs                    99.75 
_refine.ls_percent_reflns_R_free                 5.02 
_refine.ls_R_factor_all                          ? 
_refine.ls_R_factor_obs                          0.2166 
_refine.ls_R_factor_R_free                       0.2453 
_refine.ls_R_factor_R_free_error                 ? 
_refine.ls_R_factor_R_free_error_details         ? 
_refine.ls_R_factor_R_work                       0.2151 
_refine.ls_R_Fsqd_factor_obs                     ? 
_refine.ls_R_I_factor_obs                        ? 
_refine.ls_redundancy_reflns_all                 ? 
_refine.ls_redundancy_reflns_obs                 ? 
_refine.ls_restrained_S_all                      ? 
_refine.ls_restrained_S_obs                      ? 
_refine.ls_shift_over_esd_max                    ? 
_refine.ls_shift_over_esd_mean                   ? 
_refine.ls_structure_factor_coef                 ? 
_refine.ls_weighting_details                     ? 
_refine.ls_weighting_scheme                      ? 
_refine.ls_wR_factor_all                         ? 
_refine.ls_wR_factor_obs                         ? 
_refine.ls_wR_factor_R_free                      ? 
_refine.ls_wR_factor_R_work                      ? 
_refine.occupancy_max                            ? 
_refine.occupancy_min                            ? 
_refine.solvent_model_details                    'FLAT BULK SOLVENT MODEL' 
_refine.solvent_model_param_bsol                 ? 
_refine.solvent_model_param_ksol                 ? 
_refine.pdbx_R_complete                          ? 
_refine.ls_R_factor_gt                           ? 
_refine.ls_goodness_of_fit_gt                    ? 
_refine.ls_goodness_of_fit_ref                   ? 
_refine.ls_shift_over_su_max                     ? 
_refine.ls_shift_over_su_max_lt                  ? 
_refine.ls_shift_over_su_mean                    ? 
_refine.ls_shift_over_su_mean_lt                 ? 
_refine.pdbx_ls_sigma_I                          ? 
_refine.pdbx_ls_sigma_F                          1.34 
_refine.pdbx_ls_sigma_Fsqd                       ? 
_refine.pdbx_data_cutoff_high_absF               ? 
_refine.pdbx_data_cutoff_high_rms_absF           ? 
_refine.pdbx_data_cutoff_low_absF                ? 
_refine.pdbx_isotropic_thermal_model             ? 
_refine.pdbx_ls_cross_valid_method               'FREE R-VALUE' 
_refine.pdbx_method_to_determine_struct          'MOLECULAR REPLACEMENT' 
_refine.pdbx_starting_model                      1FYV 
_refine.pdbx_stereochemistry_target_values       'GeoStd + Monomer Library + CDL v1.2' 
_refine.pdbx_R_Free_selection_details            ? 
_refine.pdbx_stereochem_target_val_spec_case     ? 
_refine.pdbx_overall_ESU_R                       ? 
_refine.pdbx_overall_ESU_R_Free                  ? 
_refine.pdbx_solvent_vdw_probe_radii             1.1100 
_refine.pdbx_solvent_ion_probe_radii             ? 
_refine.pdbx_solvent_shrinkage_radii             0.9000 
_refine.pdbx_real_space_R                        ? 
_refine.pdbx_density_correlation                 ? 
_refine.pdbx_pd_number_of_powder_patterns        ? 
_refine.pdbx_pd_number_of_points                 ? 
_refine.pdbx_pd_meas_number_of_points            ? 
_refine.pdbx_pd_proc_ls_prof_R_factor            ? 
_refine.pdbx_pd_proc_ls_prof_wR_factor           ? 
_refine.pdbx_pd_Marquardt_correlation_coeff      ? 
_refine.pdbx_pd_Fsqrd_R_factor                   ? 
_refine.pdbx_pd_ls_matrix_band_width             ? 
_refine.pdbx_overall_phase_error                 32.4796 
_refine.pdbx_overall_SU_R_free_Cruickshank_DPI   ? 
_refine.pdbx_overall_SU_R_free_Blow_DPI          ? 
_refine.pdbx_overall_SU_R_Blow_DPI               ? 
_refine.pdbx_TLS_residual_ADP_flag               ? 
_refine.pdbx_diffrn_id                           1 
_refine.overall_SU_B                             ? 
_refine.overall_SU_ML                            0.2877 
_refine.overall_SU_R_Cruickshank_DPI             ? 
_refine.overall_SU_R_free                        ? 
_refine.overall_FOM_free_R_set                   ? 
_refine.overall_FOM_work_R_set                   ? 
_refine.pdbx_average_fsc_overall                 ? 
_refine.pdbx_average_fsc_work                    ? 
_refine.pdbx_average_fsc_free                    ? 
# 
_refine_hist.pdbx_refine_id                   'X-RAY DIFFRACTION' 
_refine_hist.cycle_id                         LAST 
_refine_hist.details                          ? 
_refine_hist.d_res_high                       1.90 
_refine_hist.d_res_low                        43.96 
_refine_hist.number_atoms_solvent             39 
_refine_hist.number_atoms_total               1324 
_refine_hist.number_reflns_all                ? 
_refine_hist.number_reflns_obs                ? 
_refine_hist.number_reflns_R_free             ? 
_refine_hist.number_reflns_R_work             ? 
_refine_hist.R_factor_all                     ? 
_refine_hist.R_factor_obs                     ? 
_refine_hist.R_factor_R_free                  ? 
_refine_hist.R_factor_R_work                  ? 
_refine_hist.pdbx_number_residues_total       ? 
_refine_hist.pdbx_B_iso_mean_ligand           ? 
_refine_hist.pdbx_B_iso_mean_solvent          ? 
_refine_hist.pdbx_number_atoms_protein        1285 
_refine_hist.pdbx_number_atoms_nucleic_acid   0 
_refine_hist.pdbx_number_atoms_ligand         0 
_refine_hist.pdbx_number_atoms_lipid          ? 
_refine_hist.pdbx_number_atoms_carb           ? 
_refine_hist.pdbx_pseudo_atom_details         ? 
# 
loop_
_refine_ls_restr.pdbx_refine_id 
_refine_ls_restr.criterion 
_refine_ls_restr.dev_ideal 
_refine_ls_restr.dev_ideal_target 
_refine_ls_restr.number 
_refine_ls_restr.rejects 
_refine_ls_restr.type 
_refine_ls_restr.weight 
_refine_ls_restr.pdbx_restraint_function 
'X-RAY DIFFRACTION' ? 0.0025  ? 1332 ? f_bond_d           ? ? 
'X-RAY DIFFRACTION' ? 0.4980  ? 1812 ? f_angle_d          ? ? 
'X-RAY DIFFRACTION' ? 0.0438  ? 197  ? f_chiral_restr     ? ? 
'X-RAY DIFFRACTION' ? 0.0038  ? 227  ? f_plane_restr      ? ? 
'X-RAY DIFFRACTION' ? 16.1577 ? 479  ? f_dihedral_angle_d ? ? 
# 
_refine_ls_shell.pdbx_refine_id                   'X-RAY DIFFRACTION' 
_refine_ls_shell.d_res_high                       1.90 
_refine_ls_shell.d_res_low                        2.02 
_refine_ls_shell.number_reflns_all                ? 
_refine_ls_shell.number_reflns_obs                ? 
_refine_ls_shell.number_reflns_R_free             139 
_refine_ls_shell.number_reflns_R_work             2612 
_refine_ls_shell.percent_reflns_obs               99 
_refine_ls_shell.percent_reflns_R_free            ? 
_refine_ls_shell.R_factor_all                     ? 
_refine_ls_shell.R_factor_obs                     ? 
_refine_ls_shell.R_factor_R_free                  0.3971 
_refine_ls_shell.R_factor_R_free_error            ? 
_refine_ls_shell.R_factor_R_work                  0.3578 
_refine_ls_shell.redundancy_reflns_all            ? 
_refine_ls_shell.redundancy_reflns_obs            ? 
_refine_ls_shell.wR_factor_all                    ? 
_refine_ls_shell.wR_factor_obs                    ? 
_refine_ls_shell.wR_factor_R_free                 ? 
_refine_ls_shell.wR_factor_R_work                 ? 
_refine_ls_shell.pdbx_R_complete                  ? 
_refine_ls_shell.pdbx_total_number_of_bins_used   ? 
_refine_ls_shell.pdbx_phase_error                 ? 
_refine_ls_shell.pdbx_fsc_work                    ? 
_refine_ls_shell.pdbx_fsc_free                    ? 
# 
_struct.entry_id                     7NUW 
_struct.title                        'Crystal structure of the TIR domain of human TLR1 (crystallised with Zn2+ ions)' 
_struct.pdbx_model_details           ? 
_struct.pdbx_formula_weight          ? 
_struct.pdbx_formula_weight_method   ? 
_struct.pdbx_model_type_details      ? 
_struct.pdbx_CASP_flag               N 
# 
_struct_keywords.entry_id        7NUW 
_struct_keywords.text            'TOLL-LIKE RECEPTOR, TIR DOMAIN, SIGNALING PROTEIN' 
_struct_keywords.pdbx_keywords   'SIGNALING PROTEIN' 
# 
loop_
_struct_asym.id 
_struct_asym.pdbx_blank_PDB_chainid_flag 
_struct_asym.pdbx_modified 
_struct_asym.entity_id 
_struct_asym.details 
A N N 1 ? 
B N N 2 ? 
# 
_struct_ref.id                         1 
_struct_ref.db_name                    UNP 
_struct_ref.db_code                    TLR1_HUMAN 
_struct_ref.pdbx_db_accession          Q15399 
_struct_ref.pdbx_db_isoform            ? 
_struct_ref.entity_id                  1 
_struct_ref.pdbx_seq_one_letter_code   
;NIPLEELQRNLQFHAFISYSGHDSFWVKNELLPNLEKEGMQICLHERNFVPGKSIVENIITCIEKSYKSIFVLSPNFVQS
EWCHYELYFAHHNLFHEGSNSLILILLEPIPQYSIPSSYHKLKSLMARRTYLEWPKEKSKRGLFWANLRAAINIKLTEQA
K
;
_struct_ref.pdbx_align_begin           625 
# 
_struct_ref_seq.align_id                      1 
_struct_ref_seq.ref_id                        1 
_struct_ref_seq.pdbx_PDB_id_code              7NUW 
_struct_ref_seq.pdbx_strand_id                A 
_struct_ref_seq.seq_align_beg                 2 
_struct_ref_seq.pdbx_seq_align_beg_ins_code   ? 
_struct_ref_seq.seq_align_end                 162 
_struct_ref_seq.pdbx_seq_align_end_ins_code   ? 
_struct_ref_seq.pdbx_db_accession             Q15399 
_struct_ref_seq.db_align_beg                  625 
_struct_ref_seq.pdbx_db_align_beg_ins_code    ? 
_struct_ref_seq.db_align_end                  785 
_struct_ref_seq.pdbx_db_align_end_ins_code    ? 
_struct_ref_seq.pdbx_auth_seq_align_beg       625 
_struct_ref_seq.pdbx_auth_seq_align_end       785 
# 
_struct_ref_seq_dif.align_id                     1 
_struct_ref_seq_dif.pdbx_pdb_id_code             7NUW 
_struct_ref_seq_dif.mon_id                       SER 
_struct_ref_seq_dif.pdbx_pdb_strand_id           A 
_struct_ref_seq_dif.seq_num                      1 
_struct_ref_seq_dif.pdbx_pdb_ins_code            ? 
_struct_ref_seq_dif.pdbx_seq_db_name             UNP 
_struct_ref_seq_dif.pdbx_seq_db_accession_code   Q15399 
_struct_ref_seq_dif.db_mon_id                    ? 
_struct_ref_seq_dif.pdbx_seq_db_seq_num          ? 
_struct_ref_seq_dif.details                      'expression tag' 
_struct_ref_seq_dif.pdbx_auth_seq_num            624 
_struct_ref_seq_dif.pdbx_ordinal                 1 
# 
_pdbx_struct_assembly.id                   1 
_pdbx_struct_assembly.details              author_and_software_defined_assembly 
_pdbx_struct_assembly.method_details       PISA 
_pdbx_struct_assembly.oligomeric_details   monomeric 
_pdbx_struct_assembly.oligomeric_count     1 
# 
loop_
_pdbx_struct_assembly_prop.biol_id 
_pdbx_struct_assembly_prop.type 
_pdbx_struct_assembly_prop.value 
_pdbx_struct_assembly_prop.details 
1 'ABSA (A^2)' 0    ? 
1 MORE         0    ? 
1 'SSA (A^2)'  8650 ? 
# 
_pdbx_struct_assembly_gen.assembly_id       1 
_pdbx_struct_assembly_gen.oper_expression   1 
_pdbx_struct_assembly_gen.asym_id_list      A,B 
# 
_pdbx_struct_assembly_auth_evidence.id                     1 
_pdbx_struct_assembly_auth_evidence.assembly_id            1 
_pdbx_struct_assembly_auth_evidence.experimental_support   none 
_pdbx_struct_assembly_auth_evidence.details                ? 
# 
_pdbx_struct_oper_list.id                   1 
_pdbx_struct_oper_list.type                 'identity operation' 
_pdbx_struct_oper_list.name                 1_555 
_pdbx_struct_oper_list.symmetry_operation   x,y,z 
_pdbx_struct_oper_list.matrix[1][1]         1.0000000000 
_pdbx_struct_oper_list.matrix[1][2]         0.0000000000 
_pdbx_struct_oper_list.matrix[1][3]         0.0000000000 
_pdbx_struct_oper_list.vector[1]            0.0000000000 
_pdbx_struct_oper_list.matrix[2][1]         0.0000000000 
_pdbx_struct_oper_list.matrix[2][2]         1.0000000000 
_pdbx_struct_oper_list.matrix[2][3]         0.0000000000 
_pdbx_struct_oper_list.vector[2]            0.0000000000 
_pdbx_struct_oper_list.matrix[3][1]         0.0000000000 
_pdbx_struct_oper_list.matrix[3][2]         0.0000000000 
_pdbx_struct_oper_list.matrix[3][3]         1.0000000000 
_pdbx_struct_oper_list.vector[3]            0.0000000000 
# 
loop_
_struct_conf.conf_type_id 
_struct_conf.id 
_struct_conf.pdbx_PDB_helix_id 
_struct_conf.beg_label_comp_id 
_struct_conf.beg_label_asym_id 
_struct_conf.beg_label_seq_id 
_struct_conf.pdbx_beg_PDB_ins_code 
_struct_conf.end_label_comp_id 
_struct_conf.end_label_asym_id 
_struct_conf.end_label_seq_id 
_struct_conf.pdbx_end_PDB_ins_code 
_struct_conf.beg_auth_comp_id 
_struct_conf.beg_auth_asym_id 
_struct_conf.beg_auth_seq_id 
_struct_conf.end_auth_comp_id 
_struct_conf.end_auth_asym_id 
_struct_conf.end_auth_seq_id 
_struct_conf.pdbx_PDB_helix_class 
_struct_conf.details 
_struct_conf.pdbx_PDB_helix_length 
HELX_P HELX_P1  AA1 PRO A 4   ? LEU A 8   ? PRO A 627 LEU A 631 5 ? 5  
HELX_P HELX_P2  AA2 SER A 21  ? HIS A 23  ? SER A 644 HIS A 646 5 ? 3  
HELX_P HELX_P3  AA3 ASP A 24  ? GLU A 31  ? ASP A 647 GLU A 654 1 ? 8  
HELX_P HELX_P4  AA4 GLU A 31  ? LYS A 38  ? GLU A 654 LYS A 661 1 ? 8  
HELX_P HELX_P5  AA5 SER A 55  ? LYS A 66  ? SER A 678 LYS A 689 1 ? 12 
HELX_P HELX_P6  AA6 SER A 75  ? GLU A 82  ? SER A 698 GLU A 705 1 ? 8  
HELX_P HELX_P7  AA7 GLU A 82  ? ALA A 91  ? GLU A 705 ALA A 714 1 ? 10 
HELX_P HELX_P8  AA8 PRO A 112 ? ILE A 116 ? PRO A 735 ILE A 739 5 ? 5  
HELX_P HELX_P9  AA9 TYR A 120 ? ARG A 129 ? TYR A 743 ARG A 752 1 ? 10 
HELX_P HELX_P10 AB1 GLU A 138 ? SER A 140 ? GLU A 761 SER A 763 5 ? 3  
HELX_P HELX_P11 AB2 LYS A 141 ? ILE A 155 ? LYS A 764 ILE A 778 1 ? 15 
# 
_struct_conf_type.id          HELX_P 
_struct_conf_type.criteria    ? 
_struct_conf_type.reference   ? 
# 
loop_
_struct_conn.id 
_struct_conn.conn_type_id 
_struct_conn.pdbx_leaving_atom_flag 
_struct_conn.pdbx_PDB_id 
_struct_conn.ptnr1_label_asym_id 
_struct_conn.ptnr1_label_comp_id 
_struct_conn.ptnr1_label_seq_id 
_struct_conn.ptnr1_label_atom_id 
_struct_conn.pdbx_ptnr1_label_alt_id 
_struct_conn.pdbx_ptnr1_PDB_ins_code 
_struct_conn.pdbx_ptnr1_standard_comp_id 
_struct_conn.ptnr1_symmetry 
_struct_conn.ptnr2_label_asym_id 
_struct_conn.ptnr2_label_comp_id 
_struct_conn.ptnr2_label_seq_id 
_struct_conn.ptnr2_label_atom_id 
_struct_conn.pdbx_ptnr2_label_alt_id 
_struct_conn.pdbx_ptnr2_PDB_ins_code 
_struct_conn.ptnr1_auth_asym_id 
_struct_conn.ptnr1_auth_comp_id 
_struct_conn.ptnr1_auth_seq_id 
_struct_conn.ptnr2_auth_asym_id 
_struct_conn.ptnr2_auth_comp_id 
_struct_conn.ptnr2_auth_seq_id 
_struct_conn.ptnr2_symmetry 
_struct_conn.pdbx_ptnr3_label_atom_id 
_struct_conn.pdbx_ptnr3_label_seq_id 
_struct_conn.pdbx_ptnr3_label_comp_id 
_struct_conn.pdbx_ptnr3_label_asym_id 
_struct_conn.pdbx_ptnr3_label_alt_id 
_struct_conn.pdbx_ptnr3_PDB_ins_code 
_struct_conn.details 
_struct_conn.pdbx_dist_value 
_struct_conn.pdbx_value_order 
_struct_conn.pdbx_role 
disulf1 disulf ? ? A CYS 44 SG ? ? ? 1_555 A CYS 63 SG ? ? A CYS 667 A CYS 686 1_555 ? ? ? ? ? ? ? 2.036 ? ? 
disulf2 disulf ? ? A CYS 84 SG ? ? ? 1_555 A CYS 84 SG ? ? A CYS 707 A CYS 707 8_675 ? ? ? ? ? ? ? 2.040 ? ? 
# 
_struct_conn_type.id          disulf 
_struct_conn_type.criteria    ? 
_struct_conn_type.reference   ? 
# 
loop_
_pdbx_modification_feature.ordinal 
_pdbx_modification_feature.label_comp_id 
_pdbx_modification_feature.label_asym_id 
_pdbx_modification_feature.label_seq_id 
_pdbx_modification_feature.label_alt_id 
_pdbx_modification_feature.modified_residue_label_comp_id 
_pdbx_modification_feature.modified_residue_label_asym_id 
_pdbx_modification_feature.modified_residue_label_seq_id 
_pdbx_modification_feature.modified_residue_label_alt_id 
_pdbx_modification_feature.auth_comp_id 
_pdbx_modification_feature.auth_asym_id 
_pdbx_modification_feature.auth_seq_id 
_pdbx_modification_feature.PDB_ins_code 
_pdbx_modification_feature.symmetry 
_pdbx_modification_feature.modified_residue_auth_comp_id 
_pdbx_modification_feature.modified_residue_auth_asym_id 
_pdbx_modification_feature.modified_residue_auth_seq_id 
_pdbx_modification_feature.modified_residue_PDB_ins_code 
_pdbx_modification_feature.modified_residue_symmetry 
_pdbx_modification_feature.comp_id_linking_atom 
_pdbx_modification_feature.modified_residue_id_linking_atom 
_pdbx_modification_feature.modified_residue_id 
_pdbx_modification_feature.ref_pcm_id 
_pdbx_modification_feature.ref_comp_id 
_pdbx_modification_feature.type 
_pdbx_modification_feature.category 
1 CYS A 44 ? CYS A 63 ? CYS A 667 ? 1_555 CYS A 686 ? 1_555 SG SG . . . None 'Disulfide bridge' 
2 CYS A 84 ? CYS A 84 ? CYS A 707 ? 1_555 CYS A 707 ? 8_675 SG SG . . . None 'Disulfide bridge' 
# 
_struct_sheet.id               AA1 
_struct_sheet.type             ? 
_struct_sheet.number_strands   5 
_struct_sheet.details          ? 
# 
loop_
_struct_sheet_order.sheet_id 
_struct_sheet_order.range_id_1 
_struct_sheet_order.range_id_2 
_struct_sheet_order.offset 
_struct_sheet_order.sense 
AA1 1 2 ? parallel 
AA1 2 3 ? parallel 
AA1 3 4 ? parallel 
AA1 4 5 ? parallel 
# 
loop_
_struct_sheet_range.sheet_id 
_struct_sheet_range.id 
_struct_sheet_range.beg_label_comp_id 
_struct_sheet_range.beg_label_asym_id 
_struct_sheet_range.beg_label_seq_id 
_struct_sheet_range.pdbx_beg_PDB_ins_code 
_struct_sheet_range.end_label_comp_id 
_struct_sheet_range.end_label_asym_id 
_struct_sheet_range.end_label_seq_id 
_struct_sheet_range.pdbx_end_PDB_ins_code 
_struct_sheet_range.beg_auth_comp_id 
_struct_sheet_range.beg_auth_asym_id 
_struct_sheet_range.beg_auth_seq_id 
_struct_sheet_range.end_auth_comp_id 
_struct_sheet_range.end_auth_asym_id 
_struct_sheet_range.end_auth_seq_id 
AA1 1 ILE A 43  ? LEU A 45  ? ILE A 666 LEU A 668 
AA1 2 PHE A 14  ? SER A 19  ? PHE A 637 SER A 642 
AA1 3 SER A 67  ? LEU A 74  ? SER A 690 LEU A 697 
AA1 4 LEU A 103 ? LEU A 107 ? LEU A 726 LEU A 730 
AA1 5 LEU A 133 ? GLU A 134 ? LEU A 756 GLU A 757 
# 
loop_
_pdbx_struct_sheet_hbond.sheet_id 
_pdbx_struct_sheet_hbond.range_id_1 
_pdbx_struct_sheet_hbond.range_id_2 
_pdbx_struct_sheet_hbond.range_1_label_atom_id 
_pdbx_struct_sheet_hbond.range_1_label_comp_id 
_pdbx_struct_sheet_hbond.range_1_label_asym_id 
_pdbx_struct_sheet_hbond.range_1_label_seq_id 
_pdbx_struct_sheet_hbond.range_1_PDB_ins_code 
_pdbx_struct_sheet_hbond.range_1_auth_atom_id 
_pdbx_struct_sheet_hbond.range_1_auth_comp_id 
_pdbx_struct_sheet_hbond.range_1_auth_asym_id 
_pdbx_struct_sheet_hbond.range_1_auth_seq_id 
_pdbx_struct_sheet_hbond.range_2_label_atom_id 
_pdbx_struct_sheet_hbond.range_2_label_comp_id 
_pdbx_struct_sheet_hbond.range_2_label_asym_id 
_pdbx_struct_sheet_hbond.range_2_label_seq_id 
_pdbx_struct_sheet_hbond.range_2_PDB_ins_code 
_pdbx_struct_sheet_hbond.range_2_auth_atom_id 
_pdbx_struct_sheet_hbond.range_2_auth_comp_id 
_pdbx_struct_sheet_hbond.range_2_auth_asym_id 
_pdbx_struct_sheet_hbond.range_2_auth_seq_id 
AA1 1 2 O CYS A 44  ? O CYS A 667 N ALA A 16  ? N ALA A 639 
AA1 2 3 N PHE A 17  ? N PHE A 640 O ILE A 71  ? O ILE A 694 
AA1 3 4 N SER A 70  ? N SER A 693 O ILE A 104 ? O ILE A 727 
AA1 4 5 N LEU A 105 ? N LEU A 728 O LEU A 133 ? O LEU A 756 
# 
_pdbx_entry_details.entry_id                   7NUW 
_pdbx_entry_details.compound_details           ? 
_pdbx_entry_details.source_details             ? 
_pdbx_entry_details.nonpolymer_details         ? 
_pdbx_entry_details.sequence_details           ? 
_pdbx_entry_details.has_ligand_of_interest     ? 
_pdbx_entry_details.has_protein_modification   Y 
# 
_pdbx_validate_torsion.id              1 
_pdbx_validate_torsion.PDB_model_num   1 
_pdbx_validate_torsion.auth_comp_id    GLU 
_pdbx_validate_torsion.auth_asym_id    A 
_pdbx_validate_torsion.auth_seq_id     670 
_pdbx_validate_torsion.PDB_ins_code    ? 
_pdbx_validate_torsion.label_alt_id    ? 
_pdbx_validate_torsion.phi             78.06 
_pdbx_validate_torsion.psi             -12.03 
# 
loop_
_space_group_symop.id 
_space_group_symop.operation_xyz 
1  x,y,z          
2  x-y,x,z+1/3    
3  y,-x+y,z+2/3   
4  -y,x-y,z+2/3   
5  -x+y,-x,z+1/3  
6  x-y,-y,-z      
7  -x,-x+y,-z+1/3 
8  -x,-y,z        
9  y,x,-z+2/3     
10 -y,-x,-z+2/3   
11 -x+y,y,-z      
12 x,x-y,-z+1/3   
# 
loop_
_pdbx_unobs_or_zero_occ_residues.id 
_pdbx_unobs_or_zero_occ_residues.PDB_model_num 
_pdbx_unobs_or_zero_occ_residues.polymer_flag 
_pdbx_unobs_or_zero_occ_residues.occupancy_flag 
_pdbx_unobs_or_zero_occ_residues.auth_asym_id 
_pdbx_unobs_or_zero_occ_residues.auth_comp_id 
_pdbx_unobs_or_zero_occ_residues.auth_seq_id 
_pdbx_unobs_or_zero_occ_residues.PDB_ins_code 
_pdbx_unobs_or_zero_occ_residues.label_asym_id 
_pdbx_unobs_or_zero_occ_residues.label_comp_id 
_pdbx_unobs_or_zero_occ_residues.label_seq_id 
1 1 Y 1 A GLN 783 ? A GLN 160 
2 1 Y 1 A ALA 784 ? A ALA 161 
3 1 Y 1 A LYS 785 ? A LYS 162 
# 
loop_
_chem_comp_atom.comp_id 
_chem_comp_atom.atom_id 
_chem_comp_atom.type_symbol 
_chem_comp_atom.pdbx_aromatic_flag 
_chem_comp_atom.pdbx_stereo_config 
_chem_comp_atom.pdbx_ordinal 
ALA N    N N N 1   
ALA CA   C N S 2   
ALA C    C N N 3   
ALA O    O N N 4   
ALA CB   C N N 5   
ALA OXT  O N N 6   
ALA H    H N N 7   
ALA H2   H N N 8   
ALA HA   H N N 9   
ALA HB1  H N N 10  
ALA HB2  H N N 11  
ALA HB3  H N N 12  
ALA HXT  H N N 13  
ARG N    N N N 14  
ARG CA   C N S 15  
ARG C    C N N 16  
ARG O    O N N 17  
ARG CB   C N N 18  
ARG CG   C N N 19  
ARG CD   C N N 20  
ARG NE   N N N 21  
ARG CZ   C N N 22  
ARG NH1  N N N 23  
ARG NH2  N N N 24  
ARG OXT  O N N 25  
ARG H    H N N 26  
ARG H2   H N N 27  
ARG HA   H N N 28  
ARG HB2  H N N 29  
ARG HB3  H N N 30  
ARG HG2  H N N 31  
ARG HG3  H N N 32  
ARG HD2  H N N 33  
ARG HD3  H N N 34  
ARG HE   H N N 35  
ARG HH11 H N N 36  
ARG HH12 H N N 37  
ARG HH21 H N N 38  
ARG HH22 H N N 39  
ARG HXT  H N N 40  
ASN N    N N N 41  
ASN CA   C N S 42  
ASN C    C N N 43  
ASN O    O N N 44  
ASN CB   C N N 45  
ASN CG   C N N 46  
ASN OD1  O N N 47  
ASN ND2  N N N 48  
ASN OXT  O N N 49  
ASN H    H N N 50  
ASN H2   H N N 51  
ASN HA   H N N 52  
ASN HB2  H N N 53  
ASN HB3  H N N 54  
ASN HD21 H N N 55  
ASN HD22 H N N 56  
ASN HXT  H N N 57  
ASP N    N N N 58  
ASP CA   C N S 59  
ASP C    C N N 60  
ASP O    O N N 61  
ASP CB   C N N 62  
ASP CG   C N N 63  
ASP OD1  O N N 64  
ASP OD2  O N N 65  
ASP OXT  O N N 66  
ASP H    H N N 67  
ASP H2   H N N 68  
ASP HA   H N N 69  
ASP HB2  H N N 70  
ASP HB3  H N N 71  
ASP HD2  H N N 72  
ASP HXT  H N N 73  
CYS N    N N N 74  
CYS CA   C N R 75  
CYS C    C N N 76  
CYS O    O N N 77  
CYS CB   C N N 78  
CYS SG   S N N 79  
CYS OXT  O N N 80  
CYS H    H N N 81  
CYS H2   H N N 82  
CYS HA   H N N 83  
CYS HB2  H N N 84  
CYS HB3  H N N 85  
CYS HG   H N N 86  
CYS HXT  H N N 87  
GLN N    N N N 88  
GLN CA   C N S 89  
GLN C    C N N 90  
GLN O    O N N 91  
GLN CB   C N N 92  
GLN CG   C N N 93  
GLN CD   C N N 94  
GLN OE1  O N N 95  
GLN NE2  N N N 96  
GLN OXT  O N N 97  
GLN H    H N N 98  
GLN H2   H N N 99  
GLN HA   H N N 100 
GLN HB2  H N N 101 
GLN HB3  H N N 102 
GLN HG2  H N N 103 
GLN HG3  H N N 104 
GLN HE21 H N N 105 
GLN HE22 H N N 106 
GLN HXT  H N N 107 
GLU N    N N N 108 
GLU CA   C N S 109 
GLU C    C N N 110 
GLU O    O N N 111 
GLU CB   C N N 112 
GLU CG   C N N 113 
GLU CD   C N N 114 
GLU OE1  O N N 115 
GLU OE2  O N N 116 
GLU OXT  O N N 117 
GLU H    H N N 118 
GLU H2   H N N 119 
GLU HA   H N N 120 
GLU HB2  H N N 121 
GLU HB3  H N N 122 
GLU HG2  H N N 123 
GLU HG3  H N N 124 
GLU HE2  H N N 125 
GLU HXT  H N N 126 
GLY N    N N N 127 
GLY CA   C N N 128 
GLY C    C N N 129 
GLY O    O N N 130 
GLY OXT  O N N 131 
GLY H    H N N 132 
GLY H2   H N N 133 
GLY HA2  H N N 134 
GLY HA3  H N N 135 
GLY HXT  H N N 136 
HIS N    N N N 137 
HIS CA   C N S 138 
HIS C    C N N 139 
HIS O    O N N 140 
HIS CB   C N N 141 
HIS CG   C Y N 142 
HIS ND1  N Y N 143 
HIS CD2  C Y N 144 
HIS CE1  C Y N 145 
HIS NE2  N Y N 146 
HIS OXT  O N N 147 
HIS H    H N N 148 
HIS H2   H N N 149 
HIS HA   H N N 150 
HIS HB2  H N N 151 
HIS HB3  H N N 152 
HIS HD1  H N N 153 
HIS HD2  H N N 154 
HIS HE1  H N N 155 
HIS HE2  H N N 156 
HIS HXT  H N N 157 
HOH O    O N N 158 
HOH H1   H N N 159 
HOH H2   H N N 160 
ILE N    N N N 161 
ILE CA   C N S 162 
ILE C    C N N 163 
ILE O    O N N 164 
ILE CB   C N S 165 
ILE CG1  C N N 166 
ILE CG2  C N N 167 
ILE CD1  C N N 168 
ILE OXT  O N N 169 
ILE H    H N N 170 
ILE H2   H N N 171 
ILE HA   H N N 172 
ILE HB   H N N 173 
ILE HG12 H N N 174 
ILE HG13 H N N 175 
ILE HG21 H N N 176 
ILE HG22 H N N 177 
ILE HG23 H N N 178 
ILE HD11 H N N 179 
ILE HD12 H N N 180 
ILE HD13 H N N 181 
ILE HXT  H N N 182 
LEU N    N N N 183 
LEU CA   C N S 184 
LEU C    C N N 185 
LEU O    O N N 186 
LEU CB   C N N 187 
LEU CG   C N N 188 
LEU CD1  C N N 189 
LEU CD2  C N N 190 
LEU OXT  O N N 191 
LEU H    H N N 192 
LEU H2   H N N 193 
LEU HA   H N N 194 
LEU HB2  H N N 195 
LEU HB3  H N N 196 
LEU HG   H N N 197 
LEU HD11 H N N 198 
LEU HD12 H N N 199 
LEU HD13 H N N 200 
LEU HD21 H N N 201 
LEU HD22 H N N 202 
LEU HD23 H N N 203 
LEU HXT  H N N 204 
LYS N    N N N 205 
LYS CA   C N S 206 
LYS C    C N N 207 
LYS O    O N N 208 
LYS CB   C N N 209 
LYS CG   C N N 210 
LYS CD   C N N 211 
LYS CE   C N N 212 
LYS NZ   N N N 213 
LYS OXT  O N N 214 
LYS H    H N N 215 
LYS H2   H N N 216 
LYS HA   H N N 217 
LYS HB2  H N N 218 
LYS HB3  H N N 219 
LYS HG2  H N N 220 
LYS HG3  H N N 221 
LYS HD2  H N N 222 
LYS HD3  H N N 223 
LYS HE2  H N N 224 
LYS HE3  H N N 225 
LYS HZ1  H N N 226 
LYS HZ2  H N N 227 
LYS HZ3  H N N 228 
LYS HXT  H N N 229 
MET N    N N N 230 
MET CA   C N S 231 
MET C    C N N 232 
MET O    O N N 233 
MET CB   C N N 234 
MET CG   C N N 235 
MET SD   S N N 236 
MET CE   C N N 237 
MET OXT  O N N 238 
MET H    H N N 239 
MET H2   H N N 240 
MET HA   H N N 241 
MET HB2  H N N 242 
MET HB3  H N N 243 
MET HG2  H N N 244 
MET HG3  H N N 245 
MET HE1  H N N 246 
MET HE2  H N N 247 
MET HE3  H N N 248 
MET HXT  H N N 249 
PHE N    N N N 250 
PHE CA   C N S 251 
PHE C    C N N 252 
PHE O    O N N 253 
PHE CB   C N N 254 
PHE CG   C Y N 255 
PHE CD1  C Y N 256 
PHE CD2  C Y N 257 
PHE CE1  C Y N 258 
PHE CE2  C Y N 259 
PHE CZ   C Y N 260 
PHE OXT  O N N 261 
PHE H    H N N 262 
PHE H2   H N N 263 
PHE HA   H N N 264 
PHE HB2  H N N 265 
PHE HB3  H N N 266 
PHE HD1  H N N 267 
PHE HD2  H N N 268 
PHE HE1  H N N 269 
PHE HE2  H N N 270 
PHE HZ   H N N 271 
PHE HXT  H N N 272 
PRO N    N N N 273 
PRO CA   C N S 274 
PRO C    C N N 275 
PRO O    O N N 276 
PRO CB   C N N 277 
PRO CG   C N N 278 
PRO CD   C N N 279 
PRO OXT  O N N 280 
PRO H    H N N 281 
PRO HA   H N N 282 
PRO HB2  H N N 283 
PRO HB3  H N N 284 
PRO HG2  H N N 285 
PRO HG3  H N N 286 
PRO HD2  H N N 287 
PRO HD3  H N N 288 
PRO HXT  H N N 289 
SER N    N N N 290 
SER CA   C N S 291 
SER C    C N N 292 
SER O    O N N 293 
SER CB   C N N 294 
SER OG   O N N 295 
SER OXT  O N N 296 
SER H    H N N 297 
SER H2   H N N 298 
SER HA   H N N 299 
SER HB2  H N N 300 
SER HB3  H N N 301 
SER HG   H N N 302 
SER HXT  H N N 303 
THR N    N N N 304 
THR CA   C N S 305 
THR C    C N N 306 
THR O    O N N 307 
THR CB   C N R 308 
THR OG1  O N N 309 
THR CG2  C N N 310 
THR OXT  O N N 311 
THR H    H N N 312 
THR H2   H N N 313 
THR HA   H N N 314 
THR HB   H N N 315 
THR HG1  H N N 316 
THR HG21 H N N 317 
THR HG22 H N N 318 
THR HG23 H N N 319 
THR HXT  H N N 320 
TRP N    N N N 321 
TRP CA   C N S 322 
TRP C    C N N 323 
TRP O    O N N 324 
TRP CB   C N N 325 
TRP CG   C Y N 326 
TRP CD1  C Y N 327 
TRP CD2  C Y N 328 
TRP NE1  N Y N 329 
TRP CE2  C Y N 330 
TRP CE3  C Y N 331 
TRP CZ2  C Y N 332 
TRP CZ3  C Y N 333 
TRP CH2  C Y N 334 
TRP OXT  O N N 335 
TRP H    H N N 336 
TRP H2   H N N 337 
TRP HA   H N N 338 
TRP HB2  H N N 339 
TRP HB3  H N N 340 
TRP HD1  H N N 341 
TRP HE1  H N N 342 
TRP HE3  H N N 343 
TRP HZ2  H N N 344 
TRP HZ3  H N N 345 
TRP HH2  H N N 346 
TRP HXT  H N N 347 
TYR N    N N N 348 
TYR CA   C N S 349 
TYR C    C N N 350 
TYR O    O N N 351 
TYR CB   C N N 352 
TYR CG   C Y N 353 
TYR CD1  C Y N 354 
TYR CD2  C Y N 355 
TYR CE1  C Y N 356 
TYR CE2  C Y N 357 
TYR CZ   C Y N 358 
TYR OH   O N N 359 
TYR OXT  O N N 360 
TYR H    H N N 361 
TYR H2   H N N 362 
TYR HA   H N N 363 
TYR HB2  H N N 364 
TYR HB3  H N N 365 
TYR HD1  H N N 366 
TYR HD2  H N N 367 
TYR HE1  H N N 368 
TYR HE2  H N N 369 
TYR HH   H N N 370 
TYR HXT  H N N 371 
VAL N    N N N 372 
VAL CA   C N S 373 
VAL C    C N N 374 
VAL O    O N N 375 
VAL CB   C N N 376 
VAL CG1  C N N 377 
VAL CG2  C N N 378 
VAL OXT  O N N 379 
VAL H    H N N 380 
VAL H2   H N N 381 
VAL HA   H N N 382 
VAL HB   H N N 383 
VAL HG11 H N N 384 
VAL HG12 H N N 385 
VAL HG13 H N N 386 
VAL HG21 H N N 387 
VAL HG22 H N N 388 
VAL HG23 H N N 389 
VAL HXT  H N N 390 
# 
loop_
_chem_comp_bond.comp_id 
_chem_comp_bond.atom_id_1 
_chem_comp_bond.atom_id_2 
_chem_comp_bond.value_order 
_chem_comp_bond.pdbx_aromatic_flag 
_chem_comp_bond.pdbx_stereo_config 
_chem_comp_bond.pdbx_ordinal 
ALA N   CA   sing N N 1   
ALA N   H    sing N N 2   
ALA N   H2   sing N N 3   
ALA CA  C    sing N N 4   
ALA CA  CB   sing N N 5   
ALA CA  HA   sing N N 6   
ALA C   O    doub N N 7   
ALA C   OXT  sing N N 8   
ALA CB  HB1  sing N N 9   
ALA CB  HB2  sing N N 10  
ALA CB  HB3  sing N N 11  
ALA OXT HXT  sing N N 12  
ARG N   CA   sing N N 13  
ARG N   H    sing N N 14  
ARG N   H2   sing N N 15  
ARG CA  C    sing N N 16  
ARG CA  CB   sing N N 17  
ARG CA  HA   sing N N 18  
ARG C   O    doub N N 19  
ARG C   OXT  sing N N 20  
ARG CB  CG   sing N N 21  
ARG CB  HB2  sing N N 22  
ARG CB  HB3  sing N N 23  
ARG CG  CD   sing N N 24  
ARG CG  HG2  sing N N 25  
ARG CG  HG3  sing N N 26  
ARG CD  NE   sing N N 27  
ARG CD  HD2  sing N N 28  
ARG CD  HD3  sing N N 29  
ARG NE  CZ   sing N N 30  
ARG NE  HE   sing N N 31  
ARG CZ  NH1  sing N N 32  
ARG CZ  NH2  doub N N 33  
ARG NH1 HH11 sing N N 34  
ARG NH1 HH12 sing N N 35  
ARG NH2 HH21 sing N N 36  
ARG NH2 HH22 sing N N 37  
ARG OXT HXT  sing N N 38  
ASN N   CA   sing N N 39  
ASN N   H    sing N N 40  
ASN N   H2   sing N N 41  
ASN CA  C    sing N N 42  
ASN CA  CB   sing N N 43  
ASN CA  HA   sing N N 44  
ASN C   O    doub N N 45  
ASN C   OXT  sing N N 46  
ASN CB  CG   sing N N 47  
ASN CB  HB2  sing N N 48  
ASN CB  HB3  sing N N 49  
ASN CG  OD1  doub N N 50  
ASN CG  ND2  sing N N 51  
ASN ND2 HD21 sing N N 52  
ASN ND2 HD22 sing N N 53  
ASN OXT HXT  sing N N 54  
ASP N   CA   sing N N 55  
ASP N   H    sing N N 56  
ASP N   H2   sing N N 57  
ASP CA  C    sing N N 58  
ASP CA  CB   sing N N 59  
ASP CA  HA   sing N N 60  
ASP C   O    doub N N 61  
ASP C   OXT  sing N N 62  
ASP CB  CG   sing N N 63  
ASP CB  HB2  sing N N 64  
ASP CB  HB3  sing N N 65  
ASP CG  OD1  doub N N 66  
ASP CG  OD2  sing N N 67  
ASP OD2 HD2  sing N N 68  
ASP OXT HXT  sing N N 69  
CYS N   CA   sing N N 70  
CYS N   H    sing N N 71  
CYS N   H2   sing N N 72  
CYS CA  C    sing N N 73  
CYS CA  CB   sing N N 74  
CYS CA  HA   sing N N 75  
CYS C   O    doub N N 76  
CYS C   OXT  sing N N 77  
CYS CB  SG   sing N N 78  
CYS CB  HB2  sing N N 79  
CYS CB  HB3  sing N N 80  
CYS SG  HG   sing N N 81  
CYS OXT HXT  sing N N 82  
GLN N   CA   sing N N 83  
GLN N   H    sing N N 84  
GLN N   H2   sing N N 85  
GLN CA  C    sing N N 86  
GLN CA  CB   sing N N 87  
GLN CA  HA   sing N N 88  
GLN C   O    doub N N 89  
GLN C   OXT  sing N N 90  
GLN CB  CG   sing N N 91  
GLN CB  HB2  sing N N 92  
GLN CB  HB3  sing N N 93  
GLN CG  CD   sing N N 94  
GLN CG  HG2  sing N N 95  
GLN CG  HG3  sing N N 96  
GLN CD  OE1  doub N N 97  
GLN CD  NE2  sing N N 98  
GLN NE2 HE21 sing N N 99  
GLN NE2 HE22 sing N N 100 
GLN OXT HXT  sing N N 101 
GLU N   CA   sing N N 102 
GLU N   H    sing N N 103 
GLU N   H2   sing N N 104 
GLU CA  C    sing N N 105 
GLU CA  CB   sing N N 106 
GLU CA  HA   sing N N 107 
GLU C   O    doub N N 108 
GLU C   OXT  sing N N 109 
GLU CB  CG   sing N N 110 
GLU CB  HB2  sing N N 111 
GLU CB  HB3  sing N N 112 
GLU CG  CD   sing N N 113 
GLU CG  HG2  sing N N 114 
GLU CG  HG3  sing N N 115 
GLU CD  OE1  doub N N 116 
GLU CD  OE2  sing N N 117 
GLU OE2 HE2  sing N N 118 
GLU OXT HXT  sing N N 119 
GLY N   CA   sing N N 120 
GLY N   H    sing N N 121 
GLY N   H2   sing N N 122 
GLY CA  C    sing N N 123 
GLY CA  HA2  sing N N 124 
GLY CA  HA3  sing N N 125 
GLY C   O    doub N N 126 
GLY C   OXT  sing N N 127 
GLY OXT HXT  sing N N 128 
HIS N   CA   sing N N 129 
HIS N   H    sing N N 130 
HIS N   H2   sing N N 131 
HIS CA  C    sing N N 132 
HIS CA  CB   sing N N 133 
HIS CA  HA   sing N N 134 
HIS C   O    doub N N 135 
HIS C   OXT  sing N N 136 
HIS CB  CG   sing N N 137 
HIS CB  HB2  sing N N 138 
HIS CB  HB3  sing N N 139 
HIS CG  ND1  sing Y N 140 
HIS CG  CD2  doub Y N 141 
HIS ND1 CE1  doub Y N 142 
HIS ND1 HD1  sing N N 143 
HIS CD2 NE2  sing Y N 144 
HIS CD2 HD2  sing N N 145 
HIS CE1 NE2  sing Y N 146 
HIS CE1 HE1  sing N N 147 
HIS NE2 HE2  sing N N 148 
HIS OXT HXT  sing N N 149 
HOH O   H1   sing N N 150 
HOH O   H2   sing N N 151 
ILE N   CA   sing N N 152 
ILE N   H    sing N N 153 
ILE N   H2   sing N N 154 
ILE CA  C    sing N N 155 
ILE CA  CB   sing N N 156 
ILE CA  HA   sing N N 157 
ILE C   O    doub N N 158 
ILE C   OXT  sing N N 159 
ILE CB  CG1  sing N N 160 
ILE CB  CG2  sing N N 161 
ILE CB  HB   sing N N 162 
ILE CG1 CD1  sing N N 163 
ILE CG1 HG12 sing N N 164 
ILE CG1 HG13 sing N N 165 
ILE CG2 HG21 sing N N 166 
ILE CG2 HG22 sing N N 167 
ILE CG2 HG23 sing N N 168 
ILE CD1 HD11 sing N N 169 
ILE CD1 HD12 sing N N 170 
ILE CD1 HD13 sing N N 171 
ILE OXT HXT  sing N N 172 
LEU N   CA   sing N N 173 
LEU N   H    sing N N 174 
LEU N   H2   sing N N 175 
LEU CA  C    sing N N 176 
LEU CA  CB   sing N N 177 
LEU CA  HA   sing N N 178 
LEU C   O    doub N N 179 
LEU C   OXT  sing N N 180 
LEU CB  CG   sing N N 181 
LEU CB  HB2  sing N N 182 
LEU CB  HB3  sing N N 183 
LEU CG  CD1  sing N N 184 
LEU CG  CD2  sing N N 185 
LEU CG  HG   sing N N 186 
LEU CD1 HD11 sing N N 187 
LEU CD1 HD12 sing N N 188 
LEU CD1 HD13 sing N N 189 
LEU CD2 HD21 sing N N 190 
LEU CD2 HD22 sing N N 191 
LEU CD2 HD23 sing N N 192 
LEU OXT HXT  sing N N 193 
LYS N   CA   sing N N 194 
LYS N   H    sing N N 195 
LYS N   H2   sing N N 196 
LYS CA  C    sing N N 197 
LYS CA  CB   sing N N 198 
LYS CA  HA   sing N N 199 
LYS C   O    doub N N 200 
LYS C   OXT  sing N N 201 
LYS CB  CG   sing N N 202 
LYS CB  HB2  sing N N 203 
LYS CB  HB3  sing N N 204 
LYS CG  CD   sing N N 205 
LYS CG  HG2  sing N N 206 
LYS CG  HG3  sing N N 207 
LYS CD  CE   sing N N 208 
LYS CD  HD2  sing N N 209 
LYS CD  HD3  sing N N 210 
LYS CE  NZ   sing N N 211 
LYS CE  HE2  sing N N 212 
LYS CE  HE3  sing N N 213 
LYS NZ  HZ1  sing N N 214 
LYS NZ  HZ2  sing N N 215 
LYS NZ  HZ3  sing N N 216 
LYS OXT HXT  sing N N 217 
MET N   CA   sing N N 218 
MET N   H    sing N N 219 
MET N   H2   sing N N 220 
MET CA  C    sing N N 221 
MET CA  CB   sing N N 222 
MET CA  HA   sing N N 223 
MET C   O    doub N N 224 
MET C   OXT  sing N N 225 
MET CB  CG   sing N N 226 
MET CB  HB2  sing N N 227 
MET CB  HB3  sing N N 228 
MET CG  SD   sing N N 229 
MET CG  HG2  sing N N 230 
MET CG  HG3  sing N N 231 
MET SD  CE   sing N N 232 
MET CE  HE1  sing N N 233 
MET CE  HE2  sing N N 234 
MET CE  HE3  sing N N 235 
MET OXT HXT  sing N N 236 
PHE N   CA   sing N N 237 
PHE N   H    sing N N 238 
PHE N   H2   sing N N 239 
PHE CA  C    sing N N 240 
PHE CA  CB   sing N N 241 
PHE CA  HA   sing N N 242 
PHE C   O    doub N N 243 
PHE C   OXT  sing N N 244 
PHE CB  CG   sing N N 245 
PHE CB  HB2  sing N N 246 
PHE CB  HB3  sing N N 247 
PHE CG  CD1  doub Y N 248 
PHE CG  CD2  sing Y N 249 
PHE CD1 CE1  sing Y N 250 
PHE CD1 HD1  sing N N 251 
PHE CD2 CE2  doub Y N 252 
PHE CD2 HD2  sing N N 253 
PHE CE1 CZ   doub Y N 254 
PHE CE1 HE1  sing N N 255 
PHE CE2 CZ   sing Y N 256 
PHE CE2 HE2  sing N N 257 
PHE CZ  HZ   sing N N 258 
PHE OXT HXT  sing N N 259 
PRO N   CA   sing N N 260 
PRO N   CD   sing N N 261 
PRO N   H    sing N N 262 
PRO CA  C    sing N N 263 
PRO CA  CB   sing N N 264 
PRO CA  HA   sing N N 265 
PRO C   O    doub N N 266 
PRO C   OXT  sing N N 267 
PRO CB  CG   sing N N 268 
PRO CB  HB2  sing N N 269 
PRO CB  HB3  sing N N 270 
PRO CG  CD   sing N N 271 
PRO CG  HG2  sing N N 272 
PRO CG  HG3  sing N N 273 
PRO CD  HD2  sing N N 274 
PRO CD  HD3  sing N N 275 
PRO OXT HXT  sing N N 276 
SER N   CA   sing N N 277 
SER N   H    sing N N 278 
SER N   H2   sing N N 279 
SER CA  C    sing N N 280 
SER CA  CB   sing N N 281 
SER CA  HA   sing N N 282 
SER C   O    doub N N 283 
SER C   OXT  sing N N 284 
SER CB  OG   sing N N 285 
SER CB  HB2  sing N N 286 
SER CB  HB3  sing N N 287 
SER OG  HG   sing N N 288 
SER OXT HXT  sing N N 289 
THR N   CA   sing N N 290 
THR N   H    sing N N 291 
THR N   H2   sing N N 292 
THR CA  C    sing N N 293 
THR CA  CB   sing N N 294 
THR CA  HA   sing N N 295 
THR C   O    doub N N 296 
THR C   OXT  sing N N 297 
THR CB  OG1  sing N N 298 
THR CB  CG2  sing N N 299 
THR CB  HB   sing N N 300 
THR OG1 HG1  sing N N 301 
THR CG2 HG21 sing N N 302 
THR CG2 HG22 sing N N 303 
THR CG2 HG23 sing N N 304 
THR OXT HXT  sing N N 305 
TRP N   CA   sing N N 306 
TRP N   H    sing N N 307 
TRP N   H2   sing N N 308 
TRP CA  C    sing N N 309 
TRP CA  CB   sing N N 310 
TRP CA  HA   sing N N 311 
TRP C   O    doub N N 312 
TRP C   OXT  sing N N 313 
TRP CB  CG   sing N N 314 
TRP CB  HB2  sing N N 315 
TRP CB  HB3  sing N N 316 
TRP CG  CD1  doub Y N 317 
TRP CG  CD2  sing Y N 318 
TRP CD1 NE1  sing Y N 319 
TRP CD1 HD1  sing N N 320 
TRP CD2 CE2  doub Y N 321 
TRP CD2 CE3  sing Y N 322 
TRP NE1 CE2  sing Y N 323 
TRP NE1 HE1  sing N N 324 
TRP CE2 CZ2  sing Y N 325 
TRP CE3 CZ3  doub Y N 326 
TRP CE3 HE3  sing N N 327 
TRP CZ2 CH2  doub Y N 328 
TRP CZ2 HZ2  sing N N 329 
TRP CZ3 CH2  sing Y N 330 
TRP CZ3 HZ3  sing N N 331 
TRP CH2 HH2  sing N N 332 
TRP OXT HXT  sing N N 333 
TYR N   CA   sing N N 334 
TYR N   H    sing N N 335 
TYR N   H2   sing N N 336 
TYR CA  C    sing N N 337 
TYR CA  CB   sing N N 338 
TYR CA  HA   sing N N 339 
TYR C   O    doub N N 340 
TYR C   OXT  sing N N 341 
TYR CB  CG   sing N N 342 
TYR CB  HB2  sing N N 343 
TYR CB  HB3  sing N N 344 
TYR CG  CD1  doub Y N 345 
TYR CG  CD2  sing Y N 346 
TYR CD1 CE1  sing Y N 347 
TYR CD1 HD1  sing N N 348 
TYR CD2 CE2  doub Y N 349 
TYR CD2 HD2  sing N N 350 
TYR CE1 CZ   doub Y N 351 
TYR CE1 HE1  sing N N 352 
TYR CE2 CZ   sing Y N 353 
TYR CE2 HE2  sing N N 354 
TYR CZ  OH   sing N N 355 
TYR OH  HH   sing N N 356 
TYR OXT HXT  sing N N 357 
VAL N   CA   sing N N 358 
VAL N   H    sing N N 359 
VAL N   H2   sing N N 360 
VAL CA  C    sing N N 361 
VAL CA  CB   sing N N 362 
VAL CA  HA   sing N N 363 
VAL C   O    doub N N 364 
VAL C   OXT  sing N N 365 
VAL CB  CG1  sing N N 366 
VAL CB  CG2  sing N N 367 
VAL CB  HB   sing N N 368 
VAL CG1 HG11 sing N N 369 
VAL CG1 HG12 sing N N 370 
VAL CG1 HG13 sing N N 371 
VAL CG2 HG21 sing N N 372 
VAL CG2 HG22 sing N N 373 
VAL CG2 HG23 sing N N 374 
VAL OXT HXT  sing N N 375 
# 
_pdbx_audit_support.funding_organization   'Ministry of Science and Higher Education of the Russian Federation' 
_pdbx_audit_support.country                'Russian Federation' 
_pdbx_audit_support.grant_number           'agreement #075-00337-20-03, project FSMG-2020-0003' 
_pdbx_audit_support.ordinal                1 
# 
_pdbx_initial_refinement_model.id               1 
_pdbx_initial_refinement_model.entity_id_list   ? 
_pdbx_initial_refinement_model.type             'experimental model' 
_pdbx_initial_refinement_model.source_name      PDB 
_pdbx_initial_refinement_model.accession_code   1FYV 
_pdbx_initial_refinement_model.details          ? 
# 
_space_group.name_H-M_alt     'P 62 2 2' 
_space_group.name_Hall        'P 62 2 (x,y,z+1/3)' 
_space_group.IT_number        180 
_space_group.crystal_system   hexagonal 
_space_group.id               1 
# 
_atom_sites.entry_id                    7NUW 
_atom_sites.Cartn_transf_matrix[1][1]   ? 
_atom_sites.Cartn_transf_matrix[1][2]   ? 
_atom_sites.Cartn_transf_matrix[1][3]   ? 
_atom_sites.Cartn_transf_matrix[2][1]   ? 
_atom_sites.Cartn_transf_matrix[2][2]   ? 
_atom_sites.Cartn_transf_matrix[2][3]   ? 
_atom_sites.Cartn_transf_matrix[3][1]   ? 
_atom_sites.Cartn_transf_matrix[3][2]   ? 
_atom_sites.Cartn_transf_matrix[3][3]   ? 
_atom_sites.Cartn_transf_vector[1]      ? 
_atom_sites.Cartn_transf_vector[2]      ? 
_atom_sites.Cartn_transf_vector[3]      ? 
_atom_sites.fract_transf_matrix[1][1]   -0.00133254 
_atom_sites.fract_transf_matrix[1][2]   -0.00052399 
_atom_sites.fract_transf_matrix[1][3]   -0.01128423 
_atom_sites.fract_transf_matrix[2][1]   0.00885208 
_atom_sites.fract_transf_matrix[2][2]   0.00196117 
_atom_sites.fract_transf_matrix[2][3]   -0.00686914 
_atom_sites.fract_transf_matrix[3][1]   0.00333448 
_atom_sites.fract_transf_matrix[3][2]   -0.01413156 
_atom_sites.fract_transf_matrix[3][3]   0.00026244 
_atom_sites.fract_transf_vector[1]      0.312549 
_atom_sites.fract_transf_vector[2]      0.864513 
_atom_sites.fract_transf_vector[3]      0.162803 
_atom_sites.solution_primary            ? 
_atom_sites.solution_secondary          ? 
_atom_sites.solution_hydrogens          ? 
_atom_sites.special_details             ? 
# 
loop_
_atom_type.symbol 
_atom_type.scat_dispersion_real 
_atom_type.scat_dispersion_imag 
_atom_type.scat_Cromer_Mann_a1 
_atom_type.scat_Cromer_Mann_a2 
_atom_type.scat_Cromer_Mann_a3 
_atom_type.scat_Cromer_Mann_a4 
_atom_type.scat_Cromer_Mann_b1 
_atom_type.scat_Cromer_Mann_b2 
_atom_type.scat_Cromer_Mann_b3 
_atom_type.scat_Cromer_Mann_b4 
_atom_type.scat_Cromer_Mann_c 
_atom_type.scat_source 
_atom_type.scat_dispersion_source 
C ? ? 3.54356 2.42580 ? ? 25.62398 1.50364  ? ? 0.0 
;2-Gaussian fit: Grosse-Kunstleve RW, Sauter NK, Adams PD: Newsletter of the IUCr Commission on Crystallographic Computing 2004, 3, 22-31.
;
? 
N ? ? 4.01032 2.96436 ? ? 19.97189 1.75589  ? ? 0.0 
;2-Gaussian fit: Grosse-Kunstleve RW, Sauter NK, Adams PD: Newsletter of the IUCr Commission on Crystallographic Computing 2004, 3, 22-31.
;
? 
O ? ? 4.49882 3.47563 ? ? 15.80542 1.70748  ? ? 0.0 
;2-Gaussian fit: Grosse-Kunstleve RW, Sauter NK, Adams PD: Newsletter of the IUCr Commission on Crystallographic Computing 2004, 3, 22-31.
;
? 
S ? ? 9.55732 6.39887 ? ? 1.23737  29.19336 ? ? 0.0 
;2-Gaussian fit: Grosse-Kunstleve RW, Sauter NK, Adams PD: Newsletter of the IUCr Commission on Crystallographic Computing 2004, 3, 22-31.
;
? 
# 
loop_
_atom_site.group_PDB 
_atom_site.id 
_atom_site.type_symbol 
_atom_site.label_atom_id 
_atom_site.label_alt_id 
_atom_site.label_comp_id 
_atom_site.label_asym_id 
_atom_site.label_entity_id 
_atom_site.label_seq_id 
_atom_site.pdbx_PDB_ins_code 
_atom_site.Cartn_x 
_atom_site.Cartn_y 
_atom_site.Cartn_z 
_atom_site.occupancy 
_atom_site.B_iso_or_equiv 
_atom_site.pdbx_formal_charge 
_atom_site.auth_seq_id 
_atom_site.auth_comp_id 
_atom_site.auth_asym_id 
_atom_site.auth_atom_id 
_atom_site.pdbx_PDB_model_num 
ATOM   1    N N   . SER A 1 1   ? -15.80374 -11.87707 5.25525   1.000 79.61854  ? 624 SER A N   1 
ATOM   2    C CA  . SER A 1 1   ? -15.53243 -11.95696 6.68586   1.000 75.04359  ? 624 SER A CA  1 
ATOM   3    C C   . SER A 1 1   ? -14.21156 -11.27607 7.02889   1.000 71.43863  ? 624 SER A C   1 
ATOM   4    O O   . SER A 1 1   ? -13.23162 -11.93816 7.37191   1.000 73.41456  ? 624 SER A O   1 
ATOM   5    C CB  . SER A 1 1   ? -15.50710 -13.41578 7.14702   1.000 78.07360  ? 624 SER A CB  1 
ATOM   6    O OG  . SER A 1 1   ? -16.73822 -14.06105 6.87213   1.000 86.29530  ? 624 SER A OG  1 
ATOM   7    N N   . ASN A 1 2   ? -14.18982 -9.95037  6.93634   1.000 60.03222  ? 625 ASN A N   1 
ATOM   8    C CA  . ASN A 1 2   ? -12.99258 -9.17347  7.20493   1.000 49.30842  ? 625 ASN A CA  1 
ATOM   9    C C   . ASN A 1 2   ? -13.05558 -8.57718  8.60836   1.000 54.92275  ? 625 ASN A C   1 
ATOM   10   O O   . ASN A 1 2   ? -13.99705 -8.80196  9.37186   1.000 57.12083  ? 625 ASN A O   1 
ATOM   11   C CB  . ASN A 1 2   ? -12.81338 -8.07884  6.14945   1.000 57.07718  ? 625 ASN A CB  1 
ATOM   12   C CG  . ASN A 1 2   ? -12.97606 -8.60144  4.73580   1.000 69.29879  ? 625 ASN A CG  1 
ATOM   13   O OD1 . ASN A 1 2   ? -12.14466 -9.36492  4.24185   1.000 75.71498  ? 625 ASN A OD1 1 
ATOM   14   N ND2 . ASN A 1 2   ? -14.05120 -8.18922  4.07462   1.000 71.03707  ? 625 ASN A ND2 1 
ATOM   15   N N   . ILE A 1 3   ? -12.03405 -7.80190  8.94342   1.000 51.97427  ? 626 ILE A N   1 
ATOM   16   C CA  . ILE A 1 3   ? -11.94090 -7.19685  10.27532  1.000 47.60757  ? 626 ILE A CA  1 
ATOM   17   C C   . ILE A 1 3   ? -13.07213 -6.18916  10.45506  1.000 59.14357  ? 626 ILE A C   1 
ATOM   18   O O   . ILE A 1 3   ? -13.26430 -5.31660  9.59030   1.000 61.61155  ? 626 ILE A O   1 
ATOM   19   C CB  . ILE A 1 3   ? -10.57715 -6.53208  10.45912  1.000 51.72569  ? 626 ILE A CB  1 
ATOM   20   C CG1 . ILE A 1 3   ? -9.51747  -7.58920  10.78103  1.000 48.13061  ? 626 ILE A CG1 1 
ATOM   21   C CG2 . ILE A 1 3   ? -10.63477 -5.45939  11.53811  1.000 58.80963  ? 626 ILE A CG2 1 
ATOM   22   C CD1 . ILE A 1 3   ? -8.21284  -7.00398  11.25560  1.000 55.43640  ? 626 ILE A CD1 1 
ATOM   23   N N   . PRO A 1 4   ? -13.85480 -6.27670  11.53252  1.000 56.09026  ? 627 PRO A N   1 
ATOM   24   C CA  . PRO A 1 4   ? -14.83397 -5.22606  11.84830  1.000 56.42236  ? 627 PRO A CA  1 
ATOM   25   C C   . PRO A 1 4   ? -14.14051 -4.02161  12.46744  1.000 51.07805  ? 627 PRO A C   1 
ATOM   26   O O   . PRO A 1 4   ? -13.69617 -4.06362  13.61843  1.000 50.80038  ? 627 PRO A O   1 
ATOM   27   C CB  . PRO A 1 4   ? -15.77951 -5.91975  12.84212  1.000 70.83159  ? 627 PRO A CB  1 
ATOM   28   C CG  . PRO A 1 4   ? -15.46458 -7.39935  12.74287  1.000 63.43523  ? 627 PRO A CG  1 
ATOM   29   C CD  . PRO A 1 4   ? -14.01877 -7.46036  12.39089  1.000 59.69424  ? 627 PRO A CD  1 
ATOM   30   N N   . LEU A 1 5   ? -14.05611 -2.93206  11.69805  1.000 47.73866  ? 628 LEU A N   1 
ATOM   31   C CA  . LEU A 1 5   ? -13.25719 -1.77970  12.10772  1.000 56.99330  ? 628 LEU A CA  1 
ATOM   32   C C   . LEU A 1 5   ? -13.75376 -1.16562  13.41218  1.000 50.28400  ? 628 LEU A C   1 
ATOM   33   O O   . LEU A 1 5   ? -12.94975 -0.65565  14.20212  1.000 49.84547  ? 628 LEU A O   1 
ATOM   34   C CB  . LEU A 1 5   ? -13.25849 -0.73093  10.99418  1.000 53.47162  ? 628 LEU A CB  1 
ATOM   35   C CG  . LEU A 1 5   ? -12.75950 -1.22082  9.63370   1.000 54.55424  ? 628 LEU A CG  1 
ATOM   36   C CD1 . LEU A 1 5   ? -13.08081 -0.21499  8.54061   1.000 58.60064  ? 628 LEU A CD1 1 
ATOM   37   C CD2 . LEU A 1 5   ? -11.26515 -1.48986  9.68949   1.000 55.33285  ? 628 LEU A CD2 1 
ATOM   38   N N   . GLU A 1 6   ? -15.06606 -1.20018  13.65432  1.000 53.76585  ? 629 GLU A N   1 
ATOM   39   C CA  . GLU A 1 6   ? -15.61570 -0.60547  14.86988  1.000 66.18128  ? 629 GLU A CA  1 
ATOM   40   C C   . GLU A 1 6   ? -15.10865 -1.31011  16.12147  1.000 62.85295  ? 629 GLU A C   1 
ATOM   41   O O   . GLU A 1 6   ? -14.94017 -0.67371  17.16822  1.000 56.99529  ? 629 GLU A O   1 
ATOM   42   C CB  . GLU A 1 6   ? -17.14415 -0.64376  14.82452  1.000 68.67664  ? 629 GLU A CB  1 
ATOM   43   C CG  . GLU A 1 6   ? -17.72930 -2.04893  14.69109  1.000 72.11180  ? 629 GLU A CG  1 
ATOM   44   C CD  . GLU A 1 6   ? -17.77519 -2.54350  13.25388  1.000 78.51252  ? 629 GLU A CD  1 
ATOM   45   O OE1 . GLU A 1 6   ? -18.81937 -3.09488  12.84703  1.000 86.03786  ? 629 GLU A OE1 1 
ATOM   46   O OE2 . GLU A 1 6   ? -16.77213 -2.37789  12.52819  1.000 68.28193  ? 629 GLU A OE2 1 
ATOM   47   N N   . GLU A 1 7   ? -14.85324 -2.61688  16.03393  1.000 60.67208  ? 630 GLU A N   1 
ATOM   48   C CA  . GLU A 1 7   ? -14.34238 -3.36598  17.17405  1.000 64.27509  ? 630 GLU A CA  1 
ATOM   49   C C   . GLU A 1 7   ? -12.90353 -3.00453  17.51731  1.000 59.47241  ? 630 GLU A C   1 
ATOM   50   O O   . GLU A 1 7   ? -12.39444 -3.46984  18.54220  1.000 63.92284  ? 630 GLU A O   1 
ATOM   51   C CB  . GLU A 1 7   ? -14.45285 -4.86841  16.89786  1.000 60.65284  ? 630 GLU A CB  1 
ATOM   52   C CG  . GLU A 1 7   ? -15.85011 -5.32467  16.48735  1.000 60.72210  ? 630 GLU A CG  1 
ATOM   53   C CD  . GLU A 1 7   ? -15.92686 -6.81387  16.18131  1.000 88.38633  ? 630 GLU A CD  1 
ATOM   54   O OE1 . GLU A 1 7   ? -14.96338 -7.54754  16.48981  1.000 83.94215  ? 630 GLU A OE1 1 
ATOM   55   O OE2 . GLU A 1 7   ? -16.96181 -7.25795  15.64022  1.000 87.42837  ? 630 GLU A OE2 1 
ATOM   56   N N   . LEU A 1 8   ? -12.24449 -2.18815  16.69974  1.000 63.96032  ? 631 LEU A N   1 
ATOM   57   C CA  . LEU A 1 8   ? -10.85138 -1.84596  16.92691  1.000 60.09987  ? 631 LEU A CA  1 
ATOM   58   C C   . LEU A 1 8   ? -10.72488 -0.68316  17.90660  1.000 73.32333  ? 631 LEU A C   1 
ATOM   59   O O   . LEU A 1 8   ? -11.67659 0.05817   18.16895  1.000 76.42940  ? 631 LEU A O   1 
ATOM   60   C CB  . LEU A 1 8   ? -10.16126 -1.49641  15.60826  1.000 64.07575  ? 631 LEU A CB  1 
ATOM   61   C CG  . LEU A 1 8   ? -9.98350  -2.65751  14.62953  1.000 71.43872  ? 631 LEU A CG  1 
ATOM   62   C CD1 . LEU A 1 8   ? -9.45943  -2.16129  13.29119  1.000 60.60344  ? 631 LEU A CD1 1 
ATOM   63   C CD2 . LEU A 1 8   ? -9.05246  -3.70714  15.21786  1.000 64.31446  ? 631 LEU A CD2 1 
ATOM   64   N N   . GLN A 1 9   ? -9.51360  -0.53256  18.44486  1.000 84.65951  ? 632 GLN A N   1 
ATOM   65   C CA  . GLN A 1 9   ? -9.23561  0.53101   19.40430  1.000 88.81525  ? 632 GLN A CA  1 
ATOM   66   C C   . GLN A 1 9   ? -9.35185  1.90181   18.74688  1.000 91.54467  ? 632 GLN A C   1 
ATOM   67   O O   . GLN A 1 9   ? -10.16112 2.73977   19.16260  1.000 97.75533  ? 632 GLN A O   1 
ATOM   68   C CB  . GLN A 1 9   ? -7.84158  0.33493   20.00990  1.000 90.70785  ? 632 GLN A CB  1 
ATOM   69   C CG  . GLN A 1 9   ? -7.52582  -1.09850  20.44057  1.000 95.65222  ? 632 GLN A CG  1 
ATOM   70   C CD  . GLN A 1 9   ? -7.07312  -1.98533  19.28621  1.000 95.82691  ? 632 GLN A CD  1 
ATOM   71   O OE1 . GLN A 1 9   ? -6.73279  -1.49659  18.20742  1.000 97.55262  ? 632 GLN A OE1 1 
ATOM   72   N NE2 . GLN A 1 9   ? -7.07566  -3.29559  19.50936  1.000 72.12157  ? 632 GLN A NE2 1 
ATOM   73   N N   . ARG A 1 10  ? -8.54831  2.14575   17.71439  1.000 88.78593  ? 633 ARG A N   1 
ATOM   74   C CA  . ARG A 1 10  ? -8.60559  3.40368   16.98802  1.000 77.49749  ? 633 ARG A CA  1 
ATOM   75   C C   . ARG A 1 10  ? -9.93805  3.54404   16.25633  1.000 74.94451  ? 633 ARG A C   1 
ATOM   76   O O   . ARG A 1 10  ? -10.65821 2.57000   16.01570  1.000 81.13574  ? 633 ARG A O   1 
ATOM   77   C CB  . ARG A 1 10  ? -7.45298  3.49890   15.98622  1.000 80.98555  ? 633 ARG A CB  1 
ATOM   78   C CG  . ARG A 1 10  ? -6.06855  3.52219   16.61583  1.000 91.01889  ? 633 ARG A CG  1 
ATOM   79   C CD  . ARG A 1 10  ? -5.01473  2.99132   15.65321  1.000 84.37507  ? 633 ARG A CD  1 
ATOM   80   N NE  . ARG A 1 10  ? -5.26039  1.59262   15.31090  1.000 94.21114  ? 633 ARG A NE  1 
ATOM   81   C CZ  . ARG A 1 10  ? -4.83215  0.55967   16.03139  1.000 97.12020  ? 633 ARG A CZ  1 
ATOM   82   N NH1 . ARG A 1 10  ? -4.12933  0.76444   17.13750  1.000 101.75271 ? 633 ARG A NH1 1 
ATOM   83   N NH2 . ARG A 1 10  ? -5.10688  -0.67996  15.64829  1.000 90.84352  ? 633 ARG A NH2 1 
ATOM   84   N N   . ASN A 1 11  ? -10.26383 4.78613   15.90736  1.000 65.91497  ? 634 ASN A N   1 
ATOM   85   C CA  . ASN A 1 11  ? -11.43359 5.08727   15.08508  1.000 69.31617  ? 634 ASN A CA  1 
ATOM   86   C C   . ASN A 1 11  ? -10.97623 5.05418   13.63345  1.000 76.17599  ? 634 ASN A C   1 
ATOM   87   O O   . ASN A 1 11  ? -10.48827 6.04522   13.08879  1.000 77.02825  ? 634 ASN A O   1 
ATOM   88   C CB  . ASN A 1 11  ? -12.03537 6.43574   15.46511  1.000 63.66484  ? 634 ASN A CB  1 
ATOM   89   N N   . LEU A 1 12  ? -11.12367 3.89292   13.00284  1.000 66.13540  ? 635 LEU A N   1 
ATOM   90   C CA  . LEU A 1 12  ? -10.67660 3.67343   11.63577  1.000 46.42234  ? 635 LEU A CA  1 
ATOM   91   C C   . LEU A 1 12  ? -11.87553 3.54354   10.70876  1.000 58.31665  ? 635 LEU A C   1 
ATOM   92   O O   . LEU A 1 12  ? -12.88677 2.92940   11.06474  1.000 62.44437  ? 635 LEU A O   1 
ATOM   93   C CB  . LEU A 1 12  ? -9.80651  2.41678   11.53726  1.000 45.85252  ? 635 LEU A CB  1 
ATOM   94   C CG  . LEU A 1 12  ? -8.52059  2.43602   12.36101  1.000 54.16172  ? 635 LEU A CG  1 
ATOM   95   C CD1 . LEU A 1 12  ? -7.73596  1.15380   12.15681  1.000 52.28679  ? 635 LEU A CD1 1 
ATOM   96   C CD2 . LEU A 1 12  ? -7.67695  3.64250   12.00063  1.000 54.39241  ? 635 LEU A CD2 1 
ATOM   97   N N   . GLN A 1 13  ? -11.74998 4.11867   9.51230   1.000 46.61982  ? 636 GLN A N   1 
ATOM   98   C CA  . GLN A 1 13  ? -12.80908 4.08150   8.51695   1.000 48.41516  ? 636 GLN A CA  1 
ATOM   99   C C   . GLN A 1 13  ? -12.54021 3.12425   7.36923   1.000 42.21449  ? 636 GLN A C   1 
ATOM   100  O O   . GLN A 1 13  ? -13.48775 2.74893   6.67145   1.000 49.81086  ? 636 GLN A O   1 
ATOM   101  C CB  . GLN A 1 13  ? -13.04081 5.48153   7.92707   1.000 54.33246  ? 636 GLN A CB  1 
ATOM   102  C CG  . GLN A 1 13  ? -13.30224 6.56655   8.95532   1.000 64.09143  ? 636 GLN A CG  1 
ATOM   103  C CD  . GLN A 1 13  ? -13.59939 7.90291   8.30757   1.000 83.96767  ? 636 GLN A CD  1 
ATOM   104  O OE1 . GLN A 1 13  ? -13.77372 7.98912   7.08964   1.000 74.76107  ? 636 GLN A OE1 1 
ATOM   105  N NE2 . GLN A 1 13  ? -13.65693 8.95544   9.11724   1.000 85.68475  ? 636 GLN A NE2 1 
ATOM   106  N N   . PHE A 1 14  ? -11.28736 2.72412   7.15174   1.000 48.22112  ? 637 PHE A N   1 
ATOM   107  C CA  . PHE A 1 14  ? -10.92880 1.88712   6.01679   1.000 41.78401  ? 637 PHE A CA  1 
ATOM   108  C C   . PHE A 1 14  ? -10.10141 0.69117   6.46781   1.000 38.13073  ? 637 PHE A C   1 
ATOM   109  O O   . PHE A 1 14  ? -9.34182  0.76381   7.43780   1.000 40.66355  ? 637 PHE A O   1 
ATOM   110  C CB  . PHE A 1 14  ? -10.14014 2.67743   4.96575   1.000 42.27945  ? 637 PHE A CB  1 
ATOM   111  C CG  . PHE A 1 14  ? -10.85506 3.91136   4.47669   1.000 40.79554  ? 637 PHE A CG  1 
ATOM   112  C CD1 . PHE A 1 14  ? -10.56495 5.15064   5.01173   1.000 48.59829  ? 637 PHE A CD1 1 
ATOM   113  C CD2 . PHE A 1 14  ? -11.82382 3.81814   3.49076   1.000 46.91898  ? 637 PHE A CD2 1 
ATOM   114  C CE1 . PHE A 1 14  ? -11.22756 6.28654   4.56560   1.000 53.14650  ? 637 PHE A CE1 1 
ATOM   115  C CE2 . PHE A 1 14  ? -12.48915 4.94523   3.04045   1.000 54.08835  ? 637 PHE A CE2 1 
ATOM   116  C CZ  . PHE A 1 14  ? -12.19054 6.17880   3.57876   1.000 47.63628  ? 637 PHE A CZ  1 
ATOM   117  N N   . HIS A 1 15  ? -10.24517 -0.40816  5.73162   1.000 41.48550  ? 638 HIS A N   1 
ATOM   118  C CA  . HIS A 1 15  ? -9.37497  -1.55549  5.95370   1.000 48.12339  ? 638 HIS A CA  1 
ATOM   119  C C   . HIS A 1 15  ? -7.97928  -1.30606  5.40172   1.000 48.96213  ? 638 HIS A C   1 
ATOM   120  O O   . HIS A 1 15  ? -6.98660  -1.72877  6.00280   1.000 43.46466  ? 638 HIS A O   1 
ATOM   121  C CB  . HIS A 1 15  ? -9.97620  -2.80371  5.31509   1.000 47.11179  ? 638 HIS A CB  1 
ATOM   122  C CG  . HIS A 1 15  ? -11.24014 -3.26434  5.96664   1.000 56.56976  ? 638 HIS A CG  1 
ATOM   123  N ND1 . HIS A 1 15  ? -12.48692 -2.87265  5.53126   1.000 57.68427  ? 638 HIS A ND1 1 
ATOM   124  C CD2 . HIS A 1 15  ? -11.45025 -4.08046  7.02624   1.000 55.28923  ? 638 HIS A CD2 1 
ATOM   125  C CE1 . HIS A 1 15  ? -13.41162 -3.43077  6.29150   1.000 63.84315  ? 638 HIS A CE1 1 
ATOM   126  N NE2 . HIS A 1 15  ? -12.80898 -4.16877  7.20607   1.000 63.47049  ? 638 HIS A NE2 1 
ATOM   127  N N   . ALA A 1 16  ? -7.88364  -0.62024  4.26492   1.000 44.13795  ? 639 ALA A N   1 
ATOM   128  C CA  . ALA A 1 16  ? -6.60384  -0.42459  3.60709   1.000 32.95032  ? 639 ALA A CA  1 
ATOM   129  C C   . ALA A 1 16  ? -6.62501  0.86415   2.80108   1.000 42.20668  ? 639 ALA A C   1 
ATOM   130  O O   . ALA A 1 16  ? -7.63123  1.19406   2.17055   1.000 39.05184  ? 639 ALA A O   1 
ATOM   131  C CB  . ALA A 1 16  ? -6.26208  -1.59433  2.67922   1.000 41.63274  ? 639 ALA A CB  1 
ATOM   132  N N   . PHE A 1 17  ? -5.50383  1.57585   2.83565   1.000 39.65458  ? 640 PHE A N   1 
ATOM   133  C CA  . PHE A 1 17  ? -5.19664  2.64918   1.89941   1.000 43.28355  ? 640 PHE A CA  1 
ATOM   134  C C   . PHE A 1 17  ? -4.29258  2.08646   0.80892   1.000 46.84523  ? 640 PHE A C   1 
ATOM   135  O O   . PHE A 1 17  ? -3.29373  1.42336   1.10867   1.000 45.78930  ? 640 PHE A O   1 
ATOM   136  C CB  . PHE A 1 17  ? -4.52080  3.81197   2.62912   1.000 39.07824  ? 640 PHE A CB  1 
ATOM   137  C CG  . PHE A 1 17  ? -3.72039  4.73221   1.73670   1.000 45.02202  ? 640 PHE A CG  1 
ATOM   138  C CD1 . PHE A 1 17  ? -2.36555  4.92683   1.96396   1.000 41.52057  ? 640 PHE A CD1 1 
ATOM   139  C CD2 . PHE A 1 17  ? -4.32055  5.40967   0.68873   1.000 42.69288  ? 640 PHE A CD2 1 
ATOM   140  C CE1 . PHE A 1 17  ? -1.62061  5.77994   1.16169   1.000 44.73117  ? 640 PHE A CE1 1 
ATOM   141  C CE2 . PHE A 1 17  ? -3.58299  6.27165   -0.11884  1.000 42.22779  ? 640 PHE A CE2 1 
ATOM   142  C CZ  . PHE A 1 17  ? -2.23380  6.45514   0.11748   1.000 38.78409  ? 640 PHE A CZ  1 
ATOM   143  N N   . ILE A 1 18  ? -4.65387  2.32322   -0.44872  1.000 41.20323  ? 641 ILE A N   1 
ATOM   144  C CA  . ILE A 1 18  ? -3.89115  1.82057   -1.58627  1.000 44.36729  ? 641 ILE A CA  1 
ATOM   145  C C   . ILE A 1 18  ? -3.19988  3.00220   -2.25050  1.000 47.33825  ? 641 ILE A C   1 
ATOM   146  O O   . ILE A 1 18  ? -3.85910  3.88750   -2.80991  1.000 41.87820  ? 641 ILE A O   1 
ATOM   147  C CB  . ILE A 1 18  ? -4.77266  1.06848   -2.58859  1.000 41.50691  ? 641 ILE A CB  1 
ATOM   148  C CG1 . ILE A 1 18  ? -5.44002  -0.13372  -1.92347  1.000 46.34272  ? 641 ILE A CG1 1 
ATOM   149  C CG2 . ILE A 1 18  ? -3.93726  0.60636   -3.76822  1.000 41.00351  ? 641 ILE A CG2 1 
ATOM   150  C CD1 . ILE A 1 18  ? -6.29485  -0.94027  -2.87629  1.000 47.64311  ? 641 ILE A CD1 1 
ATOM   151  N N   . SER A 1 19  ? -1.87195  3.00813   -2.19954  1.000 44.74781  ? 642 SER A N   1 
ATOM   152  C CA  . SER A 1 19  ? -1.05564  4.01112   -2.86851  1.000 47.85007  ? 642 SER A CA  1 
ATOM   153  C C   . SER A 1 19  ? -0.47880  3.40498   -4.14097  1.000 51.63645  ? 642 SER A C   1 
ATOM   154  O O   . SER A 1 19  ? 0.14662   2.34072   -4.09688  1.000 42.15678  ? 642 SER A O   1 
ATOM   155  C CB  . SER A 1 19  ? 0.06610   4.49437   -1.94946  1.000 42.39822  ? 642 SER A CB  1 
ATOM   156  O OG  . SER A 1 19  ? 0.85847   5.48528   -2.57507  1.000 52.59837  ? 642 SER A OG  1 
ATOM   157  N N   . TYR A 1 20  ? -0.69543  4.07392   -5.27144  1.000 38.53051  ? 643 TYR A N   1 
ATOM   158  C CA  . TYR A 1 20  ? -0.26582  3.52614   -6.54815  1.000 40.46164  ? 643 TYR A CA  1 
ATOM   159  C C   . TYR A 1 20  ? 0.03682   4.65518   -7.51978  1.000 43.63062  ? 643 TYR A C   1 
ATOM   160  O O   . TYR A 1 20  ? -0.43308  5.78377   -7.36036  1.000 40.11248  ? 643 TYR A O   1 
ATOM   161  C CB  . TYR A 1 20  ? -1.32760  2.59164   -7.13585  1.000 41.29543  ? 643 TYR A CB  1 
ATOM   162  C CG  . TYR A 1 20  ? -2.62184  3.27943   -7.50228  1.000 40.77963  ? 643 TYR A CG  1 
ATOM   163  C CD1 . TYR A 1 20  ? -2.93273  3.55099   -8.82740  1.000 39.72909  ? 643 TYR A CD1 1 
ATOM   164  C CD2 . TYR A 1 20  ? -3.53668  3.65183   -6.52576  1.000 46.79109  ? 643 TYR A CD2 1 
ATOM   165  C CE1 . TYR A 1 20  ? -4.11919  4.17316   -9.17204  1.000 45.33438  ? 643 TYR A CE1 1 
ATOM   166  C CE2 . TYR A 1 20  ? -4.72587  4.27716   -6.86012  1.000 47.94330  ? 643 TYR A CE2 1 
ATOM   167  C CZ  . TYR A 1 20  ? -5.01147  4.53536   -8.18469  1.000 54.58705  ? 643 TYR A CZ  1 
ATOM   168  O OH  . TYR A 1 20  ? -6.19286  5.15679   -8.52437  1.000 55.88850  ? 643 TYR A OH  1 
ATOM   169  N N   . SER A 1 21  ? 0.83374   4.33268   -8.53356  1.000 44.19660  ? 644 SER A N   1 
ATOM   170  C CA  . SER A 1 21  ? 1.10296   5.27150   -9.61159  1.000 46.07323  ? 644 SER A CA  1 
ATOM   171  C C   . SER A 1 21  ? -0.04335  5.26066   -10.61181 1.000 43.84375  ? 644 SER A C   1 
ATOM   172  O O   . SER A 1 21  ? -0.58379  4.20176   -10.94562 1.000 39.67348  ? 644 SER A O   1 
ATOM   173  C CB  . SER A 1 21  ? 2.41305   4.91805   -10.31409 1.000 49.62023  ? 644 SER A CB  1 
ATOM   174  O OG  . SER A 1 21  ? 2.56741   5.66015   -11.51089 1.000 42.61838  ? 644 SER A OG  1 
ATOM   175  N N   . GLY A 1 22  ? -0.41412  6.45127   -11.09128 1.000 43.14070  ? 645 GLY A N   1 
ATOM   176  C CA  . GLY A 1 22  ? -1.44349  6.53656   -12.11346 1.000 41.94611  ? 645 GLY A CA  1 
ATOM   177  C C   . GLY A 1 22  ? -1.14464  5.68664   -13.33326 1.000 37.99300  ? 645 GLY A C   1 
ATOM   178  O O   . GLY A 1 22  ? -2.06316  5.23523   -14.02262 1.000 43.21852  ? 645 GLY A O   1 
ATOM   179  N N   . HIS A 1 23  ? 0.13698   5.44090   -13.61045 1.000 35.47634  ? 646 HIS A N   1 
ATOM   180  C CA  . HIS A 1 23  ? 0.50294   4.61148   -14.75271 1.000 40.38243  ? 646 HIS A CA  1 
ATOM   181  C C   . HIS A 1 23  ? 0.10220   3.15266   -14.56553 1.000 45.73787  ? 646 HIS A C   1 
ATOM   182  O O   . HIS A 1 23  ? -0.01000  2.42634   -15.55697 1.000 38.06437  ? 646 HIS A O   1 
ATOM   183  C CB  . HIS A 1 23  ? 2.00627   4.70984   -15.01065 1.000 40.10635  ? 646 HIS A CB  1 
ATOM   184  C CG  . HIS A 1 23  ? 2.47353   6.09372   -15.33857 1.000 50.44479  ? 646 HIS A CG  1 
ATOM   185  N ND1 . HIS A 1 23  ? 1.72828   6.97184   -16.09555 1.000 52.18955  ? 646 HIS A ND1 1 
ATOM   186  C CD2 . HIS A 1 23  ? 3.60633   6.75483   -15.00265 1.000 61.42143  ? 646 HIS A CD2 1 
ATOM   187  C CE1 . HIS A 1 23  ? 2.38468   8.11150   -16.21788 1.000 56.15432  ? 646 HIS A CE1 1 
ATOM   188  N NE2 . HIS A 1 23  ? 3.52647   8.00663   -15.56237 1.000 62.78950  ? 646 HIS A NE2 1 
ATOM   189  N N   . ASP A 1 24  ? -0.11677  2.71292   -13.32537 1.000 41.37079  ? 647 ASP A N   1 
ATOM   190  C CA  . ASP A 1 24  ? -0.55893  1.35505   -13.02185 1.000 37.42299  ? 647 ASP A CA  1 
ATOM   191  C C   . ASP A 1 24  ? -2.06218  1.28045   -12.77862 1.000 45.20092  ? 647 ASP A C   1 
ATOM   192  O O   . ASP A 1 24  ? -2.53936  0.31507   -12.16969 1.000 40.24392  ? 647 ASP A O   1 
ATOM   193  C CB  . ASP A 1 24  ? 0.19047   0.82046   -11.79951 1.000 39.88157  ? 647 ASP A CB  1 
ATOM   194  C CG  . ASP A 1 24  ? 1.68738   0.70365   -12.02643 1.000 43.78047  ? 647 ASP A CG  1 
ATOM   195  O OD1 . ASP A 1 24  ? 2.09513   0.33340   -13.14552 1.000 43.10984  ? 647 ASP A OD1 1 
ATOM   196  O OD2 . ASP A 1 24  ? 2.45960   0.97619   -11.07999 1.000 40.23291  ? 647 ASP A OD2 1 
ATOM   197  N N   . SER A 1 25  ? -2.81725  2.27433   -13.26374 1.000 39.56987  ? 648 SER A N   1 
ATOM   198  C CA  A SER A 1 25  ? -4.22934  2.38162   -12.90762 0.611 42.24114  ? 648 SER A CA  1 
ATOM   199  C CA  B SER A 1 25  ? -4.23055  2.38489   -12.91294 0.389 42.22309  ? 648 SER A CA  1 
ATOM   200  C C   . SER A 1 25  ? -5.05526  1.21879   -13.44166 1.000 37.80574  ? 648 SER A C   1 
ATOM   201  O O   . SER A 1 25  ? -6.05643  0.84279   -12.82253 1.000 41.14004  ? 648 SER A O   1 
ATOM   202  C CB  A SER A 1 25  ? -4.80331  3.70340   -13.41947 0.611 42.76700  ? 648 SER A CB  1 
ATOM   203  C CB  B SER A 1 25  ? -4.80100  3.70354   -13.43798 0.389 42.75382  ? 648 SER A CB  1 
ATOM   204  O OG  A SER A 1 25  ? -4.61450  3.82482   -14.81741 0.611 44.12647  ? 648 SER A OG  1 
ATOM   205  O OG  B SER A 1 25  ? -4.06466  4.80788   -12.94481 0.389 37.40909  ? 648 SER A OG  1 
ATOM   206  N N   . PHE A 1 26  ? -4.67441  0.64354   -14.58474 1.000 38.05411  ? 649 PHE A N   1 
ATOM   207  C CA  . PHE A 1 26  ? -5.50009  -0.41552  -15.15849 1.000 41.55439  ? 649 PHE A CA  1 
ATOM   208  C C   . PHE A 1 26  ? -5.53562  -1.63811  -14.25070 1.000 44.53360  ? 649 PHE A C   1 
ATOM   209  O O   . PHE A 1 26  ? -6.60956  -2.17046  -13.94714 1.000 43.81868  ? 649 PHE A O   1 
ATOM   210  C CB  . PHE A 1 26  ? -5.00468  -0.80863  -16.54965 1.000 38.81557  ? 649 PHE A CB  1 
ATOM   211  C CG  . PHE A 1 26  ? -5.91341  -1.78151  -17.24643 1.000 38.95622  ? 649 PHE A CG  1 
ATOM   212  C CD1 . PHE A 1 26  ? -6.98445  -1.32807  -17.99924 1.000 47.41882  ? 649 PHE A CD1 1 
ATOM   213  C CD2 . PHE A 1 26  ? -5.71814  -3.15187  -17.12227 1.000 45.01843  ? 649 PHE A CD2 1 
ATOM   214  C CE1 . PHE A 1 26  ? -7.83398  -2.22082  -18.62958 1.000 43.48531  ? 649 PHE A CE1 1 
ATOM   215  C CE2 . PHE A 1 26  ? -6.56468  -4.04787  -17.74735 1.000 49.93547  ? 649 PHE A CE2 1 
ATOM   216  C CZ  . PHE A 1 26  ? -7.62329  -3.58211  -18.50375 1.000 48.25270  ? 649 PHE A CZ  1 
ATOM   217  N N   . TRP A 1 27  ? -4.36531  -2.10806  -13.81986 1.000 42.23069  ? 650 TRP A N   1 
ATOM   218  C CA  . TRP A 1 27  ? -4.32690  -3.26283  -12.92947 1.000 43.26012  ? 650 TRP A CA  1 
ATOM   219  C C   . TRP A 1 27  ? -4.95043  -2.93478  -11.57887 1.000 38.83865  ? 650 TRP A C   1 
ATOM   220  O O   . TRP A 1 27  ? -5.68048  -3.75299  -11.00942 1.000 41.15972  ? 650 TRP A O   1 
ATOM   221  C CB  . TRP A 1 27  ? -2.88780  -3.74473  -12.75983 1.000 39.55230  ? 650 TRP A CB  1 
ATOM   222  C CG  . TRP A 1 27  ? -2.75444  -4.90271  -11.81665 1.000 44.19264  ? 650 TRP A CG  1 
ATOM   223  C CD1 . TRP A 1 27  ? -2.84891  -6.23016  -12.12641 1.000 45.88740  ? 650 TRP A CD1 1 
ATOM   224  C CD2 . TRP A 1 27  ? -2.50780  -4.83600  -10.40666 1.000 39.22566  ? 650 TRP A CD2 1 
ATOM   225  N NE1 . TRP A 1 27  ? -2.67266  -6.99380  -10.99636 1.000 43.06073  ? 650 TRP A NE1 1 
ATOM   226  C CE2 . TRP A 1 27  ? -2.46420  -6.16268  -9.92704  1.000 48.52910  ? 650 TRP A CE2 1 
ATOM   227  C CE3 . TRP A 1 27  ? -2.32241  -3.78525  -9.50282  1.000 36.71109  ? 650 TRP A CE3 1 
ATOM   228  C CZ2 . TRP A 1 27  ? -2.23810  -6.46433  -8.58593  1.000 45.51527  ? 650 TRP A CZ2 1 
ATOM   229  C CZ3 . TRP A 1 27  ? -2.09758  -4.08589  -8.17125  1.000 46.78052  ? 650 TRP A CZ3 1 
ATOM   230  C CH2 . TRP A 1 27  ? -2.05877  -5.41613  -7.72494  1.000 46.90530  ? 650 TRP A CH2 1 
ATOM   231  N N   . VAL A 1 28  ? -4.68813  -1.73864  -11.05552 1.000 40.34688  ? 651 VAL A N   1 
ATOM   232  C CA  . VAL A 1 28  ? -5.26194  -1.36188  -9.76706  1.000 41.83006  ? 651 VAL A CA  1 
ATOM   233  C C   . VAL A 1 28  ? -6.78412  -1.34105  -9.84716  1.000 45.14310  ? 651 VAL A C   1 
ATOM   234  O O   . VAL A 1 28  ? -7.47564  -1.90328  -8.98964  1.000 41.34868  ? 651 VAL A O   1 
ATOM   235  C CB  . VAL A 1 28  ? -4.69543  -0.01085  -9.29989  1.000 35.99779  ? 651 VAL A CB  1 
ATOM   236  C CG1 . VAL A 1 28  ? -5.45288  0.48603   -8.07983  1.000 39.85626  ? 651 VAL A CG1 1 
ATOM   237  C CG2 . VAL A 1 28  ? -3.21601  -0.14703  -8.97763  1.000 36.70682  ? 651 VAL A CG2 1 
ATOM   238  N N   . LYS A 1 29  ? -7.33013  -0.72289  -10.89655 1.000 42.47995  ? 652 LYS A N   1 
ATOM   239  C CA  . LYS A 1 29  ? -8.77810  -0.54572  -10.97010 1.000 46.10128  ? 652 LYS A CA  1 
ATOM   240  C C   . LYS A 1 29  ? -9.50433  -1.80136  -11.43744 1.000 48.72945  ? 652 LYS A C   1 
ATOM   241  O O   . LYS A 1 29  ? -10.66298 -2.01103  -11.06216 1.000 51.99286  ? 652 LYS A O   1 
ATOM   242  C CB  . LYS A 1 29  ? -9.13000  0.62426   -11.89613 1.000 48.35436  ? 652 LYS A CB  1 
ATOM   243  C CG  . LYS A 1 29  ? -8.65052  1.98772   -11.41794 1.000 49.66526  ? 652 LYS A CG  1 
ATOM   244  C CD  . LYS A 1 29  ? -9.27760  3.10255   -12.24895 1.000 63.73998  ? 652 LYS A CD  1 
ATOM   245  C CE  . LYS A 1 29  ? -8.48392  4.40380   -12.16010 1.000 77.02621  ? 652 LYS A CE  1 
ATOM   246  N NZ  . LYS A 1 29  ? -8.41916  4.95975   -10.78048 1.000 68.96205  ? 652 LYS A NZ  1 
ATOM   247  N N   . ASN A 1 30  ? -8.86292  -2.64223  -12.24957 1.000 40.01649  ? 653 ASN A N   1 
ATOM   248  C CA  . ASN A 1 30  ? -9.53415  -3.81719  -12.79056 1.000 48.61679  ? 653 ASN A CA  1 
ATOM   249  C C   . ASN A 1 30  ? -9.17904  -5.11333  -12.07545 1.000 48.98820  ? 653 ASN A C   1 
ATOM   250  O O   . ASN A 1 30  ? -9.91703  -6.09416  -12.21556 1.000 48.63467  ? 653 ASN A O   1 
ATOM   251  C CB  . ASN A 1 30  ? -9.22389  -3.97196  -14.28470 1.000 46.41251  ? 653 ASN A CB  1 
ATOM   252  C CG  . ASN A 1 30  ? -9.87298  -2.88782  -15.12909 1.000 59.58740  ? 653 ASN A CG  1 
ATOM   253  O OD1 . ASN A 1 30  ? -11.03670 -2.99918  -15.51820 1.000 64.85304  ? 653 ASN A OD1 1 
ATOM   254  N ND2 . ASN A 1 30  ? -9.12254  -1.83163  -15.41324 1.000 52.40890  ? 653 ASN A ND2 1 
ATOM   255  N N   . GLU A 1 31  ? -8.08184  -5.14692  -11.31770 1.000 49.15145  ? 654 GLU A N   1 
ATOM   256  C CA  . GLU A 1 31  ? -7.69106  -6.34519  -10.57987 1.000 46.96180  ? 654 GLU A CA  1 
ATOM   257  C C   . GLU A 1 31  ? -7.67695  -6.11488  -9.07436  1.000 56.46800  ? 654 GLU A C   1 
ATOM   258  O O   . GLU A 1 31  ? -8.40118  -6.80311  -8.34720  1.000 52.75015  ? 654 GLU A O   1 
ATOM   259  C CB  . GLU A 1 31  ? -6.31772  -6.83957  -11.05630 1.000 50.04440  ? 654 GLU A CB  1 
ATOM   260  C CG  . GLU A 1 31  ? -6.30881  -7.45620  -12.44417 1.000 50.18487  ? 654 GLU A CG  1 
ATOM   261  C CD  . GLU A 1 31  ? -6.77425  -8.89948  -12.45232 1.000 66.45996  ? 654 GLU A CD  1 
ATOM   262  O OE1 . GLU A 1 31  ? -7.23547  -9.38985  -11.39818 1.000 54.62424  ? 654 GLU A OE1 1 
ATOM   263  O OE2 . GLU A 1 31  ? -6.67136  -9.54626  -13.51611 1.000 84.06459  ? 654 GLU A OE2 1 
ATOM   264  N N   . LEU A 1 32  ? -6.87838  -5.16307  -8.58237  1.000 48.99236  ? 655 LEU A N   1 
ATOM   265  C CA  . LEU A 1 32  ? -6.69173  -5.00962  -7.14135  1.000 46.71012  ? 655 LEU A CA  1 
ATOM   266  C C   . LEU A 1 32  ? -7.97694  -4.55625  -6.45787  1.000 52.95815  ? 655 LEU A C   1 
ATOM   267  O O   . LEU A 1 32  ? -8.47896  -5.22440  -5.54606  1.000 45.37774  ? 655 LEU A O   1 
ATOM   268  C CB  . LEU A 1 32  ? -5.55478  -4.02319  -6.86064  1.000 41.54329  ? 655 LEU A CB  1 
ATOM   269  C CG  . LEU A 1 32  ? -5.28592  -3.71781  -5.38579  1.000 42.48136  ? 655 LEU A CG  1 
ATOM   270  C CD1 . LEU A 1 32  ? -5.00693  -5.00609  -4.63591  1.000 42.13268  ? 655 LEU A CD1 1 
ATOM   271  C CD2 . LEU A 1 32  ? -4.11439  -2.76669  -5.22214  1.000 35.19004  ? 655 LEU A CD2 1 
ATOM   272  N N   . LEU A 1 33  ? -8.51632  -3.41162  -6.87790  1.000 45.48314  ? 656 LEU A N   1 
ATOM   273  C CA  . LEU A 1 33  ? -9.72552  -2.88173  -6.24834  1.000 42.92766  ? 656 LEU A CA  1 
ATOM   274  C C   . LEU A 1 33  ? -10.90170 -3.84862  -6.29178  1.000 45.65868  ? 656 LEU A C   1 
ATOM   275  O O   . LEU A 1 33  ? -11.55936 -4.02541  -5.25157  1.000 57.68638  ? 656 LEU A O   1 
ATOM   276  C CB  . LEU A 1 33  ? -10.09217 -1.53581  -6.88651  1.000 44.07379  ? 656 LEU A CB  1 
ATOM   277  C CG  . LEU A 1 33  ? -9.69352  -0.28596  -6.10644  1.000 63.14599  ? 656 LEU A CG  1 
ATOM   278  C CD1 . LEU A 1 33  ? -10.43211 -0.22739  -4.78031  1.000 56.10499  ? 656 LEU A CD1 1 
ATOM   279  C CD2 . LEU A 1 33  ? -8.19688  -0.26393  -5.88441  1.000 60.38489  ? 656 LEU A CD2 1 
ATOM   280  N N   . PRO A 1 34  ? -11.23380 -4.49182  -7.41976  1.000 53.89994  ? 657 PRO A N   1 
ATOM   281  C CA  . PRO A 1 34  ? -12.37016 -5.42853  -7.39286  1.000 62.08776  ? 657 PRO A CA  1 
ATOM   282  C C   . PRO A 1 34  ? -12.17833 -6.58768  -6.43080  1.000 58.51339  ? 657 PRO A C   1 
ATOM   283  O O   . PRO A 1 34  ? -13.12017 -6.95457  -5.71969  1.000 62.04460  ? 657 PRO A O   1 
ATOM   284  C CB  . PRO A 1 34  ? -12.45967 -5.90874  -8.84845  1.000 62.30613  ? 657 PRO A CB  1 
ATOM   285  C CG  . PRO A 1 34  ? -11.83096 -4.82406  -9.64132  1.000 60.55366  ? 657 PRO A CG  1 
ATOM   286  C CD  . PRO A 1 34  ? -10.71056 -4.32387  -8.78859  1.000 56.89201  ? 657 PRO A CD  1 
ATOM   287  N N   . ASN A 1 35  ? -10.98082 -7.17297  -6.37974  1.000 56.92086  ? 658 ASN A N   1 
ATOM   288  C CA  . ASN A 1 35  ? -10.77195 -8.33016  -5.51661  1.000 55.74094  ? 658 ASN A CA  1 
ATOM   289  C C   . ASN A 1 35  ? -10.87412 -7.96475  -4.04313  1.000 58.26569  ? 658 ASN A C   1 
ATOM   290  O O   . ASN A 1 35  ? -11.30514 -8.79141  -3.23120  1.000 63.88105  ? 658 ASN A O   1 
ATOM   291  C CB  . ASN A 1 35  ? -9.41991  -8.97469  -5.81461  1.000 59.64322  ? 658 ASN A CB  1 
ATOM   292  C CG  . ASN A 1 35  ? -9.47541  -9.91133  -7.00331  1.000 69.34755  ? 658 ASN A CG  1 
ATOM   293  O OD1 . ASN A 1 35  ? -9.71251  -11.11107 -6.85169  1.000 68.49606  ? 658 ASN A OD1 1 
ATOM   294  N ND2 . ASN A 1 35  ? -9.26503  -9.36778  -8.19622  1.000 56.37929  ? 658 ASN A ND2 1 
ATOM   295  N N   . LEU A 1 36  ? -10.48845 -6.74287  -3.67605  1.000 47.84957  ? 659 LEU A N   1 
ATOM   296  C CA  . LEU A 1 36  ? -10.62098 -6.32880  -2.28535  1.000 45.73650  ? 659 LEU A CA  1 
ATOM   297  C C   . LEU A 1 36  ? -12.03790 -5.86235  -1.97405  1.000 54.68118  ? 659 LEU A C   1 
ATOM   298  O O   . LEU A 1 36  ? -12.58715 -6.20307  -0.92132  1.000 52.89833  ? 659 LEU A O   1 
ATOM   299  C CB  . LEU A 1 36  ? -9.61191  -5.22515  -1.96388  1.000 45.33197  ? 659 LEU A CB  1 
ATOM   300  C CG  . LEU A 1 36  ? -8.13886  -5.60511  -2.10356  1.000 45.09610  ? 659 LEU A CG  1 
ATOM   301  C CD1 . LEU A 1 36  ? -7.25556  -4.47386  -1.62720  1.000 42.94884  ? 659 LEU A CD1 1 
ATOM   302  C CD2 . LEU A 1 36  ? -7.84220  -6.88602  -1.33057  1.000 53.24780  ? 659 LEU A CD2 1 
ATOM   303  N N   . GLU A 1 37  ? -12.64953 -5.09234  -2.87725  1.000 60.36446  ? 660 GLU A N   1 
ATOM   304  C CA  . GLU A 1 37  ? -13.95607 -4.51163  -2.58636  1.000 50.90258  ? 660 GLU A CA  1 
ATOM   305  C C   . GLU A 1 37  ? -15.08882 -5.51815  -2.73580  1.000 55.20781  ? 660 GLU A C   1 
ATOM   306  O O   . GLU A 1 37  ? -16.08527 -5.42684  -2.00987  1.000 62.73588  ? 660 GLU A O   1 
ATOM   307  C CB  . GLU A 1 37  ? -14.20465 -3.29702  -3.48067  1.000 54.36522  ? 660 GLU A CB  1 
ATOM   308  C CG  . GLU A 1 37  ? -13.28752 -2.13218  -3.16926  1.000 44.10756  ? 660 GLU A CG  1 
ATOM   309  C CD  . GLU A 1 37  ? -13.71716 -0.84719  -3.85442  1.000 67.57991  ? 660 GLU A CD  1 
ATOM   310  O OE1 . GLU A 1 37  ? -14.38221 -0.92677  -4.90826  1.000 62.74010  ? 660 GLU A OE1 1 
ATOM   311  O OE2 . GLU A 1 37  ? -13.39098 0.24229   -3.33655  1.000 69.58429  ? 660 GLU A OE2 1 
ATOM   312  N N   . LYS A 1 38  ? -14.96547 -6.47769  -3.65714  1.000 58.05081  ? 661 LYS A N   1 
ATOM   313  C CA  . LYS A 1 38  ? -15.97712 -7.52297  -3.75714  1.000 63.66912  ? 661 LYS A CA  1 
ATOM   314  C C   . LYS A 1 38  ? -16.01146 -8.39696  -2.51204  1.000 69.36254  ? 661 LYS A C   1 
ATOM   315  O O   . LYS A 1 38  ? -16.99181 -9.11845  -2.30127  1.000 73.75831  ? 661 LYS A O   1 
ATOM   316  C CB  . LYS A 1 38  ? -15.73812 -8.38791  -4.99585  1.000 60.89426  ? 661 LYS A CB  1 
ATOM   317  N N   . GLU A 1 39  ? -14.96757 -8.34721  -1.68703  1.000 64.88092  ? 662 GLU A N   1 
ATOM   318  C CA  . GLU A 1 39  ? -14.93439 -9.04331  -0.40829  1.000 75.81967  ? 662 GLU A CA  1 
ATOM   319  C C   . GLU A 1 39  ? -15.52516 -8.21986  0.72933   1.000 69.26134  ? 662 GLU A C   1 
ATOM   320  O O   . GLU A 1 39  ? -15.59589 -8.71299  1.85931   1.000 78.59727  ? 662 GLU A O   1 
ATOM   321  C CB  . GLU A 1 39  ? -13.49410 -9.44082  -0.06157  1.000 71.93468  ? 662 GLU A CB  1 
ATOM   322  C CG  . GLU A 1 39  ? -12.98749 -10.67089 -0.80190  1.000 84.28710  ? 662 GLU A CG  1 
ATOM   323  C CD  . GLU A 1 39  ? -13.38732 -11.97120 -0.12314  1.000 86.52721  ? 662 GLU A CD  1 
ATOM   324  O OE1 . GLU A 1 39  ? -13.49899 -11.98599 1.12194   1.000 78.33376  ? 662 GLU A OE1 1 
ATOM   325  O OE2 . GLU A 1 39  ? -13.58968 -12.97847 -0.83439  1.000 92.03454  ? 662 GLU A OE2 1 
ATOM   326  N N   . GLY A 1 40  ? -15.94594 -6.98728  0.46386   1.000 60.99374  ? 663 GLY A N   1 
ATOM   327  C CA  . GLY A 1 40  ? -16.53524 -6.14339  1.48110   1.000 56.87548  ? 663 GLY A CA  1 
ATOM   328  C C   . GLY A 1 40  ? -15.58925 -5.17420  2.15257   1.000 57.97756  ? 663 GLY A C   1 
ATOM   329  O O   . GLY A 1 40  ? -15.98968 -4.51445  3.11895   1.000 61.98499  ? 663 GLY A O   1 
ATOM   330  N N   . MET A 1 41  ? -14.35481 -5.05902  1.67537   1.000 57.87798  ? 664 MET A N   1 
ATOM   331  C CA  . MET A 1 41  ? -13.38106 -4.19052  2.31548   1.000 55.77456  ? 664 MET A CA  1 
ATOM   332  C C   . MET A 1 41  ? -13.61039 -2.73264  1.93773   1.000 50.39817  ? 664 MET A C   1 
ATOM   333  O O   . MET A 1 41  ? -14.08980 -2.41484  0.84560   1.000 58.11543  ? 664 MET A O   1 
ATOM   334  C CB  . MET A 1 41  ? -11.96086 -4.60456  1.93555   1.000 46.66895  ? 664 MET A CB  1 
ATOM   335  C CG  . MET A 1 41  ? -11.50071 -5.88639  2.59752   1.000 53.27819  ? 664 MET A CG  1 
ATOM   336  S SD  . MET A 1 41  ? -9.81999  -6.29774  2.11313   1.000 63.38153  ? 664 MET A SD  1 
ATOM   337  C CE  . MET A 1 41  ? -9.59317  -7.87064  2.94499   1.000 52.88121  ? 664 MET A CE  1 
ATOM   338  N N   . GLN A 1 42  ? -13.26007 -1.84626  2.86484   1.000 52.35112  ? 665 GLN A N   1 
ATOM   339  C CA  . GLN A 1 42  ? -13.33600 -0.40572  2.66392   1.000 57.53303  ? 665 GLN A CA  1 
ATOM   340  C C   . GLN A 1 42  ? -11.93844 0.10574   2.34166   1.000 54.51683  ? 665 GLN A C   1 
ATOM   341  O O   . GLN A 1 42  ? -10.99963 -0.11797  3.11483   1.000 50.59185  ? 665 GLN A O   1 
ATOM   342  C CB  . GLN A 1 42  ? -13.89527 0.28569   3.90665   1.000 55.57524  ? 665 GLN A CB  1 
ATOM   343  C CG  . GLN A 1 42  ? -15.22529 -0.28113  4.37943   1.000 59.93067  ? 665 GLN A CG  1 
ATOM   344  C CD  . GLN A 1 42  ? -16.31827 -0.13691  3.33970   1.000 67.62793  ? 665 GLN A CD  1 
ATOM   345  O OE1 . GLN A 1 42  ? -16.35240 0.83893   2.58969   1.000 73.02304  ? 665 GLN A OE1 1 
ATOM   346  N NE2 . GLN A 1 42  ? -17.21479 -1.11451  3.28378   1.000 69.86225  ? 665 GLN A NE2 1 
ATOM   347  N N   . ILE A 1 43  ? -11.80427 0.79293   1.21018   1.000 53.34546  ? 666 ILE A N   1 
ATOM   348  C CA  . ILE A 1 43  ? -10.50581 1.16484   0.65962   1.000 52.88055  ? 666 ILE A CA  1 
ATOM   349  C C   . ILE A 1 43  ? -10.42496 2.68238   0.56228   1.000 43.46064  ? 666 ILE A C   1 
ATOM   350  O O   . ILE A 1 43  ? -11.29166 3.31564   -0.05288  1.000 53.40679  ? 666 ILE A O   1 
ATOM   351  C CB  . ILE A 1 43  ? -10.27134 0.52178   -0.71671  1.000 46.92769  ? 666 ILE A CB  1 
ATOM   352  C CG1 . ILE A 1 43  ? -10.37209 -1.00468  -0.62388  1.000 50.57824  ? 666 ILE A CG1 1 
ATOM   353  C CG2 . ILE A 1 43  ? -8.92475  0.94752   -1.27339  1.000 43.69702  ? 666 ILE A CG2 1 
ATOM   354  C CD1 . ILE A 1 43  ? -9.42617  -1.61872  0.38717   1.000 46.52403  ? 666 ILE A CD1 1 
ATOM   355  N N   . CYS A 1 44  ? -9.38731  3.26155   1.16840   1.000 47.90105  ? 667 CYS A N   1 
ATOM   356  C CA  . CYS A 1 44  ? -9.03783  4.66443   0.96686   1.000 45.34009  ? 667 CYS A CA  1 
ATOM   357  C C   . CYS A 1 44  ? -8.15023  4.74392   -0.26719  1.000 52.79688  ? 667 CYS A C   1 
ATOM   358  O O   . CYS A 1 44  ? -7.08830  4.11530   -0.30969  1.000 47.36936  ? 667 CYS A O   1 
ATOM   359  C CB  . CYS A 1 44  ? -8.31570  5.23604   2.18893   1.000 45.88684  ? 667 CYS A CB  1 
ATOM   360  S SG  . CYS A 1 44  ? -8.49926  7.03767   2.44994   1.000 54.12705  ? 667 CYS A SG  1 
ATOM   361  N N   . LEU A 1 45  ? -8.57535  5.50164   -1.27300  1.000 47.62339  ? 668 LEU A N   1 
ATOM   362  C CA  . LEU A 1 45  ? -7.96127  5.39093   -2.58610  1.000 57.56114  ? 668 LEU A CA  1 
ATOM   363  C C   . LEU A 1 45  ? -7.26870  6.68375   -2.98938  1.000 73.73311  ? 668 LEU A C   1 
ATOM   364  O O   . LEU A 1 45  ? -7.78377  7.78404   -2.75643  1.000 59.51990  ? 668 LEU A O   1 
ATOM   365  C CB  . LEU A 1 45  ? -8.99502  4.99483   -3.63863  1.000 61.41272  ? 668 LEU A CB  1 
ATOM   366  C CG  . LEU A 1 45  ? -8.39657  4.40616   -4.91354  1.000 64.24875  ? 668 LEU A CG  1 
ATOM   367  C CD1 . LEU A 1 45  ? -7.41119  3.30698   -4.56011  1.000 61.43847  ? 668 LEU A CD1 1 
ATOM   368  C CD2 . LEU A 1 45  ? -9.49256  3.87597   -5.82096  1.000 62.97091  ? 668 LEU A CD2 1 
ATOM   369  N N   . HIS A 1 46  ? -6.08976  6.52682   -3.59385  1.000 77.80854  ? 669 HIS A N   1 
ATOM   370  C CA  . HIS A 1 46  ? -5.32904  7.62813   -4.16835  1.000 89.27312  ? 669 HIS A CA  1 
ATOM   371  C C   . HIS A 1 46  ? -6.19550  8.41274   -5.14610  1.000 72.80116  ? 669 HIS A C   1 
ATOM   372  O O   . HIS A 1 46  ? -6.57015  7.89219   -6.20257  1.000 79.87726  ? 669 HIS A O   1 
ATOM   373  C CB  . HIS A 1 46  ? -4.07607  7.08772   -4.86749  1.000 81.58481  ? 669 HIS A CB  1 
ATOM   374  C CG  . HIS A 1 46  ? -2.81818  7.82948   -4.53320  1.000 83.40938  ? 669 HIS A CG  1 
ATOM   375  N ND1 . HIS A 1 46  ? -1.67936  7.19463   -4.08354  1.000 60.01032  ? 669 HIS A ND1 1 
ATOM   376  C CD2 . HIS A 1 46  ? -2.51316  9.14758   -4.59844  1.000 73.37806  ? 669 HIS A CD2 1 
ATOM   377  C CE1 . HIS A 1 46  ? -0.73095  8.09091   -3.87563  1.000 69.33699  ? 669 HIS A CE1 1 
ATOM   378  N NE2 . HIS A 1 46  ? -1.21088  9.28360   -4.18107  1.000 77.03450  ? 669 HIS A NE2 1 
ATOM   379  N N   . GLU A 1 47  ? -6.53878  9.64926   -4.78264  1.000 75.61505  ? 670 GLU A N   1 
ATOM   380  C CA  . GLU A 1 47  ? -7.30209  10.63383  -5.54303  1.000 84.52192  ? 670 GLU A CA  1 
ATOM   381  C C   . GLU A 1 47  ? -8.80819  10.36359  -5.52974  1.000 82.36709  ? 670 GLU A C   1 
ATOM   382  O O   . GLU A 1 47  ? -9.57120  11.23717  -5.94157  1.000 81.88691  ? 670 GLU A O   1 
ATOM   383  C CB  . GLU A 1 47  ? -6.83778  10.76774  -7.00775  1.000 81.50797  ? 670 GLU A CB  1 
ATOM   384  N N   . ARG A 1 48  ? -9.26830  9.19779   -5.07790  1.000 74.34809  ? 671 ARG A N   1 
ATOM   385  C CA  . ARG A 1 48  ? -10.70227 8.92910   -5.02934  1.000 68.96980  ? 671 ARG A CA  1 
ATOM   386  C C   . ARG A 1 48  ? -11.32860 9.40540   -3.72355  1.000 70.67258  ? 671 ARG A C   1 
ATOM   387  O O   . ARG A 1 48  ? -12.46344 9.89400   -3.72225  1.000 74.15304  ? 671 ARG A O   1 
ATOM   388  C CB  . ARG A 1 48  ? -10.96085 7.43204   -5.22861  1.000 80.46947  ? 671 ARG A CB  1 
ATOM   389  C CG  . ARG A 1 48  ? -12.39569 7.05527   -5.58388  1.000 79.65117  ? 671 ARG A CG  1 
ATOM   390  C CD  . ARG A 1 48  ? -13.17488 6.55181   -4.37387  1.000 76.99861  ? 671 ARG A CD  1 
ATOM   391  N NE  . ARG A 1 48  ? -12.50385 5.45047   -3.68226  1.000 75.11534  ? 671 ARG A NE  1 
ATOM   392  C CZ  . ARG A 1 48  ? -12.74625 4.15891   -3.89677  1.000 70.06432  ? 671 ARG A CZ  1 
ATOM   393  N NH1 . ARG A 1 48  ? -13.64604 3.78175   -4.79504  1.000 71.74946  ? 671 ARG A NH1 1 
ATOM   394  N NH2 . ARG A 1 48  ? -12.08479 3.23919   -3.20887  1.000 76.56855  ? 671 ARG A NH2 1 
ATOM   395  N N   . ASN A 1 49  ? -10.60989 9.27228   -2.61058  1.000 71.90071  ? 672 ASN A N   1 
ATOM   396  C CA  . ASN A 1 49  ? -11.05880 9.76119   -1.31444  1.000 54.60181  ? 672 ASN A CA  1 
ATOM   397  C C   . ASN A 1 49  ? -10.33414 11.02896  -0.89250  1.000 69.96708  ? 672 ASN A C   1 
ATOM   398  O O   . ASN A 1 49  ? -10.53655 11.50309  0.23001   1.000 79.79444  ? 672 ASN A O   1 
ATOM   399  C CB  . ASN A 1 49  ? -10.87279 8.68212   -0.24468  1.000 70.38528  ? 672 ASN A CB  1 
ATOM   400  C CG  . ASN A 1 49  ? -11.73811 7.46501   -0.48851  1.000 54.49037  ? 672 ASN A CG  1 
ATOM   401  O OD1 . ASN A 1 49  ? -11.30439 6.49554   -1.11017  1.000 66.05641  ? 672 ASN A OD1 1 
ATOM   402  N ND2 . ASN A 1 49  ? -12.97330 7.50931   0.00144   1.000 59.44396  ? 672 ASN A ND2 1 
ATOM   403  N N   . PHE A 1 50  ? -9.49304  11.58299  -1.76066  1.000 75.19339  ? 673 PHE A N   1 
ATOM   404  C CA  . PHE A 1 50  ? -8.75409  12.78879  -1.41739  1.000 69.52034  ? 673 PHE A CA  1 
ATOM   405  C C   . PHE A 1 50  ? -9.69313  13.98886  -1.37827  1.000 63.73488  ? 673 PHE A C   1 
ATOM   406  O O   . PHE A 1 50  ? -10.62261 14.09941  -2.18257  1.000 66.43491  ? 673 PHE A O   1 
ATOM   407  C CB  . PHE A 1 50  ? -7.61981  13.02530  -2.41748  1.000 66.42357  ? 673 PHE A CB  1 
ATOM   408  C CG  . PHE A 1 50  ? -6.45583  12.07396  -2.26403  1.000 64.28006  ? 673 PHE A CG  1 
ATOM   409  C CD1 . PHE A 1 50  ? -6.50513  11.02297  -1.35872  1.000 61.08436  ? 673 PHE A CD1 1 
ATOM   410  C CD2 . PHE A 1 50  ? -5.30236  12.24778  -3.01403  1.000 67.29782  ? 673 PHE A CD2 1 
ATOM   411  C CE1 . PHE A 1 50  ? -5.43320  10.15453  -1.21594  1.000 57.35840  ? 673 PHE A CE1 1 
ATOM   412  C CE2 . PHE A 1 50  ? -4.22748  11.38496  -2.87488  1.000 70.21673  ? 673 PHE A CE2 1 
ATOM   413  C CZ  . PHE A 1 50  ? -4.29381  10.33653  -1.97293  1.000 51.07937  ? 673 PHE A CZ  1 
ATOM   414  N N   . VAL A 1 51  ? -9.44706  14.88632  -0.42928  1.000 70.95802  ? 674 VAL A N   1 
ATOM   415  C CA  . VAL A 1 51  ? -10.32007 16.03071  -0.17478  1.000 67.27915  ? 674 VAL A CA  1 
ATOM   416  C C   . VAL A 1 51  ? -9.73872  17.27311  -0.84083  1.000 68.83885  ? 674 VAL A C   1 
ATOM   417  O O   . VAL A 1 51  ? -8.52033  17.49308  -0.77725  1.000 66.73406  ? 674 VAL A O   1 
ATOM   418  C CB  . VAL A 1 51  ? -10.50937 16.24380  1.33622   1.000 70.84573  ? 674 VAL A CB  1 
ATOM   419  C CG1 . VAL A 1 51  ? -11.27594 17.52650  1.61784   1.000 70.26648  ? 674 VAL A CG1 1 
ATOM   420  C CG2 . VAL A 1 51  ? -11.22180 15.04798  1.94919   1.000 73.59004  ? 674 VAL A CG2 1 
ATOM   421  N N   . PRO A 1 52  ? -10.55405 18.09897  -1.49730  1.000 69.23870  ? 675 PRO A N   1 
ATOM   422  C CA  . PRO A 1 52  ? -10.03806 19.35793  -2.04388  1.000 70.46186  ? 675 PRO A CA  1 
ATOM   423  C C   . PRO A 1 52  ? -9.73214  20.35711  -0.94106  1.000 66.59624  ? 675 PRO A C   1 
ATOM   424  O O   . PRO A 1 52  ? -10.31759 20.32497  0.14458   1.000 68.60934  ? 675 PRO A O   1 
ATOM   425  C CB  . PRO A 1 52  ? -11.18072 19.85287  -2.93781  1.000 68.83541  ? 675 PRO A CB  1 
ATOM   426  C CG  . PRO A 1 52  ? -12.40438 19.23840  -2.34405  1.000 75.02087  ? 675 PRO A CG  1 
ATOM   427  C CD  . PRO A 1 52  ? -11.96992 17.88603  -1.84571  1.000 69.51546  ? 675 PRO A CD  1 
ATOM   428  N N   . GLY A 1 53  ? -8.80464  21.26217  -1.23713  1.000 65.06966  ? 676 GLY A N   1 
ATOM   429  C CA  . GLY A 1 53  ? -8.36459  22.23455  -0.26295  1.000 61.86849  ? 676 GLY A CA  1 
ATOM   430  C C   . GLY A 1 53  ? -7.21470  21.78323  0.60755   1.000 60.24993  ? 676 GLY A C   1 
ATOM   431  O O   . GLY A 1 53  ? -6.83684  22.51213  1.53243   1.000 51.69968  ? 676 GLY A O   1 
ATOM   432  N N   . LYS A 1 54  ? -6.65562  20.60278  0.35200   1.000 70.07395  ? 677 LYS A N   1 
ATOM   433  C CA  . LYS A 1 54  ? -5.51675  20.08619  1.09332   1.000 63.75204  ? 677 LYS A CA  1 
ATOM   434  C C   . LYS A 1 54  ? -4.44046  19.66159  0.10627   1.000 55.87638  ? 677 LYS A C   1 
ATOM   435  O O   . LYS A 1 54  ? -4.71892  19.37458  -1.06035  1.000 55.28810  ? 677 LYS A O   1 
ATOM   436  C CB  . LYS A 1 54  ? -5.90504  18.89250  1.98212   1.000 63.30179  ? 677 LYS A CB  1 
ATOM   437  C CG  . LYS A 1 54  ? -7.18881  19.08110  2.77645   1.000 74.43238  ? 677 LYS A CG  1 
ATOM   438  C CD  . LYS A 1 54  ? -7.05424  20.17847  3.82195   1.000 76.59995  ? 677 LYS A CD  1 
ATOM   439  C CE  . LYS A 1 54  ? -8.32833  20.30750  4.64739   1.000 71.76187  ? 677 LYS A CE  1 
ATOM   440  N NZ  . LYS A 1 54  ? -8.16312  21.23038  5.80545   1.000 86.17220  ? 677 LYS A NZ  1 
ATOM   441  N N   . SER A 1 55  ? -3.20174  19.62152  0.58408   1.000 54.05444  ? 678 SER A N   1 
ATOM   442  C CA  . SER A 1 55  ? -2.12162  19.13841  -0.25819  1.000 54.97672  ? 678 SER A CA  1 
ATOM   443  C C   . SER A 1 55  ? -2.22981  17.62626  -0.43743  1.000 63.52308  ? 678 SER A C   1 
ATOM   444  O O   . SER A 1 55  ? -2.93756  16.93346  0.30034   1.000 55.70156  ? 678 SER A O   1 
ATOM   445  C CB  . SER A 1 55  ? -0.76397  19.50698  0.33767   1.000 57.22899  ? 678 SER A CB  1 
ATOM   446  O OG  . SER A 1 55  ? -0.56093  18.87079  1.58508   1.000 57.45433  ? 678 SER A OG  1 
ATOM   447  N N   . ILE A 1 56  ? -1.52531  17.11592  -1.44958  1.000 58.47654  ? 679 ILE A N   1 
ATOM   448  C CA  . ILE A 1 56  ? -1.53273  15.67597  -1.69378  1.000 58.39976  ? 679 ILE A CA  1 
ATOM   449  C C   . ILE A 1 56  ? -0.94097  14.93803  -0.50193  1.000 55.17719  ? 679 ILE A C   1 
ATOM   450  O O   . ILE A 1 56  ? -1.41912  13.86385  -0.11773  1.000 52.21412  ? 679 ILE A O   1 
ATOM   451  C CB  . ILE A 1 56  ? -0.78575  15.34665  -2.99973  1.000 63.19558  ? 679 ILE A CB  1 
ATOM   452  C CG1 . ILE A 1 56  ? -1.52228  15.95183  -4.19476  1.000 65.34489  ? 679 ILE A CG1 1 
ATOM   453  C CG2 . ILE A 1 56  ? -0.64625  13.83931  -3.17789  1.000 53.48690  ? 679 ILE A CG2 1 
ATOM   454  C CD1 . ILE A 1 56  ? -2.96080  15.49250  -4.32097  1.000 74.43190  ? 679 ILE A CD1 1 
ATOM   455  N N   . VAL A 1 57  ? 0.09405   15.51451  0.11381   1.000 54.53930  ? 680 VAL A N   1 
ATOM   456  C CA  . VAL A 1 57  ? 0.69559   14.90894  1.29904   1.000 61.23213  ? 680 VAL A CA  1 
ATOM   457  C C   . VAL A 1 57  ? -0.34526  14.74716  2.39937   1.000 64.68027  ? 680 VAL A C   1 
ATOM   458  O O   . VAL A 1 57  ? -0.47694  13.67324  2.99919   1.000 58.51392  ? 680 VAL A O   1 
ATOM   459  C CB  . VAL A 1 57  ? 1.89382   15.74586  1.78017   1.000 65.72481  ? 680 VAL A CB  1 
ATOM   460  C CG1 . VAL A 1 57  ? 2.50845   15.11917  3.02356   1.000 66.43026  ? 680 VAL A CG1 1 
ATOM   461  C CG2 . VAL A 1 57  ? 2.92465   15.87444  0.67431   1.000 76.15757  ? 680 VAL A CG2 1 
ATOM   462  N N   . GLU A 1 58  ? -1.10429  15.81257  2.67769   1.000 50.66452  ? 681 GLU A N   1 
ATOM   463  C CA  . GLU A 1 58  ? -2.12764  15.73747  3.71697   1.000 51.09974  ? 681 GLU A CA  1 
ATOM   464  C C   . GLU A 1 58  ? -3.18576  14.70137  3.37314   1.000 47.91443  ? 681 GLU A C   1 
ATOM   465  O O   . GLU A 1 58  ? -3.67019  13.98108  4.25386   1.000 51.21415  ? 681 GLU A O   1 
ATOM   466  C CB  . GLU A 1 58  ? -2.78803  17.10067  3.92216   1.000 43.70163  ? 681 GLU A CB  1 
ATOM   467  C CG  . GLU A 1 58  ? -1.86262  18.20390  4.37225   1.000 70.48706  ? 681 GLU A CG  1 
ATOM   468  C CD  . GLU A 1 58  ? -2.56171  19.54743  4.38201   1.000 72.14476  ? 681 GLU A CD  1 
ATOM   469  O OE1 . GLU A 1 58  ? -3.45915  19.74312  5.22822   1.000 69.57442  ? 681 GLU A OE1 1 
ATOM   470  O OE2 . GLU A 1 58  ? -2.23356  20.39452  3.52510   1.000 70.25967  ? 681 GLU A OE2 1 
ATOM   471  N N   . ASN A 1 59  ? -3.57023  14.62242  2.09848   1.000 44.95651  ? 682 ASN A N   1 
ATOM   472  C CA  . ASN A 1 59  ? -4.54614  13.61946  1.69237   1.000 46.05974  ? 682 ASN A CA  1 
ATOM   473  C C   . ASN A 1 59  ? -4.00307  12.21295  1.89755   1.000 47.75042  ? 682 ASN A C   1 
ATOM   474  O O   . ASN A 1 59  ? -4.72847  11.32440  2.35558   1.000 44.20958  ? 682 ASN A O   1 
ATOM   475  C CB  . ASN A 1 59  ? -4.94877  13.83765  0.23723   1.000 46.16811  ? 682 ASN A CB  1 
ATOM   476  C CG  . ASN A 1 59  ? -5.91941  14.98474  0.07497   1.000 63.17728  ? 682 ASN A CG  1 
ATOM   477  O OD1 . ASN A 1 59  ? -6.86886  15.11939  0.84597   1.000 57.19206  ? 682 ASN A OD1 1 
ATOM   478  N ND2 . ASN A 1 59  ? -5.68229  15.82464  -0.92256  1.000 54.34875  ? 682 ASN A ND2 1 
ATOM   479  N N   . ILE A 1 60  ? -2.72458  11.99828  1.57801   1.000 45.90921  ? 683 ILE A N   1 
ATOM   480  C CA  . ILE A 1 60  ? -2.10937  10.68736  1.78211   1.000 51.54274  ? 683 ILE A CA  1 
ATOM   481  C C   . ILE A 1 60  ? -2.06466  10.34744  3.26603   1.000 50.07779  ? 683 ILE A C   1 
ATOM   482  O O   . ILE A 1 60  ? -2.44262  9.24511   3.68090   1.000 45.07538  ? 683 ILE A O   1 
ATOM   483  C CB  . ILE A 1 60  ? -0.70435  10.64963  1.15514   1.000 46.77487  ? 683 ILE A CB  1 
ATOM   484  C CG1 . ILE A 1 60  ? -0.79720  10.68567  -0.37166  1.000 51.84827  ? 683 ILE A CG1 1 
ATOM   485  C CG2 . ILE A 1 60  ? 0.06258   9.41805   1.62621   1.000 48.09507  ? 683 ILE A CG2 1 
ATOM   486  C CD1 . ILE A 1 60  ? 0.55102   10.69173  -1.05935  1.000 49.65151  ? 683 ILE A CD1 1 
ATOM   487  N N   . ILE A 1 61  ? -1.60721  11.29483  4.08952   1.000 51.61961  ? 684 ILE A N   1 
ATOM   488  C CA  . ILE A 1 61  ? -1.52292  11.05348  5.52787   1.000 50.20615  ? 684 ILE A CA  1 
ATOM   489  C C   . ILE A 1 61  ? -2.90143  10.75752  6.10562   1.000 55.34274  ? 684 ILE A C   1 
ATOM   490  O O   . ILE A 1 61  ? -3.05416  9.88419   6.96819   1.000 53.09438  ? 684 ILE A O   1 
ATOM   491  C CB  . ILE A 1 61  ? -0.85461  12.24706  6.23329   1.000 57.02773  ? 684 ILE A CB  1 
ATOM   492  C CG1 . ILE A 1 61  ? 0.60639   12.35576  5.80281   1.000 59.91804  ? 684 ILE A CG1 1 
ATOM   493  C CG2 . ILE A 1 61  ? -0.95462  12.10338  7.74577   1.000 57.90697  ? 684 ILE A CG2 1 
ATOM   494  C CD1 . ILE A 1 61  ? 1.36107   11.05311  5.91714   1.000 69.38432  ? 684 ILE A CD1 1 
ATOM   495  N N   . THR A 1 62  ? -3.92777  11.46332  5.62891   1.000 46.48247  ? 685 THR A N   1 
ATOM   496  C CA  . THR A 1 62  ? -5.28078  11.23474  6.12816   1.000 47.05603  ? 685 THR A CA  1 
ATOM   497  C C   . THR A 1 62  ? -5.74793  9.81611   5.82053   1.000 50.22922  ? 685 THR A C   1 
ATOM   498  O O   . THR A 1 62  ? -6.30482  9.13116   6.68756   1.000 49.12284  ? 685 THR A O   1 
ATOM   499  C CB  . THR A 1 62  ? -6.23732  12.26625  5.53000   1.000 48.42647  ? 685 THR A CB  1 
ATOM   500  O OG1 . THR A 1 62  ? -5.86579  13.57288  5.98593   1.000 51.32877  ? 685 THR A OG1 1 
ATOM   501  C CG2 . THR A 1 62  ? -7.67125  11.97892  5.94929   1.000 45.66208  ? 685 THR A CG2 1 
ATOM   502  N N   . CYS A 1 63  ? -5.52440  9.35469   4.58703   1.000 44.14196  ? 686 CYS A N   1 
ATOM   503  C CA  . CYS A 1 63  ? -5.85016  7.97186   4.25047   1.000 48.36560  ? 686 CYS A CA  1 
ATOM   504  C C   . CYS A 1 63  ? -5.10404  6.99410   5.14958   1.000 46.08333  ? 686 CYS A C   1 
ATOM   505  O O   . CYS A 1 63  ? -5.67986  6.00404   5.61516   1.000 47.54884  ? 686 CYS A O   1 
ATOM   506  C CB  . CYS A 1 63  ? -5.52045  7.68934   2.78698   1.000 47.29544  ? 686 CYS A CB  1 
ATOM   507  S SG  . CYS A 1 63  ? -6.86781  7.91098   1.60175   1.000 51.93520  ? 686 CYS A SG  1 
ATOM   508  N N   . ILE A 1 64  ? -3.82281  7.25932   5.41052   1.000 46.96088  ? 687 ILE A N   1 
ATOM   509  C CA  . ILE A 1 64  ? -3.02346  6.34003   6.21386   1.000 51.75690  ? 687 ILE A CA  1 
ATOM   510  C C   . ILE A 1 64  ? -3.55532  6.27079   7.63953   1.000 53.30785  ? 687 ILE A C   1 
ATOM   511  O O   . ILE A 1 64  ? -3.69508  5.18234   8.21216   1.000 54.16384  ? 687 ILE A O   1 
ATOM   512  C CB  . ILE A 1 64  ? -1.54165  6.75599   6.17542   1.000 49.74113  ? 687 ILE A CB  1 
ATOM   513  C CG1 . ILE A 1 64  ? -0.97695  6.56931   4.76619   1.000 55.89899  ? 687 ILE A CG1 1 
ATOM   514  C CG2 . ILE A 1 64  ? -0.72739  5.96077   7.19099   1.000 50.95303  ? 687 ILE A CG2 1 
ATOM   515  C CD1 . ILE A 1 64  ? 0.47660   6.95881   4.63168   1.000 47.37963  ? 687 ILE A CD1 1 
ATOM   516  N N   . GLU A 1 65  ? -3.87646  7.42642   8.22761   1.000 47.70901  ? 688 GLU A N   1 
ATOM   517  C CA  . GLU A 1 65  ? -4.34641  7.46372   9.60877   1.000 49.52819  ? 688 GLU A CA  1 
ATOM   518  C C   . GLU A 1 65  ? -5.71642  6.81767   9.76377   1.000 51.05790  ? 688 GLU A C   1 
ATOM   519  O O   . GLU A 1 65  ? -6.01664  6.25822   10.82509  1.000 52.63183  ? 688 GLU A O   1 
ATOM   520  C CB  . GLU A 1 65  ? -4.39097  8.90892   10.11216  1.000 51.78888  ? 688 GLU A CB  1 
ATOM   521  C CG  . GLU A 1 65  ? -3.05182  9.62520   10.07302  1.000 54.62382  ? 688 GLU A CG  1 
ATOM   522  C CD  . GLU A 1 65  ? -3.14638  11.07671  10.51647  1.000 65.20371  ? 688 GLU A CD  1 
ATOM   523  O OE1 . GLU A 1 65  ? -2.23650  11.53321  11.23978  1.000 70.20624  ? 688 GLU A OE1 1 
ATOM   524  O OE2 . GLU A 1 65  ? -4.12923  11.75815  10.14661  1.000 60.70548  ? 688 GLU A OE2 1 
ATOM   525  N N   . LYS A 1 66  ? -6.55635  6.88245   8.73244   1.000 39.60931  ? 689 LYS A N   1 
ATOM   526  C CA  . LYS A 1 66  ? -7.89325  6.30808   8.79027   1.000 44.38424  ? 689 LYS A CA  1 
ATOM   527  C C   . LYS A 1 66  ? -7.94981  4.85385   8.33089   1.000 42.61039  ? 689 LYS A C   1 
ATOM   528  O O   . LYS A 1 66  ? -9.04207  4.27853   8.28820   1.000 48.37565  ? 689 LYS A O   1 
ATOM   529  C CB  . LYS A 1 66  ? -8.85986  7.14281   7.94768   1.000 43.69711  ? 689 LYS A CB  1 
ATOM   530  C CG  . LYS A 1 66  ? -9.03583  8.57397   8.44335   1.000 46.58736  ? 689 LYS A CG  1 
ATOM   531  C CD  . LYS A 1 66  ? -10.12787 9.29288   7.67280   1.000 58.59335  ? 689 LYS A CD  1 
ATOM   532  C CE  . LYS A 1 66  ? -10.32258 10.70788  8.19967   1.000 62.69184  ? 689 LYS A CE  1 
ATOM   533  N NZ  . LYS A 1 66  ? -10.55524 10.70795  9.67132   1.000 73.14416  ? 689 LYS A NZ  1 
ATOM   534  N N   . SER A 1 67  ? -6.81871  4.24735   7.98285   1.000 44.06082  ? 690 SER A N   1 
ATOM   535  C CA  . SER A 1 67  ? -6.80055  2.89985   7.43030   1.000 46.17588  ? 690 SER A CA  1 
ATOM   536  C C   . SER A 1 67  ? -6.05808  1.95080   8.36103   1.000 40.68540  ? 690 SER A C   1 
ATOM   537  O O   . SER A 1 67  ? -5.02229  2.30544   8.93191   1.000 46.14597  ? 690 SER A O   1 
ATOM   538  C CB  . SER A 1 67  ? -6.15104  2.87601   6.04108   1.000 50.32274  ? 690 SER A CB  1 
ATOM   539  O OG  . SER A 1 67  ? -6.87707  3.67849   5.12460   1.000 45.44045  ? 690 SER A OG  1 
ATOM   540  N N   . TYR A 1 68  ? -6.59321  0.73600   8.49895   1.000 45.94415  ? 691 TYR A N   1 
ATOM   541  C CA  . TYR A 1 68  ? -5.92739  -0.27828  9.31112   1.000 43.87550  ? 691 TYR A CA  1 
ATOM   542  C C   . TYR A 1 68  ? -4.55973  -0.62756  8.73807   1.000 42.19089  ? 691 TYR A C   1 
ATOM   543  O O   . TYR A 1 68  ? -3.57736  -0.74252  9.47963   1.000 47.48161  ? 691 TYR A O   1 
ATOM   544  C CB  . TYR A 1 68  ? -6.80676  -1.52539  9.41174   1.000 42.45146  ? 691 TYR A CB  1 
ATOM   545  C CG  . TYR A 1 68  ? -6.36733  -2.50441  10.48462  1.000 42.18561  ? 691 TYR A CG  1 
ATOM   546  C CD1 . TYR A 1 68  ? -6.28095  -2.11239  11.81337  1.000 51.44253  ? 691 TYR A CD1 1 
ATOM   547  C CD2 . TYR A 1 68  ? -6.05354  -3.81709  10.16940  1.000 48.50034  ? 691 TYR A CD2 1 
ATOM   548  C CE1 . TYR A 1 68  ? -5.88723  -3.00017  12.80039  1.000 59.03604  ? 691 TYR A CE1 1 
ATOM   549  C CE2 . TYR A 1 68  ? -5.65601  -4.71290  11.15027  1.000 59.44763  ? 691 TYR A CE2 1 
ATOM   550  C CZ  . TYR A 1 68  ? -5.57525  -4.29827  12.46394  1.000 58.86181  ? 691 TYR A CZ  1 
ATOM   551  O OH  . TYR A 1 68  ? -5.18156  -5.18408  13.44557  1.000 68.62771  ? 691 TYR A OH  1 
ATOM   552  N N   . LYS A 1 69  ? -4.47323  -0.78238  7.41875   1.000 38.90298  ? 692 LYS A N   1 
ATOM   553  C CA  . LYS A 1 69  ? -3.22156  -1.08649  6.74305   1.000 44.26259  ? 692 LYS A CA  1 
ATOM   554  C C   . LYS A 1 69  ? -3.02328  -0.12198  5.58094   1.000 45.76568  ? 692 LYS A C   1 
ATOM   555  O O   . LYS A 1 69  ? -3.97667  0.45937   5.06335   1.000 39.89498  ? 692 LYS A O   1 
ATOM   556  C CB  . LYS A 1 69  ? -3.20358  -2.52827  6.22808   1.000 41.72497  ? 692 LYS A CB  1 
ATOM   557  C CG  . LYS A 1 69  ? -3.48624  -3.57305  7.30234   1.000 40.18565  ? 692 LYS A CG  1 
ATOM   558  C CD  . LYS A 1 69  ? -2.30943  -3.71223  8.25212   1.000 38.94487  ? 692 LYS A CD  1 
ATOM   559  C CE  . LYS A 1 69  ? -2.62561  -4.69921  9.36265   1.000 49.66210  ? 692 LYS A CE  1 
ATOM   560  N NZ  . LYS A 1 69  ? -3.34194  -5.88999  8.83594   1.000 40.31890  ? 692 LYS A NZ  1 
ATOM   561  N N   . SER A 1 70  ? -1.76682  0.04152   5.17480   1.000 44.65869  ? 693 SER A N   1 
ATOM   562  C CA  . SER A 1 70  ? -1.41331  0.78736   3.97458   1.000 41.69326  ? 693 SER A CA  1 
ATOM   563  C C   . SER A 1 70  ? -0.74474  -0.15649  2.98597   1.000 43.67291  ? 693 SER A C   1 
ATOM   564  O O   . SER A 1 70  ? 0.12430   -0.94890  3.36716   1.000 43.86543  ? 693 SER A O   1 
ATOM   565  C CB  . SER A 1 70  ? -0.49037  1.96308   4.29837   1.000 40.48532  ? 693 SER A CB  1 
ATOM   566  O OG  . SER A 1 70  ? -1.18639  2.97709   5.00692   1.000 43.69890  ? 693 SER A OG  1 
ATOM   567  N N   . ILE A 1 71  ? -1.15338  -0.07107  1.72345   1.000 38.05397  ? 694 ILE A N   1 
ATOM   568  C CA  . ILE A 1 71  ? -0.64724  -0.92777  0.65592   1.000 39.47425  ? 694 ILE A CA  1 
ATOM   569  C C   . ILE A 1 71  ? 0.07162   -0.04993  -0.35757  1.000 50.82354  ? 694 ILE A C   1 
ATOM   570  O O   . ILE A 1 71  ? -0.52895  0.87739   -0.91363  1.000 41.92920  ? 694 ILE A O   1 
ATOM   571  C CB  . ILE A 1 71  ? -1.77866  -1.71205  -0.02558  1.000 39.45809  ? 694 ILE A CB  1 
ATOM   572  C CG1 . ILE A 1 71  ? -2.47496  -2.63376  0.97417   1.000 44.16445  ? 694 ILE A CG1 1 
ATOM   573  C CG2 . ILE A 1 71  ? -1.24808  -2.48477  -1.22346  1.000 38.48373  ? 694 ILE A CG2 1 
ATOM   574  C CD1 . ILE A 1 71  ? -3.69142  -3.30796  0.40296   1.000 39.65436  ? 694 ILE A CD1 1 
ATOM   575  N N   . PHE A 1 72  ? 1.34627   -0.34229  -0.60385  1.000 41.22404  ? 695 PHE A N   1 
ATOM   576  C CA  . PHE A 1 72  ? 2.10392   0.30920   -1.66577  1.000 38.60403  ? 695 PHE A CA  1 
ATOM   577  C C   . PHE A 1 72  ? 2.19371   -0.63203  -2.85856  1.000 45.42537  ? 695 PHE A C   1 
ATOM   578  O O   . PHE A 1 72  ? 2.60088   -1.78967  -2.71282  1.000 41.17234  ? 695 PHE A O   1 
ATOM   579  C CB  . PHE A 1 72  ? 3.51204   0.69707   -1.20981  1.000 39.62945  ? 695 PHE A CB  1 
ATOM   580  C CG  . PHE A 1 72  ? 3.54827   1.80767   -0.19512  1.000 42.82255  ? 695 PHE A CG  1 
ATOM   581  C CD1 . PHE A 1 72  ? 2.41940   2.55915   0.08273   1.000 44.23797  ? 695 PHE A CD1 1 
ATOM   582  C CD2 . PHE A 1 72  ? 4.72287   2.09831   0.47938   1.000 48.32056  ? 695 PHE A CD2 1 
ATOM   583  C CE1 . PHE A 1 72  ? 2.45849   3.57708   1.01954   1.000 57.03912  ? 695 PHE A CE1 1 
ATOM   584  C CE2 . PHE A 1 72  ? 4.77062   3.11603   1.41654   1.000 56.33495  ? 695 PHE A CE2 1 
ATOM   585  C CZ  . PHE A 1 72  ? 3.63694   3.85595   1.68687   1.000 51.90483  ? 695 PHE A CZ  1 
ATOM   586  N N   . VAL A 1 73  ? 1.81054   -0.13548  -4.03239  1.000 40.47948  ? 696 VAL A N   1 
ATOM   587  C CA  . VAL A 1 73  ? 1.86739   -0.92084  -5.26638  1.000 36.98589  ? 696 VAL A CA  1 
ATOM   588  C C   . VAL A 1 73  ? 3.20422   -0.58822  -5.92243  1.000 40.61965  ? 696 VAL A C   1 
ATOM   589  O O   . VAL A 1 73  ? 3.32185   0.34537   -6.71728  1.000 41.83467  ? 696 VAL A O   1 
ATOM   590  C CB  . VAL A 1 73  ? 0.67621   -0.63916  -6.17636  1.000 37.18107  ? 696 VAL A CB  1 
ATOM   591  C CG1 . VAL A 1 73  ? 0.74434   -1.49641  -7.43346  1.000 41.12351  ? 696 VAL A CG1 1 
ATOM   592  C CG2 . VAL A 1 73  ? -0.61880  -0.88912  -5.42377  1.000 38.48758  ? 696 VAL A CG2 1 
ATOM   593  N N   . LEU A 1 74  ? 4.22794   -1.36264  -5.57398  1.000 36.55376  ? 697 LEU A N   1 
ATOM   594  C CA  . LEU A 1 74  ? 5.58260   -1.09167  -6.02909  1.000 40.61224  ? 697 LEU A CA  1 
ATOM   595  C C   . LEU A 1 74  ? 5.75570   -1.48162  -7.48919  1.000 47.32699  ? 697 LEU A C   1 
ATOM   596  O O   . LEU A 1 74  ? 5.26824   -2.52377  -7.93496  1.000 43.46449  ? 697 LEU A O   1 
ATOM   597  C CB  . LEU A 1 74  ? 6.60081   -1.84590  -5.17365  1.000 42.21445  ? 697 LEU A CB  1 
ATOM   598  C CG  . LEU A 1 74  ? 6.57988   -1.57453  -3.66911  1.000 43.23743  ? 697 LEU A CG  1 
ATOM   599  C CD1 . LEU A 1 74  ? 7.68808   -2.35392  -2.96832  1.000 43.68756  ? 697 LEU A CD1 1 
ATOM   600  C CD2 . LEU A 1 74  ? 6.69713   -0.08084  -3.39132  1.000 52.06845  ? 697 LEU A CD2 1 
ATOM   601  N N   . SER A 1 75  ? 6.46872   -0.63836  -8.22558  1.000 44.73257  ? 698 SER A N   1 
ATOM   602  C CA  . SER A 1 75  ? 6.75246   -0.83303  -9.63917  1.000 46.93372  ? 698 SER A CA  1 
ATOM   603  C C   . SER A 1 75  ? 7.73075   0.25172   -10.06609 1.000 47.41030  ? 698 SER A C   1 
ATOM   604  O O   . SER A 1 75  ? 7.92433   1.22401   -9.32491  1.000 43.12311  ? 698 SER A O   1 
ATOM   605  C CB  . SER A 1 75  ? 5.47371   -0.76506  -10.47376 1.000 43.29009  ? 698 SER A CB  1 
ATOM   606  O OG  . SER A 1 75  ? 5.04764   0.58097   -10.64158 1.000 46.66953  ? 698 SER A OG  1 
ATOM   607  N N   . PRO A 1 76  ? 8.37777   0.12610   -11.22777 1.000 46.29086  ? 699 PRO A N   1 
ATOM   608  C CA  . PRO A 1 76  ? 9.17611   1.25519   -11.72965 1.000 41.61671  ? 699 PRO A CA  1 
ATOM   609  C C   . PRO A 1 76  ? 8.38322   2.54666   -11.81288 1.000 42.24729  ? 699 PRO A C   1 
ATOM   610  O O   . PRO A 1 76  ? 8.92969   3.62062   -11.53458 1.000 45.91080  ? 699 PRO A O   1 
ATOM   611  C CB  . PRO A 1 76  ? 9.62953   0.76408   -13.10911 1.000 46.86997  ? 699 PRO A CB  1 
ATOM   612  C CG  . PRO A 1 76  ? 9.71999   -0.71752  -12.94853 1.000 42.93935  ? 699 PRO A CG  1 
ATOM   613  C CD  . PRO A 1 76  ? 8.55823   -1.08234  -12.05213 1.000 44.75180  ? 699 PRO A CD  1 
ATOM   614  N N   . ASN A 1 77  ? 7.09942   2.46563   -12.17672 1.000 39.84817  ? 700 ASN A N   1 
ATOM   615  C CA  . ASN A 1 77  ? 6.26198   3.65960   -12.21963 1.000 47.34664  ? 700 ASN A CA  1 
ATOM   616  C C   . ASN A 1 77  ? 6.09994   4.26367   -10.83242 1.000 53.51176  ? 700 ASN A C   1 
ATOM   617  O O   . ASN A 1 77  ? 6.19474   5.48461   -10.66326 1.000 44.34864  ? 700 ASN A O   1 
ATOM   618  C CB  . ASN A 1 77  ? 4.89450   3.32280   -12.81539 1.000 46.95281  ? 700 ASN A CB  1 
ATOM   619  C CG  . ASN A 1 77  ? 4.98687   2.79967   -14.23556 1.000 59.80401  ? 700 ASN A CG  1 
ATOM   620  O OD1 . ASN A 1 77  ? 5.81343   3.25659   -15.02617 1.000 43.75794  ? 700 ASN A OD1 1 
ATOM   621  N ND2 . ASN A 1 77  ? 4.13593   1.83221   -14.56630 1.000 50.85310  ? 700 ASN A ND2 1 
ATOM   622  N N   . PHE A 1 78  ? 5.85615   3.42020   -9.82597  1.000 44.22742  ? 701 PHE A N   1 
ATOM   623  C CA  . PHE A 1 78  ? 5.66841   3.91576   -8.46642  1.000 41.60113  ? 701 PHE A CA  1 
ATOM   624  C C   . PHE A 1 78  ? 6.92817   4.59556   -7.95179  1.000 38.72758  ? 701 PHE A C   1 
ATOM   625  O O   . PHE A 1 78  ? 6.85521   5.62964   -7.27631  1.000 47.02038  ? 701 PHE A O   1 
ATOM   626  C CB  . PHE A 1 78  ? 5.26780   2.76320   -7.54481  1.000 44.06819  ? 701 PHE A CB  1 
ATOM   627  C CG  . PHE A 1 78  ? 4.86043   3.19861   -6.16544  1.000 42.21402  ? 701 PHE A CG  1 
ATOM   628  C CD1 . PHE A 1 78  ? 3.56702   3.62239   -5.91595  1.000 43.53103  ? 701 PHE A CD1 1 
ATOM   629  C CD2 . PHE A 1 78  ? 5.76419   3.16490   -5.11578  1.000 44.90712  ? 701 PHE A CD2 1 
ATOM   630  C CE1 . PHE A 1 78  ? 3.18391   4.01880   -4.64736  1.000 50.61921  ? 701 PHE A CE1 1 
ATOM   631  C CE2 . PHE A 1 78  ? 5.38641   3.55481   -3.84405  1.000 42.74595  ? 701 PHE A CE2 1 
ATOM   632  C CZ  . PHE A 1 78  ? 4.09569   3.98279   -3.61015  1.000 46.42620  ? 701 PHE A CZ  1 
ATOM   633  N N   . VAL A 1 79  ? 8.09447   4.02576   -8.26115  1.000 39.27220  ? 702 VAL A N   1 
ATOM   634  C CA  . VAL A 1 79  ? 9.35372   4.63137   -7.84464  1.000 40.81226  ? 702 VAL A CA  1 
ATOM   635  C C   . VAL A 1 79  ? 9.51303   6.00870   -8.47043  1.000 42.91133  ? 702 VAL A C   1 
ATOM   636  O O   . VAL A 1 79  ? 9.91931   6.96972   -7.80591  1.000 43.52411  ? 702 VAL A O   1 
ATOM   637  C CB  . VAL A 1 79  ? 10.53046  3.71356   -8.21467  1.000 38.43013  ? 702 VAL A CB  1 
ATOM   638  C CG1 . VAL A 1 79  ? 11.84705  4.38193   -7.86785  1.000 48.22233  ? 702 VAL A CG1 1 
ATOM   639  C CG2 . VAL A 1 79  ? 10.39507  2.36346   -7.50896  1.000 41.48544  ? 702 VAL A CG2 1 
ATOM   640  N N   . GLN A 1 80  ? 9.18677   6.12827   -9.75424  1.000 44.17055  ? 703 GLN A N   1 
ATOM   641  C CA  . GLN A 1 80  ? 9.47336   7.36300   -10.47076 1.000 47.32405  ? 703 GLN A CA  1 
ATOM   642  C C   . GLN A 1 80  ? 8.47784   8.47140   -10.15786 1.000 49.88656  ? 703 GLN A C   1 
ATOM   643  O O   . GLN A 1 80  ? 8.85938   9.64703   -10.15461 1.000 58.04464  ? 703 GLN A O   1 
ATOM   644  C CB  . GLN A 1 80  ? 9.51117   7.09378   -11.97443 1.000 47.44739  ? 703 GLN A CB  1 
ATOM   645  C CG  . GLN A 1 80  ? 10.72485  6.29803   -12.40959 1.000 49.63471  ? 703 GLN A CG  1 
ATOM   646  C CD  . GLN A 1 80  ? 10.93537  6.32795   -13.90904 1.000 61.56107  ? 703 GLN A CD  1 
ATOM   647  O OE1 . GLN A 1 80  ? 9.98418   6.46662   -14.67887 1.000 51.56419  ? 703 GLN A OE1 1 
ATOM   648  N NE2 . GLN A 1 80  ? 12.18827  6.20609   -14.33258 1.000 68.55509  ? 703 GLN A NE2 1 
ATOM   649  N N   . SER A 1 81  ? 7.21274   8.13933   -9.88558  1.000 48.93894  ? 704 SER A N   1 
ATOM   650  C CA  . SER A 1 81  ? 6.19352   9.17120   -9.72859  1.000 53.99946  ? 704 SER A CA  1 
ATOM   651  C C   . SER A 1 81  ? 5.62139   9.29257   -8.32236  1.000 54.70356  ? 704 SER A C   1 
ATOM   652  O O   . SER A 1 81  ? 5.06310   10.34361  -7.99665  1.000 46.29520  ? 704 SER A O   1 
ATOM   653  C CB  . SER A 1 81  ? 5.03238   8.93323   -10.70795 1.000 55.90863  ? 704 SER A CB  1 
ATOM   654  O OG  . SER A 1 81  ? 4.19564   7.87215   -10.27463 1.000 57.23918  ? 704 SER A OG  1 
ATOM   655  N N   . GLU A 1 82  ? 5.74267   8.26902   -7.48167  1.000 45.68016  ? 705 GLU A N   1 
ATOM   656  C CA  . GLU A 1 82  ? 5.07257   8.28823   -6.18791  1.000 46.54801  ? 705 GLU A CA  1 
ATOM   657  C C   . GLU A 1 82  ? 6.00087   8.21453   -4.98815  1.000 45.48253  ? 705 GLU A C   1 
ATOM   658  O O   . GLU A 1 82  ? 5.67478   8.79814   -3.95105  1.000 46.23124  ? 705 GLU A O   1 
ATOM   659  C CB  . GLU A 1 82  ? 4.06502   7.13203   -6.08288  1.000 49.80528  ? 705 GLU A CB  1 
ATOM   660  C CG  . GLU A 1 82  ? 3.00244   7.13440   -7.16263  1.000 53.82241  ? 705 GLU A CG  1 
ATOM   661  C CD  . GLU A 1 82  ? 2.17461   8.40400   -7.17100  1.000 50.56539  ? 705 GLU A CD  1 
ATOM   662  O OE1 . GLU A 1 82  ? 1.80605   8.88976   -6.07829  1.000 51.55521  ? 705 GLU A OE1 1 
ATOM   663  O OE2 . GLU A 1 82  ? 1.89879   8.91925   -8.27462  1.000 55.93239  ? 705 GLU A OE2 1 
ATOM   664  N N   . TRP A 1 83  ? 7.13824   7.51955   -5.08571  1.000 44.24405  ? 706 TRP A N   1 
ATOM   665  C CA  . TRP A 1 83  ? 7.87760   7.20002   -3.86949  1.000 44.96400  ? 706 TRP A CA  1 
ATOM   666  C C   . TRP A 1 83  ? 8.44217   8.43840   -3.18250  1.000 47.32750  ? 706 TRP A C   1 
ATOM   667  O O   . TRP A 1 83  ? 8.55592   8.45426   -1.95140  1.000 45.91685  ? 706 TRP A O   1 
ATOM   668  C CB  . TRP A 1 83  ? 9.01241   6.21650   -4.14623  1.000 46.55814  ? 706 TRP A CB  1 
ATOM   669  C CG  . TRP A 1 83  ? 9.75757   5.95553   -2.88539  1.000 52.72805  ? 706 TRP A CG  1 
ATOM   670  C CD1 . TRP A 1 83  ? 10.99579  6.41739   -2.55064  1.000 56.50682  ? 706 TRP A CD1 1 
ATOM   671  C CD2 . TRP A 1 83  ? 9.27335   5.24075   -1.74462  1.000 51.62410  ? 706 TRP A CD2 1 
ATOM   672  N NE1 . TRP A 1 83  ? 11.32711  6.00351   -1.28386  1.000 54.55611  ? 706 TRP A NE1 1 
ATOM   673  C CE2 . TRP A 1 83  ? 10.28463  5.28054   -0.76704  1.000 52.94395  ? 706 TRP A CE2 1 
ATOM   674  C CE3 . TRP A 1 83  ? 8.08909   4.55496   -1.46215  1.000 53.71719  ? 706 TRP A CE3 1 
ATOM   675  C CZ2 . TRP A 1 83  ? 10.14949  4.65921   0.47026   1.000 54.33350  ? 706 TRP A CZ2 1 
ATOM   676  C CZ3 . TRP A 1 83  ? 7.95651   3.94081   -0.23275  1.000 55.21474  ? 706 TRP A CZ3 1 
ATOM   677  C CH2 . TRP A 1 83  ? 8.98011   3.99674   0.71783   1.000 54.56155  ? 706 TRP A CH2 1 
ATOM   678  N N   . CYS A 1 84  ? 8.80193   9.47557   -3.94371  1.000 45.25781  ? 707 CYS A N   1 
ATOM   679  C CA  . CYS A 1 84  ? 9.44138   10.63843  -3.33434  1.000 51.98362  ? 707 CYS A CA  1 
ATOM   680  C C   . CYS A 1 84  ? 8.62480   11.18504  -2.16932  1.000 47.50248  ? 707 CYS A C   1 
ATOM   681  O O   . CYS A 1 84  ? 9.19167   11.59539  -1.15014  1.000 52.11147  ? 707 CYS A O   1 
ATOM   682  C CB  . CYS A 1 84  ? 9.67560   11.73168  -4.37519  1.000 48.00584  ? 707 CYS A CB  1 
ATOM   683  S SG  . CYS A 1 84  ? 10.47701  13.20050  -3.68053  1.000 56.45972  ? 707 CYS A SG  1 
ATOM   684  N N   . HIS A 1 85  ? 7.29266   11.19483  -2.29940  1.000 45.35979  ? 708 HIS A N   1 
ATOM   685  C CA  . HIS A 1 85  ? 6.43893   11.66411  -1.20959  1.000 53.60236  ? 708 HIS A CA  1 
ATOM   686  C C   . HIS A 1 85  ? 6.79671   10.97364  0.09898   1.000 55.87613  ? 708 HIS A C   1 
ATOM   687  O O   . HIS A 1 85  ? 6.92332   11.61829  1.14630   1.000 50.75124  ? 708 HIS A O   1 
ATOM   688  C CB  . HIS A 1 85  ? 4.96269   11.41557  -1.53260  1.000 52.82633  ? 708 HIS A CB  1 
ATOM   689  C CG  . HIS A 1 85  ? 4.46865   12.12614  -2.75335  1.000 58.27395  ? 708 HIS A CG  1 
ATOM   690  N ND1 . HIS A 1 85  ? 4.51593   13.49648  -2.89073  1.000 64.94538  ? 708 HIS A ND1 1 
ATOM   691  C CD2 . HIS A 1 85  ? 3.88711   11.65486  -3.88188  1.000 59.86423  ? 708 HIS A CD2 1 
ATOM   692  C CE1 . HIS A 1 85  ? 4.00068   13.83766  -4.05867  1.000 67.18808  ? 708 HIS A CE1 1 
ATOM   693  N NE2 . HIS A 1 85  ? 3.61343   12.73826  -4.68029  1.000 65.99446  ? 708 HIS A NE2 1 
ATOM   694  N N   . TYR A 1 86  ? 6.97442   9.65310   0.04943   1.000 51.00394  ? 709 TYR A N   1 
ATOM   695  C CA  . TYR A 1 86  ? 7.21828   8.88417   1.26298   1.000 51.45476  ? 709 TYR A CA  1 
ATOM   696  C C   . TYR A 1 86  ? 8.66224   9.00843   1.73016   1.000 52.40235  ? 709 TYR A C   1 
ATOM   697  O O   . TYR A 1 86  ? 8.91695   9.08588   2.93663   1.000 61.17297  ? 709 TYR A O   1 
ATOM   698  C CB  . TYR A 1 86  ? 6.83671   7.42180   1.03202   1.000 52.31879  ? 709 TYR A CB  1 
ATOM   699  C CG  . TYR A 1 86  ? 5.38618   7.27257   0.64801   1.000 46.70317  ? 709 TYR A CG  1 
ATOM   700  C CD1 . TYR A 1 86  ? 5.01544   7.01743   -0.66289  1.000 46.27956  ? 709 TYR A CD1 1 
ATOM   701  C CD2 . TYR A 1 86  ? 4.38432   7.42789   1.59227   1.000 42.61679  ? 709 TYR A CD2 1 
ATOM   702  C CE1 . TYR A 1 86  ? 3.68681   6.89988   -1.01623  1.000 47.16547  ? 709 TYR A CE1 1 
ATOM   703  C CE2 . TYR A 1 86  ? 3.05530   7.31148   1.24897   1.000 42.53836  ? 709 TYR A CE2 1 
ATOM   704  C CZ  . TYR A 1 86  ? 2.71126   7.04810   -0.05469  1.000 45.54049  ? 709 TYR A CZ  1 
ATOM   705  O OH  . TYR A 1 86  ? 1.38407   6.93512   -0.39642  1.000 54.03636  ? 709 TYR A OH  1 
ATOM   706  N N   . GLU A 1 87  ? 9.61838   9.03365   0.79855   1.000 50.36992  ? 710 GLU A N   1 
ATOM   707  C CA  . GLU A 1 87  ? 11.01040  9.22485   1.19202   1.000 51.88748  ? 710 GLU A CA  1 
ATOM   708  C C   . GLU A 1 87  ? 11.18858  10.54578  1.92829   1.000 62.75696  ? 710 GLU A C   1 
ATOM   709  O O   . GLU A 1 87  ? 11.88487  10.60937  2.94809   1.000 48.87855  ? 710 GLU A O   1 
ATOM   710  C CB  . GLU A 1 87  ? 11.92148  9.16547   -0.03410  1.000 55.15799  ? 710 GLU A CB  1 
ATOM   711  C CG  . GLU A 1 87  ? 13.40860  9.10634   0.29637   1.000 56.03528  ? 710 GLU A CG  1 
ATOM   712  C CD  . GLU A 1 87  ? 13.83405  7.76719   0.88299   1.000 64.35285  ? 710 GLU A CD  1 
ATOM   713  O OE1 . GLU A 1 87  ? 13.16013  6.74903   0.61291   1.000 61.58018  ? 710 GLU A OE1 1 
ATOM   714  O OE2 . GLU A 1 87  ? 14.84736  7.73248   1.61328   1.000 62.94826  ? 710 GLU A OE2 1 
ATOM   715  N N   . LEU A 1 88  ? 10.54770  11.60882  1.43559   1.000 57.96485  ? 711 LEU A N   1 
ATOM   716  C CA  . LEU A 1 88  ? 10.62376  12.89894  2.11296   1.000 60.18355  ? 711 LEU A CA  1 
ATOM   717  C C   . LEU A 1 88  ? 9.89024   12.86632  3.44875   1.000 60.88694  ? 711 LEU A C   1 
ATOM   718  O O   . LEU A 1 88  ? 10.39508  13.38206  4.45277   1.000 62.77551  ? 711 LEU A O   1 
ATOM   719  C CB  . LEU A 1 88  ? 10.05434  13.99613  1.21246   1.000 51.28579  ? 711 LEU A CB  1 
ATOM   720  C CG  . LEU A 1 88  ? 10.18805  15.43338  1.71980   1.000 56.52021  ? 711 LEU A CG  1 
ATOM   721  C CD1 . LEU A 1 88  ? 11.65372  15.79086  1.88739   1.000 55.71785  ? 711 LEU A CD1 1 
ATOM   722  C CD2 . LEU A 1 88  ? 9.49948   16.40617  0.77496   1.000 54.93053  ? 711 LEU A CD2 1 
ATOM   723  N N   . TYR A 1 89  ? 8.70265   12.25707  3.48467   1.000 55.01435  ? 712 TYR A N   1 
ATOM   724  C CA  . TYR A 1 89  ? 7.91409   12.26453  4.71240   1.000 60.97332  ? 712 TYR A CA  1 
ATOM   725  C C   . TYR A 1 89  ? 8.53390   11.37019  5.77832   1.000 70.33325  ? 712 TYR A C   1 
ATOM   726  O O   . TYR A 1 89  ? 8.59092   11.74782  6.95430   1.000 70.60877  ? 712 TYR A O   1 
ATOM   727  C CB  . TYR A 1 89  ? 6.47814   11.83162  4.42568   1.000 58.22577  ? 712 TYR A CB  1 
ATOM   728  C CG  . TYR A 1 89  ? 5.55028   12.05884  5.59506   1.000 71.57175  ? 712 TYR A CG  1 
ATOM   729  C CD1 . TYR A 1 89  ? 4.96172   13.30061  5.80442   1.000 72.60037  ? 712 TYR A CD1 1 
ATOM   730  C CD2 . TYR A 1 89  ? 5.27110   11.03921  6.49772   1.000 79.26609  ? 712 TYR A CD2 1 
ATOM   731  C CE1 . TYR A 1 89  ? 4.11612   13.52063  6.87483   1.000 73.63458  ? 712 TYR A CE1 1 
ATOM   732  C CE2 . TYR A 1 89  ? 4.42588   11.25004  7.57465   1.000 78.84322  ? 712 TYR A CE2 1 
ATOM   733  C CZ  . TYR A 1 89  ? 3.85210   12.49360  7.75741   1.000 84.54011  ? 712 TYR A CZ  1 
ATOM   734  O OH  . TYR A 1 89  ? 3.00894   12.71449  8.82281   1.000 90.05769  ? 712 TYR A OH  1 
ATOM   735  N N   . PHE A 1 90  ? 8.99698   10.17927  5.39055   1.000 61.81942  ? 713 PHE A N   1 
ATOM   736  C CA  . PHE A 1 90  ? 9.64479   9.28747   6.34632   1.000 71.23396  ? 713 PHE A CA  1 
ATOM   737  C C   . PHE A 1 90  ? 10.93136  9.87758   6.90292   1.000 66.01705  ? 713 PHE A C   1 
ATOM   738  O O   . PHE A 1 90  ? 11.38340  9.45177   7.97099   1.000 78.83117  ? 713 PHE A O   1 
ATOM   739  C CB  . PHE A 1 90  ? 9.93688   7.93296   5.69815   1.000 67.50316  ? 713 PHE A CB  1 
ATOM   740  C CG  . PHE A 1 90  ? 8.70702   7.12590   5.40309   1.000 69.80949  ? 713 PHE A CG  1 
ATOM   741  C CD1 . PHE A 1 90  ? 8.70735   6.18459   4.38764   1.000 77.30283  ? 713 PHE A CD1 1 
ATOM   742  C CD2 . PHE A 1 90  ? 7.55080   7.30486   6.14427   1.000 78.72932  ? 713 PHE A CD2 1 
ATOM   743  C CE1 . PHE A 1 90  ? 7.57927   5.43631   4.11405   1.000 71.29778  ? 713 PHE A CE1 1 
ATOM   744  C CE2 . PHE A 1 90  ? 6.41735   6.56062   5.87514   1.000 85.43000  ? 713 PHE A CE2 1 
ATOM   745  C CZ  . PHE A 1 90  ? 6.43234   5.62472   4.85832   1.000 80.78826  ? 713 PHE A CZ  1 
ATOM   746  N N   . ALA A 1 91  ? 11.52905  10.84775  6.20771   1.000 72.38179  ? 714 ALA A N   1 
ATOM   747  C CA  . ALA A 1 91  ? 12.73332  11.49243  6.71340   1.000 74.59488  ? 714 ALA A CA  1 
ATOM   748  C C   . ALA A 1 91  ? 12.46426  12.32369  7.96111   1.000 77.58554  ? 714 ALA A C   1 
ATOM   749  O O   . ALA A 1 91  ? 13.40556  12.63367  8.69896   1.000 80.55897  ? 714 ALA A O   1 
ATOM   750  C CB  . ALA A 1 91  ? 13.35648  12.36683  5.62480   1.000 66.76046  ? 714 ALA A CB  1 
ATOM   751  N N   . HIS A 1 92  ? 11.20637  12.68418  8.21824   1.000 75.79036  ? 715 HIS A N   1 
ATOM   752  C CA  . HIS A 1 92  ? 10.85507  13.49389  9.37385   1.000 85.38033  ? 715 HIS A CA  1 
ATOM   753  C C   . HIS A 1 92  ? 9.83481   12.84281  10.29563  1.000 81.28935  ? 715 HIS A C   1 
ATOM   754  O O   . HIS A 1 92  ? 9.60417   13.36318  11.39313  1.000 79.53657  ? 715 HIS A O   1 
ATOM   755  C CB  . HIS A 1 92  ? 10.31532  14.86333  8.92699   1.000 87.81857  ? 715 HIS A CB  1 
ATOM   756  C CG  . HIS A 1 92  ? 11.31217  15.69351  8.17868   1.000 89.74421  ? 715 HIS A CG  1 
ATOM   757  N ND1 . HIS A 1 92  ? 11.59299  15.49729  6.84335   1.000 90.52122  ? 715 HIS A ND1 1 
ATOM   758  C CD2 . HIS A 1 92  ? 12.09407  16.72416  8.57959   1.000 94.38162  ? 715 HIS A CD2 1 
ATOM   759  C CE1 . HIS A 1 92  ? 12.50463  16.37094  6.45398   1.000 85.88899  ? 715 HIS A CE1 1 
ATOM   760  N NE2 . HIS A 1 92  ? 12.82570  17.12687  7.48859   1.000 92.40599  ? 715 HIS A NE2 1 
ATOM   761  N N   . HIS A 1 93  ? 9.21841   11.73343  9.89235   1.000 79.86164  ? 716 HIS A N   1 
ATOM   762  C CA  . HIS A 1 93  ? 8.20565   11.07222  10.70448  1.000 86.55753  ? 716 HIS A CA  1 
ATOM   763  C C   . HIS A 1 93  ? 8.39184   9.56636   10.61501  1.000 81.29298  ? 716 HIS A C   1 
ATOM   764  O O   . HIS A 1 93  ? 8.58668   9.02780   9.52157   1.000 86.44126  ? 716 HIS A O   1 
ATOM   765  C CB  . HIS A 1 93  ? 6.78917   11.44940  10.24951  1.000 79.62918  ? 716 HIS A CB  1 
ATOM   766  C CG  . HIS A 1 93  ? 6.55247   12.92485  10.15561  1.000 86.03265  ? 716 HIS A CG  1 
ATOM   767  N ND1 . HIS A 1 93  ? 7.02377   13.68978  9.10999   1.000 88.17094  ? 716 HIS A ND1 1 
ATOM   768  C CD2 . HIS A 1 93  ? 5.88855   13.77532  10.97376  1.000 84.25979  ? 716 HIS A CD2 1 
ATOM   769  C CE1 . HIS A 1 93  ? 6.66297   14.94802  9.28933   1.000 86.08064  ? 716 HIS A CE1 1 
ATOM   770  N NE2 . HIS A 1 93  ? 5.97289   15.02688  10.41278  1.000 90.21623  ? 716 HIS A NE2 1 
ATOM   771  N N   . ASN A 1 94  ? 8.32881   8.89202   11.76323  1.000 89.67613  ? 717 ASN A N   1 
ATOM   772  C CA  . ASN A 1 94  ? 8.36852   7.42939   11.80707  1.000 91.83834  ? 717 ASN A CA  1 
ATOM   773  C C   . ASN A 1 94  ? 6.94729   6.89035   11.63881  1.000 96.45177  ? 717 ASN A C   1 
ATOM   774  O O   . ASN A 1 94  ? 6.35901   6.27882   12.53306  1.000 96.64562  ? 717 ASN A O   1 
ATOM   775  C CB  . ASN A 1 94  ? 9.00743   6.95009   13.10431  1.000 87.03633  ? 717 ASN A CB  1 
ATOM   776  N N   . LEU A 1 95  ? 6.39845   7.14110   10.44593  1.000 91.62213  ? 718 LEU A N   1 
ATOM   777  C CA  . LEU A 1 95  ? 5.00678   6.79283   10.17317  1.000 91.91052  ? 718 LEU A CA  1 
ATOM   778  C C   . LEU A 1 95  ? 4.78327   5.28692   10.25258  1.000 93.08598  ? 718 LEU A C   1 
ATOM   779  O O   . LEU A 1 95  ? 3.76509   4.83064   10.78674  1.000 96.94231  ? 718 LEU A O   1 
ATOM   780  C CB  . LEU A 1 95  ? 4.59561   7.33120   8.80171   1.000 86.84098  ? 718 LEU A CB  1 
ATOM   781  C CG  . LEU A 1 95  ? 3.12545   7.19562   8.39956   1.000 76.47872  ? 718 LEU A CG  1 
ATOM   782  N N   . PHE A 1 96  ? 5.72155   4.49933   9.72974   1.000 91.44206  ? 719 PHE A N   1 
ATOM   783  C CA  . PHE A 1 96  ? 5.66771   3.04188   9.80538   1.000 91.41318  ? 719 PHE A CA  1 
ATOM   784  C C   . PHE A 1 96  ? 6.94912   2.55118   10.46518  1.000 95.44995  ? 719 PHE A C   1 
ATOM   785  O O   . PHE A 1 96  ? 8.02891   2.62538   9.86778   1.000 90.65557  ? 719 PHE A O   1 
ATOM   786  C CB  . PHE A 1 96  ? 5.49118   2.41709   8.42232   1.000 88.11760  ? 719 PHE A CB  1 
ATOM   787  C CG  . PHE A 1 96  ? 4.19385   2.77350   7.75498   1.000 80.14278  ? 719 PHE A CG  1 
ATOM   788  C CD1 . PHE A 1 96  ? 4.18397   3.44503   6.54388   1.000 72.61308  ? 719 PHE A CD1 1 
ATOM   789  C CD2 . PHE A 1 96  ? 2.98416   2.44074   8.34049   1.000 74.70304  ? 719 PHE A CD2 1 
ATOM   790  C CE1 . PHE A 1 96  ? 2.99217   3.77147   5.92688   1.000 67.41618  ? 719 PHE A CE1 1 
ATOM   791  C CE2 . PHE A 1 96  ? 1.78817   2.76612   7.72789   1.000 67.52095  ? 719 PHE A CE2 1 
ATOM   792  C CZ  . PHE A 1 96  ? 1.79345   3.43212   6.52085   1.000 63.91412  ? 719 PHE A CZ  1 
ATOM   793  N N   . HIS A 1 97  ? 6.82582   2.04748   11.69050  1.000 103.24603 ? 720 HIS A N   1 
ATOM   794  C CA  . HIS A 1 97  ? 7.98765   1.58879   12.43960  1.000 106.94807 ? 720 HIS A CA  1 
ATOM   795  C C   . HIS A 1 97  ? 8.53265   0.30052   11.83404  1.000 97.02225  ? 720 HIS A C   1 
ATOM   796  O O   . HIS A 1 97  ? 7.77704   -0.63746  11.56022  1.000 91.24393  ? 720 HIS A O   1 
ATOM   797  C CB  . HIS A 1 97  ? 7.61205   1.37359   13.90448  1.000 101.31459 ? 720 HIS A CB  1 
ATOM   798  C CG  . HIS A 1 97  ? 6.55425   2.31231   14.39764  1.000 109.33629 ? 720 HIS A CG  1 
ATOM   799  N ND1 . HIS A 1 97  ? 6.82474   3.61243   14.76782  1.000 113.25678 ? 720 HIS A ND1 1 
ATOM   800  C CD2 . HIS A 1 97  ? 5.22241   2.14063   14.57462  1.000 109.71538 ? 720 HIS A CD2 1 
ATOM   801  C CE1 . HIS A 1 97  ? 5.70610   4.20020   15.15399  1.000 112.85675 ? 720 HIS A CE1 1 
ATOM   802  N NE2 . HIS A 1 97  ? 4.71906   3.32879   15.04663  1.000 116.51523 ? 720 HIS A NE2 1 
ATOM   803  N N   . GLU A 1 98  ? 9.84694   0.26096   11.62022  1.000 99.15705  ? 721 GLU A N   1 
ATOM   804  C CA  . GLU A 1 98  ? 10.48698  -0.91974  11.05323  1.000 105.38457 ? 721 GLU A CA  1 
ATOM   805  C C   . GLU A 1 98  ? 10.24121  -2.13023  11.94459  1.000 106.01231 ? 721 GLU A C   1 
ATOM   806  O O   . GLU A 1 98  ? 10.67653  -2.16323  13.09989  1.000 111.99688 ? 721 GLU A O   1 
ATOM   807  C CB  . GLU A 1 98  ? 11.98486  -0.67289  10.88014  1.000 104.24038 ? 721 GLU A CB  1 
ATOM   808  N N   . GLY A 1 99  ? 9.53636   -3.12144  11.40610  1.000 102.00383 ? 722 GLY A N   1 
ATOM   809  C CA  . GLY A 1 99  ? 9.09940   -4.28238  12.15783  1.000 92.48446  ? 722 GLY A CA  1 
ATOM   810  C C   . GLY A 1 99  ? 7.59730   -4.39491  12.30493  1.000 96.15301  ? 722 GLY A C   1 
ATOM   811  O O   . GLY A 1 99  ? 7.09556   -5.48431  12.61848  1.000 93.48460  ? 722 GLY A O   1 
ATOM   812  N N   . SER A 1 100 ? 6.86015   -3.30858  12.09373  1.000 90.72589  ? 723 SER A N   1 
ATOM   813  C CA  . SER A 1 100 ? 5.40842   -3.35704  12.15640  1.000 78.48120  ? 723 SER A CA  1 
ATOM   814  C C   . SER A 1 100 ? 4.83576   -3.80176  10.81622  1.000 69.44618  ? 723 SER A C   1 
ATOM   815  O O   . SER A 1 100 ? 5.38332   -3.50140  9.75144   1.000 79.06097  ? 723 SER A O   1 
ATOM   816  C CB  . SER A 1 100 ? 4.83980   -1.99181  12.54268  1.000 77.74853  ? 723 SER A CB  1 
ATOM   817  O OG  . SER A 1 100 ? 3.42347   -2.01753  12.55924  1.000 75.74164  ? 723 SER A OG  1 
ATOM   818  N N   . ASN A 1 101 ? 3.72557   -4.53674  10.87673  1.000 64.32298  ? 724 ASN A N   1 
ATOM   819  C CA  . ASN A 1 101 ? 3.06650   -5.03792  9.67933   1.000 61.52554  ? 724 ASN A CA  1 
ATOM   820  C C   . ASN A 1 101 ? 1.95999   -4.11121  9.18920   1.000 45.34846  ? 724 ASN A C   1 
ATOM   821  O O   . ASN A 1 101 ? 1.06589   -4.55870  8.46178   1.000 49.99496  ? 724 ASN A O   1 
ATOM   822  C CB  . ASN A 1 101 ? 2.51146   -6.44598  9.92267   1.000 53.19835  ? 724 ASN A CB  1 
ATOM   823  C CG  . ASN A 1 101 ? 1.52296   -6.49939  11.07624  1.000 59.30241  ? 724 ASN A CG  1 
ATOM   824  O OD1 . ASN A 1 101 ? 1.17376   -5.47533  11.66170  1.000 58.06241  ? 724 ASN A OD1 1 
ATOM   825  N ND2 . ASN A 1 101 ? 1.06126   -7.70219  11.40213  1.000 56.71587  ? 724 ASN A ND2 1 
ATOM   826  N N   . SER A 1 102 ? 1.99542   -2.83353  9.57908   1.000 48.44742  ? 725 SER A N   1 
ATOM   827  C CA  A SER A 1 102 ? 0.98927   -1.88388  9.11704   0.294 46.90574  ? 725 SER A CA  1 
ATOM   828  C CA  B SER A 1 102 ? 0.97968   -1.89868  9.11068   0.706 46.74797  ? 725 SER A CA  1 
ATOM   829  C C   . SER A 1 102 ? 1.14177   -1.57024  7.63369   1.000 43.90366  ? 725 SER A C   1 
ATOM   830  O O   . SER A 1 102 ? 0.16397   -1.18447  6.98384   1.000 46.15436  ? 725 SER A O   1 
ATOM   831  C CB  A SER A 1 102 ? 1.06791   -0.59802  9.94100   0.294 51.47044  ? 725 SER A CB  1 
ATOM   832  C CB  B SER A 1 102 ? 1.01813   -0.61488  9.94241   0.706 51.45115  ? 725 SER A CB  1 
ATOM   833  O OG  A SER A 1 102 ? 0.16874   0.37983   9.45083   0.294 50.44499  ? 725 SER A OG  1 
ATOM   834  O OG  B SER A 1 102 ? 2.32730   -0.07850  9.98692   0.706 57.49146  ? 725 SER A OG  1 
ATOM   835  N N   . LEU A 1 103 ? 2.34471   -1.72253  7.08807   1.000 44.81186  ? 726 LEU A N   1 
ATOM   836  C CA  . LEU A 1 103 ? 2.61452   -1.43617  5.68506   1.000 44.60374  ? 726 LEU A CA  1 
ATOM   837  C C   . LEU A 1 103 ? 2.72073   -2.73606  4.89911   1.000 50.14108  ? 726 LEU A C   1 
ATOM   838  O O   . LEU A 1 103 ? 3.51611   -3.61432  5.24983   1.000 44.62998  ? 726 LEU A O   1 
ATOM   839  C CB  . LEU A 1 103 ? 3.90236   -0.62909  5.53296   1.000 51.80004  ? 726 LEU A CB  1 
ATOM   840  C CG  . LEU A 1 103 ? 4.30513   -0.33887  4.08882   1.000 55.16716  ? 726 LEU A CG  1 
ATOM   841  C CD1 . LEU A 1 103 ? 3.23878   0.50280   3.40544   1.000 51.48220  ? 726 LEU A CD1 1 
ATOM   842  C CD2 . LEU A 1 103 ? 5.65690   0.35241   4.04329   1.000 52.11519  ? 726 LEU A CD2 1 
ATOM   843  N N   . ILE A 1 104 ? 1.92429   -2.84881  3.83715   1.000 38.67592  ? 727 ILE A N   1 
ATOM   844  C CA  . ILE A 1 104 ? 1.91546   -4.01082  2.95223   1.000 38.98758  ? 727 ILE A CA  1 
ATOM   845  C C   . ILE A 1 104 ? 2.51053   -3.59499  1.61442   1.000 45.98536  ? 727 ILE A C   1 
ATOM   846  O O   . ILE A 1 104 ? 2.06065   -2.61579  1.00781   1.000 46.57601  ? 727 ILE A O   1 
ATOM   847  C CB  . ILE A 1 104 ? 0.49186   -4.56195  2.76392   1.000 40.14282  ? 727 ILE A CB  1 
ATOM   848  C CG1 . ILE A 1 104 ? -0.11732  -4.95864  4.10926   1.000 41.40467  ? 727 ILE A CG1 1 
ATOM   849  C CG2 . ILE A 1 104 ? 0.49548   -5.74218  1.79623   1.000 39.07740  ? 727 ILE A CG2 1 
ATOM   850  C CD1 . ILE A 1 104 ? -1.62253  -5.09429  4.07002   1.000 40.10511  ? 727 ILE A CD1 1 
ATOM   851  N N   . LEU A 1 105 ? 3.50989   -4.33821  1.14852   1.000 41.87218  ? 728 LEU A N   1 
ATOM   852  C CA  . LEU A 1 105 ? 4.19179   -4.03842  -0.10522  1.000 45.16274  ? 728 LEU A CA  1 
ATOM   853  C C   . LEU A 1 105 ? 3.79893   -5.06906  -1.15661  1.000 51.77934  ? 728 LEU A C   1 
ATOM   854  O O   . LEU A 1 105 ? 3.97353   -6.27563  -0.94545  1.000 41.31655  ? 728 LEU A O   1 
ATOM   855  C CB  . LEU A 1 105 ? 5.70877   -4.02322  0.08586   1.000 41.18625  ? 728 LEU A CB  1 
ATOM   856  C CG  . LEU A 1 105 ? 6.26490   -3.03340  1.10969   1.000 51.40124  ? 728 LEU A CG  1 
ATOM   857  C CD1 . LEU A 1 105 ? 7.77832   -3.14862  1.19143   1.000 57.40229  ? 728 LEU A CD1 1 
ATOM   858  C CD2 . LEU A 1 105 ? 5.84888   -1.60921  0.76654   1.000 43.00237  ? 728 LEU A CD2 1 
ATOM   859  N N   . ILE A 1 106 ? 3.26379   -4.59319  -2.27871  1.000 41.33741  ? 729 ILE A N   1 
ATOM   860  C CA  . ILE A 1 106 ? 3.00647   -5.41942  -3.45372  1.000 38.94491  ? 729 ILE A CA  1 
ATOM   861  C C   . ILE A 1 106 ? 4.03294   -5.05023  -4.51237  1.000 48.06360  ? 729 ILE A C   1 
ATOM   862  O O   . ILE A 1 106 ? 4.06971   -3.90348  -4.97622  1.000 42.46228  ? 729 ILE A O   1 
ATOM   863  C CB  . ILE A 1 106 ? 1.58786   -5.22082  -4.00611  1.000 39.48020  ? 729 ILE A CB  1 
ATOM   864  C CG1 . ILE A 1 106 ? 0.52395   -5.53808  -2.95990  1.000 39.17944  ? 729 ILE A CG1 1 
ATOM   865  C CG2 . ILE A 1 106 ? 1.38586   -6.07332  -5.25153  1.000 38.56759  ? 729 ILE A CG2 1 
ATOM   866  C CD1 . ILE A 1 106 ? -0.88963  -5.25498  -3.45297  1.000 37.32933  ? 729 ILE A CD1 1 
ATOM   867  N N   . LEU A 1 107 ? 4.85978   -6.01519  -4.90468  1.000 37.99315  ? 730 LEU A N   1 
ATOM   868  C CA  . LEU A 1 107 ? 5.75906   -5.82633  -6.04059  1.000 40.61498  ? 730 LEU A CA  1 
ATOM   869  C C   . LEU A 1 107 ? 4.97663   -6.19487  -7.29317  1.000 44.56826  ? 730 LEU A C   1 
ATOM   870  O O   . LEU A 1 107 ? 4.93535   -7.35367  -7.71048  1.000 38.99643  ? 730 LEU A O   1 
ATOM   871  C CB  . LEU A 1 107 ? 7.02470   -6.66120  -5.89042  1.000 44.52399  ? 730 LEU A CB  1 
ATOM   872  C CG  . LEU A 1 107 ? 8.09763   -6.36541  -6.94033  1.000 39.28944  ? 730 LEU A CG  1 
ATOM   873  C CD1 . LEU A 1 107 ? 8.57609   -4.92244  -6.81483  1.000 45.87066  ? 730 LEU A CD1 1 
ATOM   874  C CD2 . LEU A 1 107 ? 9.26271   -7.34513  -6.82592  1.000 49.59332  ? 730 LEU A CD2 1 
ATOM   875  N N   . LEU A 1 108 ? 4.32904   -5.19112  -7.89123  1.000 39.36879  ? 731 LEU A N   1 
ATOM   876  C CA  . LEU A 1 108 ? 3.54582   -5.43085  -9.09932  1.000 38.70514  ? 731 LEU A CA  1 
ATOM   877  C C   . LEU A 1 108 ? 4.44632   -5.76716  -10.27958 1.000 48.95118  ? 731 LEU A C   1 
ATOM   878  O O   . LEU A 1 108 ? 4.11138   -6.62697  -11.10223 1.000 42.98031  ? 731 LEU A O   1 
ATOM   879  C CB  . LEU A 1 108 ? 2.68650   -4.20503  -9.41649  1.000 36.26074  ? 731 LEU A CB  1 
ATOM   880  C CG  . LEU A 1 108 ? 1.84568   -4.29303  -10.69132 1.000 37.21584  ? 731 LEU A CG  1 
ATOM   881  C CD1 . LEU A 1 108 ? 0.91270   -5.48715  -10.62481 1.000 42.95997  ? 731 LEU A CD1 1 
ATOM   882  C CD2 . LEU A 1 108 ? 1.05348   -3.00171  -10.91135 1.000 36.30704  ? 731 LEU A CD2 1 
ATOM   883  N N   . GLU A 1 109 ? 5.59451   -5.10131  -10.37362 1.000 45.99846  ? 732 GLU A N   1 
ATOM   884  C CA  . GLU A 1 109 ? 6.53831   -5.25420  -11.46330 1.000 46.36672  ? 732 GLU A CA  1 
ATOM   885  C C   . GLU A 1 109 ? 7.93298   -5.10791  -10.87405 1.000 48.51481  ? 732 GLU A C   1 
ATOM   886  O O   . GLU A 1 109 ? 8.15446   -4.22082  -10.03537 1.000 49.66748  ? 732 GLU A O   1 
ATOM   887  C CB  . GLU A 1 109 ? 6.30482   -4.19225  -12.54908 1.000 55.25372  ? 732 GLU A CB  1 
ATOM   888  C CG  . GLU A 1 109 ? 7.27792   -4.22921  -13.70807 1.000 56.89696  ? 732 GLU A CG  1 
ATOM   889  C CD  . GLU A 1 109 ? 7.06399   -5.42871  -14.60679 1.000 72.21412  ? 732 GLU A CD  1 
ATOM   890  O OE1 . GLU A 1 109 ? 8.06712   -6.00484  -15.07802 1.000 74.39887  ? 732 GLU A OE1 1 
ATOM   891  O OE2 . GLU A 1 109 ? 5.89277   -5.79818  -14.83786 1.000 72.60508  ? 732 GLU A OE2 1 
ATOM   892  N N   . PRO A 1 110 ? 8.88200   -5.95940  -11.26791 1.000 43.64185  ? 733 PRO A N   1 
ATOM   893  C CA  . PRO A 1 110 ? 10.23947  -5.84105  -10.72036 1.000 43.95704  ? 733 PRO A CA  1 
ATOM   894  C C   . PRO A 1 110 ? 10.82387  -4.46018  -10.98008 1.000 42.75391  ? 733 PRO A C   1 
ATOM   895  O O   . PRO A 1 110 ? 10.56284  -3.83329  -12.00851 1.000 45.56564  ? 733 PRO A O   1 
ATOM   896  C CB  . PRO A 1 110 ? 11.01752  -6.93645  -11.45787 1.000 51.36202  ? 733 PRO A CB  1 
ATOM   897  C CG  . PRO A 1 110 ? 9.97960   -7.95190  -11.80180 1.000 51.43635  ? 733 PRO A CG  1 
ATOM   898  C CD  . PRO A 1 110 ? 8.73070   -7.15951  -12.10938 1.000 50.78376  ? 733 PRO A CD  1 
ATOM   899  N N   . ILE A 1 111 ? 11.60314  -3.97959  -10.01971 1.000 44.95349  ? 734 ILE A N   1 
ATOM   900  C CA  . ILE A 1 111 ? 12.19561  -2.65012  -10.07948 1.000 51.29934  ? 734 ILE A CA  1 
ATOM   901  C C   . ILE A 1 111 ? 13.69120  -2.82014  -10.33493 1.000 54.53325  ? 734 ILE A C   1 
ATOM   902  O O   . ILE A 1 111 ? 14.41447  -3.32331  -9.46153  1.000 53.66836  ? 734 ILE A O   1 
ATOM   903  C CB  . ILE A 1 111 ? 11.93386  -1.85779  -8.79309  1.000 53.04319  ? 734 ILE A CB  1 
ATOM   904  C CG1 . ILE A 1 111 ? 10.43373  -1.58800  -8.63943  1.000 46.30674  ? 734 ILE A CG1 1 
ATOM   905  C CG2 . ILE A 1 111 ? 12.72273  -0.55584  -8.80207  1.000 54.50543  ? 734 ILE A CG2 1 
ATOM   906  C CD1 . ILE A 1 111 ? 10.00790  -1.29871  -7.22347  1.000 45.47766  ? 734 ILE A CD1 1 
ATOM   907  N N   . PRO A 1 112 ? 14.19374  -2.43757  -11.50748 1.000 51.04804  ? 735 PRO A N   1 
ATOM   908  C CA  . PRO A 1 112 ? 15.63856  -2.50755  -11.74460 1.000 51.77453  ? 735 PRO A CA  1 
ATOM   909  C C   . PRO A 1 112 ? 16.38760  -1.59798  -10.78264 1.000 56.17658  ? 735 PRO A C   1 
ATOM   910  O O   . PRO A 1 112 ? 15.89164  -0.54568  -10.37333 1.000 48.58102  ? 735 PRO A O   1 
ATOM   911  C CB  . PRO A 1 112 ? 15.78757  -2.03435  -13.19569 1.000 58.11839  ? 735 PRO A CB  1 
ATOM   912  C CG  . PRO A 1 112 ? 14.41562  -2.14784  -13.79586 1.000 60.88574  ? 735 PRO A CG  1 
ATOM   913  C CD  . PRO A 1 112 ? 13.46050  -1.91157  -12.67095 1.000 49.85445  ? 735 PRO A CD  1 
ATOM   914  N N   . GLN A 1 113 ? 17.59803  -2.02398  -10.41406 1.000 50.80376  ? 736 GLN A N   1 
ATOM   915  C CA  . GLN A 1 113 ? 18.38408  -1.25939  -9.45108  1.000 56.01397  ? 736 GLN A CA  1 
ATOM   916  C C   . GLN A 1 113 ? 18.77812  0.10986   -9.99118  1.000 54.55777  ? 736 GLN A C   1 
ATOM   917  O O   . GLN A 1 113 ? 18.86798  1.07236   -9.21942  1.000 56.62331  ? 736 GLN A O   1 
ATOM   918  C CB  . GLN A 1 113 ? 19.63140  -2.04402  -9.04523  1.000 60.29221  ? 736 GLN A CB  1 
ATOM   919  C CG  . GLN A 1 113 ? 19.34452  -3.21511  -8.12380  1.000 60.89572  ? 736 GLN A CG  1 
ATOM   920  C CD  . GLN A 1 113 ? 18.69341  -2.77709  -6.82703  1.000 77.98753  ? 736 GLN A CD  1 
ATOM   921  O OE1 . GLN A 1 113 ? 17.76138  -3.41690  -6.34061  1.000 77.90636  ? 736 GLN A OE1 1 
ATOM   922  N NE2 . GLN A 1 113 ? 19.18235  -1.67784  -6.25936  1.000 73.66941  ? 736 GLN A NE2 1 
ATOM   923  N N   . TYR A 1 114 ? 19.01059  0.22321   -11.30225 1.000 55.28090  ? 737 TYR A N   1 
ATOM   924  C CA  . TYR A 1 114 ? 19.46593  1.49558   -11.85439 1.000 58.95102  ? 737 TYR A CA  1 
ATOM   925  C C   . TYR A 1 114 ? 18.40435  2.58143   -11.72704 1.000 58.35466  ? 737 TYR A C   1 
ATOM   926  O O   . TYR A 1 114 ? 18.74112  3.76974   -11.67247 1.000 64.90742  ? 737 TYR A O   1 
ATOM   927  C CB  . TYR A 1 114 ? 19.89231  1.32371   -13.31851 1.000 54.53247  ? 737 TYR A CB  1 
ATOM   928  C CG  . TYR A 1 114 ? 18.79102  0.93867   -14.29383 1.000 61.34725  ? 737 TYR A CG  1 
ATOM   929  C CD1 . TYR A 1 114 ? 18.70092  -0.35414  -14.79796 1.000 62.42540  ? 737 TYR A CD1 1 
ATOM   930  C CD2 . TYR A 1 114 ? 17.85987  1.87597   -14.73264 1.000 67.28601  ? 737 TYR A CD2 1 
ATOM   931  C CE1 . TYR A 1 114 ? 17.70432  -0.70452  -15.70127 1.000 61.86221  ? 737 TYR A CE1 1 
ATOM   932  C CE2 . TYR A 1 114 ? 16.86067  1.53548   -15.62598 1.000 63.81519  ? 737 TYR A CE2 1 
ATOM   933  C CZ  . TYR A 1 114 ? 16.78531  0.24644   -16.10711 1.000 66.70939  ? 737 TYR A CZ  1 
ATOM   934  O OH  . TYR A 1 114 ? 15.78724  -0.07971  -16.99841 1.000 58.28165  ? 737 TYR A OH  1 
ATOM   935  N N   . SER A 1 115 ? 17.12789  2.20172   -11.67967 1.000 56.15132  ? 738 SER A N   1 
ATOM   936  C CA  . SER A 1 115 ? 16.04781  3.17752   -11.60874 1.000 56.06878  ? 738 SER A CA  1 
ATOM   937  C C   . SER A 1 115 ? 15.78646  3.67162   -10.19326 1.000 55.95858  ? 738 SER A C   1 
ATOM   938  O O   . SER A 1 115 ? 14.95249  4.56636   -10.01389 1.000 52.77434  ? 738 SER A O   1 
ATOM   939  C CB  . SER A 1 115 ? 14.76290  2.58544   -12.19588 1.000 60.59422  ? 738 SER A CB  1 
ATOM   940  O OG  . SER A 1 115 ? 14.38184  1.40465   -11.50937 1.000 61.09730  ? 738 SER A OG  1 
ATOM   941  N N   . ILE A 1 116 ? 16.46989  3.11852   -9.19500  1.000 57.47254  ? 739 ILE A N   1 
ATOM   942  C CA  . ILE A 1 116 ? 16.30998  3.53569   -7.80482  1.000 54.22265  ? 739 ILE A CA  1 
ATOM   943  C C   . ILE A 1 116 ? 17.38048  4.58421   -7.50930  1.000 63.52099  ? 739 ILE A C   1 
ATOM   944  O O   . ILE A 1 116 ? 18.57623  4.24312   -7.50947  1.000 58.66242  ? 739 ILE A O   1 
ATOM   945  C CB  . ILE A 1 116 ? 16.42908  2.35078   -6.83951  1.000 60.90873  ? 739 ILE A CB  1 
ATOM   946  C CG1 . ILE A 1 116 ? 15.42821  1.25384   -7.20011  1.000 52.14537  ? 739 ILE A CG1 1 
ATOM   947  C CG2 . ILE A 1 116 ? 16.21373  2.81752   -5.40994  1.000 52.43331  ? 739 ILE A CG2 1 
ATOM   948  C CD1 . ILE A 1 116 ? 15.57157  0.00372   -6.35143  1.000 62.23388  ? 739 ILE A CD1 1 
ATOM   949  N N   . PRO A 1 117 ? 17.01138  5.83928   -7.26171  1.000 56.64184  ? 740 PRO A N   1 
ATOM   950  C CA  . PRO A 1 117 ? 18.01316  6.83344   -6.86355  1.000 64.05318  ? 740 PRO A CA  1 
ATOM   951  C C   . PRO A 1 117 ? 18.71311  6.41633   -5.57943  1.000 52.94661  ? 740 PRO A C   1 
ATOM   952  O O   . PRO A 1 117 ? 18.13165  5.75964   -4.71288  1.000 66.14215  ? 740 PRO A O   1 
ATOM   953  C CB  . PRO A 1 117 ? 17.18874  8.11235   -6.66259  1.000 57.82192  ? 740 PRO A CB  1 
ATOM   954  C CG  . PRO A 1 117 ? 15.94253  7.89596   -7.45835  1.000 61.64541  ? 740 PRO A CG  1 
ATOM   955  C CD  . PRO A 1 117 ? 15.66661  6.42222   -7.39438  1.000 52.93347  ? 740 PRO A CD  1 
ATOM   956  N N   . SER A 1 118 ? 19.98595  6.80236   -5.46851  1.000 66.03276  ? 741 SER A N   1 
ATOM   957  C CA  . SER A 1 118 ? 20.75459  6.48562   -4.27095  1.000 67.47938  ? 741 SER A CA  1 
ATOM   958  C C   . SER A 1 118 ? 20.17263  7.13727   -3.02366  1.000 72.25103  ? 741 SER A C   1 
ATOM   959  O O   . SER A 1 118 ? 20.40106  6.64210   -1.91461  1.000 71.90969  ? 741 SER A O   1 
ATOM   960  C CB  . SER A 1 118 ? 22.21029  6.91498   -4.45747  1.000 69.87051  ? 741 SER A CB  1 
ATOM   961  O OG  . SER A 1 118 ? 22.29200  8.28026   -4.82942  1.000 79.68958  ? 741 SER A OG  1 
ATOM   962  N N   . SER A 1 119 ? 19.41694  8.22472   -3.18009  1.000 62.50777  ? 742 SER A N   1 
ATOM   963  C CA  . SER A 1 119 ? 18.84213  8.93825   -2.04750  1.000 62.49442  ? 742 SER A CA  1 
ATOM   964  C C   . SER A 1 119 ? 17.55273  8.31282   -1.53114  1.000 69.18875  ? 742 SER A C   1 
ATOM   965  O O   . SER A 1 119 ? 17.03698  8.76399   -0.50201  1.000 59.11493  ? 742 SER A O   1 
ATOM   966  C CB  . SER A 1 119 ? 18.57938  10.39635  -2.42862  1.000 67.40504  ? 742 SER A CB  1 
ATOM   967  O OG  . SER A 1 119 ? 17.69207  10.47658  -3.53015  1.000 71.95663  ? 742 SER A OG  1 
ATOM   968  N N   . TYR A 1 120 ? 17.01309  7.30175   -2.21216  1.000 53.42988  ? 743 TYR A N   1 
ATOM   969  C CA  . TYR A 1 120 ? 15.81169  6.61482   -1.73390  1.000 55.06535  ? 743 TYR A CA  1 
ATOM   970  C C   . TYR A 1 120 ? 16.22343  5.50590   -0.76448  1.000 68.47132  ? 743 TYR A C   1 
ATOM   971  O O   . TYR A 1 120 ? 16.10997  4.30874   -1.03674  1.000 63.76900  ? 743 TYR A O   1 
ATOM   972  C CB  . TYR A 1 120 ? 14.99950  6.06773   -2.90066  1.000 55.28174  ? 743 TYR A CB  1 
ATOM   973  C CG  . TYR A 1 120 ? 14.26848  7.11243   -3.71947  1.000 54.23370  ? 743 TYR A CG  1 
ATOM   974  C CD1 . TYR A 1 120 ? 14.38405  8.46646   -3.43123  1.000 54.51490  ? 743 TYR A CD1 1 
ATOM   975  C CD2 . TYR A 1 120 ? 13.44856  6.73608   -4.77607  1.000 50.26511  ? 743 TYR A CD2 1 
ATOM   976  C CE1 . TYR A 1 120 ? 13.71010  9.41805   -4.18391  1.000 52.93223  ? 743 TYR A CE1 1 
ATOM   977  C CE2 . TYR A 1 120 ? 12.77332  7.67467   -5.53108  1.000 52.45742  ? 743 TYR A CE2 1 
ATOM   978  C CZ  . TYR A 1 120 ? 12.90493  9.01441   -5.23181  1.000 57.30512  ? 743 TYR A CZ  1 
ATOM   979  O OH  . TYR A 1 120 ? 12.23073  9.94833   -5.98843  1.000 50.75813  ? 743 TYR A OH  1 
ATOM   980  N N   . HIS A 1 121 ? 16.71547  5.93927   0.39853   1.000 71.85518  ? 744 HIS A N   1 
ATOM   981  C CA  . HIS A 1 121 ? 17.24063  4.99186   1.37680   1.000 63.84332  ? 744 HIS A CA  1 
ATOM   982  C C   . HIS A 1 121 ? 16.12444  4.17809   2.01887   1.000 68.44799  ? 744 HIS A C   1 
ATOM   983  O O   . HIS A 1 121 ? 16.26593  2.96358   2.20695   1.000 70.00526  ? 744 HIS A O   1 
ATOM   984  C CB  . HIS A 1 121 ? 18.05169  5.73334   2.43961   1.000 74.65540  ? 744 HIS A CB  1 
ATOM   985  C CG  . HIS A 1 121 ? 19.23039  6.47465   1.88885   1.000 71.08153  ? 744 HIS A CG  1 
ATOM   986  N ND1 . HIS A 1 121 ? 20.37004  5.83702   1.44735   1.000 80.62194  ? 744 HIS A ND1 1 
ATOM   987  C CD2 . HIS A 1 121 ? 19.44571  7.79882   1.70545   1.000 72.99205  ? 744 HIS A CD2 1 
ATOM   988  C CE1 . HIS A 1 121 ? 21.23658  6.73635   1.01625   1.000 76.13144  ? 744 HIS A CE1 1 
ATOM   989  N NE2 . HIS A 1 121 ? 20.70001  7.93437   1.16092   1.000 65.39343  ? 744 HIS A NE2 1 
ATOM   990  N N   . LYS A 1 122 ? 15.00493  4.82481   2.35508   1.000 61.32189  ? 745 LYS A N   1 
ATOM   991  C CA  . LYS A 1 122 ? 13.90467  4.10700   2.99156   1.000 64.32071  ? 745 LYS A CA  1 
ATOM   992  C C   . LYS A 1 122 ? 13.31611  3.05430   2.05913   1.000 66.63705  ? 745 LYS A C   1 
ATOM   993  O O   . LYS A 1 122 ? 12.90074  1.97912   2.50934   1.000 60.44786  ? 745 LYS A O   1 
ATOM   994  C CB  . LYS A 1 122 ? 12.82678  5.09144   3.44523   1.000 72.43204  ? 745 LYS A CB  1 
ATOM   995  C CG  . LYS A 1 122 ? 11.62301  4.43568   4.10807   1.000 71.79786  ? 745 LYS A CG  1 
ATOM   996  C CD  . LYS A 1 122 ? 12.00546  3.69173   5.38009   1.000 80.02357  ? 745 LYS A CD  1 
ATOM   997  C CE  . LYS A 1 122 ? 10.77608  3.10348   6.05851   1.000 76.83818  ? 745 LYS A CE  1 
ATOM   998  N NZ  . LYS A 1 122 ? 11.11715  2.37315   7.30896   1.000 84.85118  ? 745 LYS A NZ  1 
ATOM   999  N N   . LEU A 1 123 ? 13.27503  3.34158   0.75513   1.000 60.03144  ? 746 LEU A N   1 
ATOM   1000 C CA  . LEU A 1 123 ? 12.77764  2.35532   -0.19920  1.000 63.68556  ? 746 LEU A CA  1 
ATOM   1001 C C   . LEU A 1 123 ? 13.68427  1.13321   -0.24192  1.000 60.88702  ? 746 LEU A C   1 
ATOM   1002 O O   . LEU A 1 123 ? 13.20986  -0.00754  -0.19199  1.000 59.69076  ? 746 LEU A O   1 
ATOM   1003 C CB  . LEU A 1 123 ? 12.65483  2.97282   -1.59115  1.000 55.46833  ? 746 LEU A CB  1 
ATOM   1004 C CG  . LEU A 1 123 ? 12.17898  2.00850   -2.68211  1.000 50.90533  ? 746 LEU A CG  1 
ATOM   1005 C CD1 . LEU A 1 123 ? 10.76314  1.53216   -2.40306  1.000 52.33204  ? 746 LEU A CD1 1 
ATOM   1006 C CD2 . LEU A 1 123 ? 12.26882  2.65734   -4.05408  1.000 54.15620  ? 746 LEU A CD2 1 
ATOM   1007 N N   . LYS A 1 124 ? 14.99791  1.35510   -0.34554  1.000 61.63327  ? 747 LYS A N   1 
ATOM   1008 C CA  . LYS A 1 124 ? 15.93528  0.23641   -0.36985  1.000 68.26195  ? 747 LYS A CA  1 
ATOM   1009 C C   . LYS A 1 124 ? 15.86086  -0.56837  0.92161   1.000 65.19677  ? 747 LYS A C   1 
ATOM   1010 O O   . LYS A 1 124 ? 15.97810  -1.79992  0.90350   1.000 61.27458  ? 747 LYS A O   1 
ATOM   1011 C CB  . LYS A 1 124 ? 17.35768  0.74685   -0.60660  1.000 59.42884  ? 747 LYS A CB  1 
ATOM   1012 C CG  . LYS A 1 124 ? 17.56679  1.42994   -1.94774  1.000 62.05541  ? 747 LYS A CG  1 
ATOM   1013 C CD  . LYS A 1 124 ? 18.99782  1.92514   -2.09272  1.000 72.82413  ? 747 LYS A CD  1 
ATOM   1014 C CE  . LYS A 1 124 ? 19.22592  2.57752   -3.44522  1.000 74.82029  ? 747 LYS A CE  1 
ATOM   1015 N NZ  . LYS A 1 124 ? 20.63327  3.02925   -3.62045  1.000 82.43150  ? 747 LYS A NZ  1 
ATOM   1016 N N   . SER A 1 125 ? 15.65201  0.11270   2.05103   1.000 57.55424  ? 748 SER A N   1 
ATOM   1017 C CA  . SER A 1 125 ? 15.53160  -0.57592  3.33247   1.000 70.00221  ? 748 SER A CA  1 
ATOM   1018 C C   . SER A 1 125 ? 14.30418  -1.47837  3.35977   1.000 70.86675  ? 748 SER A C   1 
ATOM   1019 O O   . SER A 1 125 ? 14.38484  -2.64361  3.76706   1.000 65.89355  ? 748 SER A O   1 
ATOM   1020 C CB  . SER A 1 125 ? 15.47481  0.44734   4.46849   1.000 75.17348  ? 748 SER A CB  1 
ATOM   1021 O OG  . SER A 1 125 ? 15.07910  -0.15738  5.68713   1.000 76.89029  ? 748 SER A OG  1 
ATOM   1022 N N   . LEU A 1 126 ? 13.15454  -0.95329  2.92582   1.000 61.66913  ? 749 LEU A N   1 
ATOM   1023 C CA  . LEU A 1 126 ? 11.91971  -1.73142  2.96227   1.000 57.31573  ? 749 LEU A CA  1 
ATOM   1024 C C   . LEU A 1 126 ? 12.00933  -2.96021  2.06874   1.000 69.02817  ? 749 LEU A C   1 
ATOM   1025 O O   . LEU A 1 126 ? 11.52943  -4.04003  2.43452   1.000 64.51665  ? 749 LEU A O   1 
ATOM   1026 C CB  . LEU A 1 126 ? 10.73387  -0.86039  2.54668   1.000 65.17624  ? 749 LEU A CB  1 
ATOM   1027 C CG  . LEU A 1 126 ? 10.24730  0.17725   3.55685   1.000 70.63064  ? 749 LEU A CG  1 
ATOM   1028 C CD1 . LEU A 1 126 ? 9.16608   1.04865   2.93975   1.000 71.83354  ? 749 LEU A CD1 1 
ATOM   1029 C CD2 . LEU A 1 126 ? 9.73595   -0.50487  4.81686   1.000 67.02016  ? 749 LEU A CD2 1 
ATOM   1030 N N   . MET A 1 127 ? 12.61845  -2.81801  0.89258   1.000 58.63311  ? 750 MET A N   1 
ATOM   1031 C CA  . MET A 1 127 ? 12.70640  -3.93895  -0.03065  1.000 59.60383  ? 750 MET A CA  1 
ATOM   1032 C C   . MET A 1 127 ? 13.82113  -4.90940  0.32723   1.000 68.55145  ? 750 MET A C   1 
ATOM   1033 O O   . MET A 1 127 ? 13.80694  -6.04927  -0.15020  1.000 63.67465  ? 750 MET A O   1 
ATOM   1034 C CB  . MET A 1 127 ? 12.89852  -3.43085  -1.45607  1.000 58.13351  ? 750 MET A CB  1 
ATOM   1035 C CG  . MET A 1 127 ? 11.70156  -2.66329  -1.98610  1.000 54.85776  ? 750 MET A CG  1 
ATOM   1036 S SD  . MET A 1 127 ? 11.80846  -2.47934  -3.76624  1.000 70.28063  ? 750 MET A SD  1 
ATOM   1037 C CE  . MET A 1 127 ? 13.41198  -1.70006  -3.91334  1.000 68.48886  ? 750 MET A CE  1 
ATOM   1038 N N   . ALA A 1 128 ? 14.78499  -4.48627  1.14683   1.000 68.60161  ? 751 ALA A N   1 
ATOM   1039 C CA  . ALA A 1 128 ? 15.78822  -5.41684  1.64605   1.000 66.36826  ? 751 ALA A CA  1 
ATOM   1040 C C   . ALA A 1 128 ? 15.17988  -6.47134  2.55889   1.000 67.77585  ? 751 ALA A C   1 
ATOM   1041 O O   . ALA A 1 128 ? 15.78302  -7.53242  2.74818   1.000 80.63693  ? 751 ALA A O   1 
ATOM   1042 C CB  . ALA A 1 128 ? 16.89088  -4.65842  2.38438   1.000 72.57084  ? 751 ALA A CB  1 
ATOM   1043 N N   . ARG A 1 129 ? 14.00034  -6.20262  3.12556   1.000 74.47059  ? 752 ARG A N   1 
ATOM   1044 C CA  . ARG A 1 129 ? 13.32854  -7.19493  3.95671   1.000 77.46153  ? 752 ARG A CA  1 
ATOM   1045 C C   . ARG A 1 129 ? 12.85359  -8.38826  3.13788   1.000 79.77212  ? 752 ARG A C   1 
ATOM   1046 O O   . ARG A 1 129 ? 12.73417  -9.49604  3.67601   1.000 74.54622  ? 752 ARG A O   1 
ATOM   1047 C CB  . ARG A 1 129 ? 12.14640  -6.55527  4.68702   1.000 71.10390  ? 752 ARG A CB  1 
ATOM   1048 C CG  . ARG A 1 129 ? 12.53102  -5.46253  5.66716   1.000 66.08270  ? 752 ARG A CG  1 
ATOM   1049 C CD  . ARG A 1 129 ? 11.29648  -4.80357  6.26682   1.000 70.04212  ? 752 ARG A CD  1 
ATOM   1050 N N   . ARG A 1 130 ? 12.58091  -8.18255  1.84567   1.000 73.13277  ? 753 ARG A N   1 
ATOM   1051 C CA  . ARG A 1 130 ? 12.05567  -9.22917  0.96472   1.000 78.90578  ? 753 ARG A CA  1 
ATOM   1052 C C   . ARG A 1 130 ? 10.75605  -9.81566  1.51512   1.000 83.26718  ? 753 ARG A C   1 
ATOM   1053 O O   . ARG A 1 130 ? 10.50399  -11.01855 1.41792   1.000 73.65594  ? 753 ARG A O   1 
ATOM   1054 C CB  . ARG A 1 130 ? 13.09315  -10.33019 0.72270   1.000 70.26500  ? 753 ARG A CB  1 
ATOM   1055 C CG  . ARG A 1 130 ? 14.30884  -9.87820  -0.06912  1.000 69.88478  ? 753 ARG A CG  1 
ATOM   1056 N N   . THR A 1 131 ? 9.92189   -8.95533  2.09979   1.000 71.05858  ? 754 THR A N   1 
ATOM   1057 C CA  . THR A 1 131 ? 8.64077   -9.36129  2.66344   1.000 64.93029  ? 754 THR A CA  1 
ATOM   1058 C C   . THR A 1 131 ? 7.46169   -8.94258  1.79419   1.000 71.60109  ? 754 THR A C   1 
ATOM   1059 O O   . THR A 1 131 ? 6.31251   -9.02132  2.24317   1.000 71.37929  ? 754 THR A O   1 
ATOM   1060 C CB  . THR A 1 131 ? 8.47910   -8.79072  4.07453   1.000 70.27492  ? 754 THR A CB  1 
ATOM   1061 O OG1 . THR A 1 131 ? 8.79021   -7.39131  4.06527   1.000 80.02406  ? 754 THR A OG1 1 
ATOM   1062 C CG2 . THR A 1 131 ? 9.40564   -9.50634  5.04806   1.000 82.43932  ? 754 THR A CG2 1 
ATOM   1063 N N   . TYR A 1 132 ? 7.71629   -8.50630  0.56412   1.000 53.19418  ? 755 TYR A N   1 
ATOM   1064 C CA  . TYR A 1 132 ? 6.65600   -8.04924  -0.31881  1.000 55.42348  ? 755 TYR A CA  1 
ATOM   1065 C C   . TYR A 1 132 ? 5.97283   -9.22687  -1.00645  1.000 47.75563  ? 755 TYR A C   1 
ATOM   1066 O O   . TYR A 1 132 ? 6.52939   -10.32029 -1.12910  1.000 47.21147  ? 755 TYR A O   1 
ATOM   1067 C CB  . TYR A 1 132 ? 7.21025   -7.08577  -1.36891  1.000 47.02127  ? 755 TYR A CB  1 
ATOM   1068 C CG  . TYR A 1 132 ? 8.48996   -7.55915  -2.02032  1.000 48.54305  ? 755 TYR A CG  1 
ATOM   1069 C CD1 . TYR A 1 132 ? 8.46793   -8.50505  -3.03723  1.000 51.39326  ? 755 TYR A CD1 1 
ATOM   1070 C CD2 . TYR A 1 132 ? 9.72131   -7.05323  -1.62205  1.000 60.80168  ? 755 TYR A CD2 1 
ATOM   1071 C CE1 . TYR A 1 132 ? 9.63813   -8.94081  -3.63303  1.000 61.34320  ? 755 TYR A CE1 1 
ATOM   1072 C CE2 . TYR A 1 132 ? 10.89610  -7.47990  -2.21398  1.000 57.95442  ? 755 TYR A CE2 1 
ATOM   1073 C CZ  . TYR A 1 132 ? 10.84818  -8.42269  -3.21844  1.000 61.09690  ? 755 TYR A CZ  1 
ATOM   1074 O OH  . TYR A 1 132 ? 12.01400  -8.85012  -3.81129  1.000 72.68643  ? 755 TYR A OH  1 
ATOM   1075 N N   . LEU A 1 133 ? 4.74659   -8.98600  -1.46002  1.000 42.61890  ? 756 LEU A N   1 
ATOM   1076 C CA  . LEU A 1 133 ? 3.99658   -9.96203  -2.23937  1.000 41.67876  ? 756 LEU A CA  1 
ATOM   1077 C C   . LEU A 1 133 ? 4.21920   -9.67882  -3.71862  1.000 48.14607  ? 756 LEU A C   1 
ATOM   1078 O O   . LEU A 1 133 ? 3.92648   -8.57666  -4.19318  1.000 44.42506  ? 756 LEU A O   1 
ATOM   1079 C CB  . LEU A 1 133 ? 2.50814   -9.89790  -1.90279  1.000 36.44160  ? 756 LEU A CB  1 
ATOM   1080 C CG  . LEU A 1 133 ? 2.12008   -10.18776 -0.45442  1.000 47.77921  ? 756 LEU A CG  1 
ATOM   1081 C CD1 . LEU A 1 133 ? 0.64929   -9.89500  -0.24318  1.000 46.08207  ? 756 LEU A CD1 1 
ATOM   1082 C CD2 . LEU A 1 133 ? 2.43630   -11.63767 -0.10068  1.000 44.18007  ? 756 LEU A CD2 1 
ATOM   1083 N N   . GLU A 1 134 ? 4.74002   -10.66215 -4.44337  1.000 47.31103  ? 757 GLU A N   1 
ATOM   1084 C CA  . GLU A 1 134 ? 4.99806   -10.49960 -5.86564  1.000 45.26113  ? 757 GLU A CA  1 
ATOM   1085 C C   . GLU A 1 134 ? 3.76024   -10.88436 -6.65992  1.000 49.02401  ? 757 GLU A C   1 
ATOM   1086 O O   . GLU A 1 134 ? 3.21290   -11.97629 -6.47857  1.000 40.15505  ? 757 GLU A O   1 
ATOM   1087 C CB  . GLU A 1 134 ? 6.18792   -11.34813 -6.31261  1.000 52.43533  ? 757 GLU A CB  1 
ATOM   1088 C CG  . GLU A 1 134 ? 7.48826   -11.02858 -5.61189  1.000 47.95023  ? 757 GLU A CG  1 
ATOM   1089 C CD  . GLU A 1 134 ? 8.68470   -11.65775 -6.30234  1.000 78.06671  ? 757 GLU A CD  1 
ATOM   1090 O OE1 . GLU A 1 134 ? 8.92562   -11.33685 -7.48666  1.000 71.86048  ? 757 GLU A OE1 1 
ATOM   1091 O OE2 . GLU A 1 134 ? 9.37598   -12.48100 -5.66458  1.000 82.91001  ? 757 GLU A OE2 1 
ATOM   1092 N N   . TRP A 1 135 ? 3.31625   -9.98076  -7.52672  1.000 36.60745  ? 758 TRP A N   1 
ATOM   1093 C CA  . TRP A 1 135 ? 2.26844   -10.30027 -8.48515  1.000 37.04836  ? 758 TRP A CA  1 
ATOM   1094 C C   . TRP A 1 135 ? 2.78316   -11.37253 -9.43364  1.000 41.69013  ? 758 TRP A C   1 
ATOM   1095 O O   . TRP A 1 135 ? 3.72485   -11.12722 -10.19760 1.000 47.31611  ? 758 TRP A O   1 
ATOM   1096 C CB  . TRP A 1 135 ? 1.84307   -9.05482  -9.26413  1.000 42.25543  ? 758 TRP A CB  1 
ATOM   1097 C CG  . TRP A 1 135 ? 0.84600   -9.33179  -10.34812 1.000 44.56791  ? 758 TRP A CG  1 
ATOM   1098 C CD1 . TRP A 1 135 ? 1.04505   -9.21598  -11.69444 1.000 41.54277  ? 758 TRP A CD1 1 
ATOM   1099 C CD2 . TRP A 1 135 ? -0.50759  -9.76959  -10.17942 1.000 41.03380  ? 758 TRP A CD2 1 
ATOM   1100 N NE1 . TRP A 1 135 ? -0.10060  -9.55263  -12.37287 1.000 45.51665  ? 758 TRP A NE1 1 
ATOM   1101 C CE2 . TRP A 1 135 ? -1.06898  -9.89631  -11.46683 1.000 46.06251  ? 758 TRP A CE2 1 
ATOM   1102 C CE3 . TRP A 1 135 ? -1.29916  -10.06644 -9.06587  1.000 40.73120  ? 758 TRP A CE3 1 
ATOM   1103 C CZ2 . TRP A 1 135 ? -2.38554  -10.30563 -11.67188 1.000 46.05305  ? 758 TRP A CZ2 1 
ATOM   1104 C CZ3 . TRP A 1 135 ? -2.60805  -10.47128 -9.27077  1.000 46.33695  ? 758 TRP A CZ3 1 
ATOM   1105 C CH2 . TRP A 1 135 ? -3.13739  -10.58885 -10.56533 1.000 47.43095  ? 758 TRP A CH2 1 
ATOM   1106 N N   . PRO A 1 136 ? 2.20113   -12.57113 -9.41377  1.000 46.61007  ? 759 PRO A N   1 
ATOM   1107 C CA  . PRO A 1 136 ? 2.75359   -13.67267 -10.21249 1.000 50.90266  ? 759 PRO A CA  1 
ATOM   1108 C C   . PRO A 1 136 ? 2.38692   -13.52415 -11.68211 1.000 47.12419  ? 759 PRO A C   1 
ATOM   1109 O O   . PRO A 1 136 ? 1.24065   -13.22542 -12.02721 1.000 55.55958  ? 759 PRO A O   1 
ATOM   1110 C CB  . PRO A 1 136 ? 2.10916   -14.91897 -9.59418  1.000 42.52611  ? 759 PRO A CB  1 
ATOM   1111 C CG  . PRO A 1 136 ? 0.80917   -14.42609 -9.04579  1.000 48.38104  ? 759 PRO A CG  1 
ATOM   1112 C CD  . PRO A 1 136 ? 1.01627   -12.97838 -8.63938  1.000 41.09340  ? 759 PRO A CD  1 
ATOM   1113 N N   . LYS A 1 137 ? 3.38179   -13.72092 -12.54862 1.000 51.09999  ? 760 LYS A N   1 
ATOM   1114 C CA  . LYS A 1 137 ? 3.11706   -13.74141 -13.98138 1.000 66.28576  ? 760 LYS A CA  1 
ATOM   1115 C C   . LYS A 1 137 ? 2.32980   -14.98298 -14.38212 1.000 62.78816  ? 760 LYS A C   1 
ATOM   1116 O O   . LYS A 1 137 ? 1.58881   -14.95313 -15.37109 1.000 69.80277  ? 760 LYS A O   1 
ATOM   1117 C CB  . LYS A 1 137 ? 4.43299   -13.66387 -14.75647 1.000 57.68010  ? 760 LYS A CB  1 
ATOM   1118 N N   . GLU A 1 138 ? 2.46612   -16.07021 -13.62527 1.000 65.52764  ? 761 GLU A N   1 
ATOM   1119 C CA  . GLU A 1 138 ? 1.74452   -17.30597 -13.90553 1.000 64.77779  ? 761 GLU A CA  1 
ATOM   1120 C C   . GLU A 1 138 ? 0.33783   -17.23080 -13.31950 1.000 61.42792  ? 761 GLU A C   1 
ATOM   1121 O O   . GLU A 1 138 ? 0.16961   -17.03237 -12.11095 1.000 58.66254  ? 761 GLU A O   1 
ATOM   1122 C CB  . GLU A 1 138 ? 2.50993   -18.50062 -13.34121 1.000 65.69304  ? 761 GLU A CB  1 
ATOM   1123 C CG  . GLU A 1 138 ? 3.32567   -18.17550 -12.10065 1.000 77.18372  ? 761 GLU A CG  1 
ATOM   1124 C CD  . GLU A 1 138 ? 4.17161   -19.34491 -11.63003 1.000 100.62203 ? 761 GLU A CD  1 
ATOM   1125 O OE1 . GLU A 1 138 ? 4.04003   -20.44859 -12.20208 1.000 95.06628  ? 761 GLU A OE1 1 
ATOM   1126 O OE2 . GLU A 1 138 ? 4.96884   -19.15935 -10.68544 1.000 106.16180 ? 761 GLU A OE2 1 
ATOM   1127 N N   . LYS A 1 139 ? -0.66961  -17.40295 -14.17973 1.000 54.40520  ? 762 LYS A N   1 
ATOM   1128 C CA  . LYS A 1 139 ? -2.05991  -17.25221 -13.75973 1.000 64.55803  ? 762 LYS A CA  1 
ATOM   1129 C C   . LYS A 1 139 ? -2.43201  -18.22522 -12.64819 1.000 62.89598  ? 762 LYS A C   1 
ATOM   1130 O O   . LYS A 1 139 ? -3.27542  -17.90755 -11.80087 1.000 55.14245  ? 762 LYS A O   1 
ATOM   1131 C CB  . LYS A 1 139 ? -2.98569  -17.44392 -14.96278 1.000 69.11799  ? 762 LYS A CB  1 
ATOM   1132 C CG  . LYS A 1 139 ? -4.46297  -17.25879 -14.65878 1.000 76.44597  ? 762 LYS A CG  1 
ATOM   1133 N N   . SER A 1 140 ? -1.81540  -19.40664 -12.62675 1.000 54.65408  ? 763 SER A N   1 
ATOM   1134 C CA  . SER A 1 140 ? -2.17294  -20.41573 -11.63968 1.000 56.83614  ? 763 SER A CA  1 
ATOM   1135 C C   . SER A 1 140 ? -1.77396  -20.03349 -10.22148 1.000 67.63871  ? 763 SER A C   1 
ATOM   1136 O O   . SER A 1 140 ? -2.24345  -20.67818 -9.28074  1.000 63.78126  ? 763 SER A O   1 
ATOM   1137 C CB  . SER A 1 140 ? -1.53482  -21.75838 -12.00357 1.000 65.08476  ? 763 SER A CB  1 
ATOM   1138 O OG  . SER A 1 140 ? -0.12303  -21.69432 -11.91220 1.000 67.43074  ? 763 SER A OG  1 
ATOM   1139 N N   . LYS A 1 141 ? -0.93246  -19.01511 -10.03865 1.000 57.74189  ? 764 LYS A N   1 
ATOM   1140 C CA  . LYS A 1 141 ? -0.48241  -18.61271 -8.71235  1.000 47.14811  ? 764 LYS A CA  1 
ATOM   1141 C C   . LYS A 1 141 ? -1.17498  -17.35313 -8.21071  1.000 57.94864  ? 764 LYS A C   1 
ATOM   1142 O O   . LYS A 1 141 ? -0.77963  -16.81172 -7.17261  1.000 52.33262  ? 764 LYS A O   1 
ATOM   1143 C CB  . LYS A 1 141 ? 1.03500   -18.40979 -8.70299  1.000 49.95263  ? 764 LYS A CB  1 
ATOM   1144 C CG  . LYS A 1 141 ? 1.81716   -19.64759 -9.10813  1.000 59.11353  ? 764 LYS A CG  1 
ATOM   1145 C CD  . LYS A 1 141 ? 1.26974   -20.87601 -8.40262  1.000 72.00543  ? 764 LYS A CD  1 
ATOM   1146 C CE  . LYS A 1 141 ? 1.64935   -22.16232 -9.11874  1.000 78.82599  ? 764 LYS A CE  1 
ATOM   1147 N NZ  . LYS A 1 141 ? 0.64815   -23.23337 -8.84572  1.000 59.20442  ? 764 LYS A NZ  1 
ATOM   1148 N N   . ARG A 1 142 ? -2.20445  -16.88017 -8.91203  1.000 51.26957  ? 765 ARG A N   1 
ATOM   1149 C CA  . ARG A 1 142 ? -2.84237  -15.63416 -8.51009  1.000 52.98305  ? 765 ARG A CA  1 
ATOM   1150 C C   . ARG A 1 142 ? -3.85051  -15.84466 -7.39091  1.000 54.91821  ? 765 ARG A C   1 
ATOM   1151 O O   . ARG A 1 142 ? -4.07098  -14.93240 -6.58615  1.000 50.56124  ? 765 ARG A O   1 
ATOM   1152 C CB  . ARG A 1 142 ? -3.48170  -14.96394 -9.72648  1.000 52.63266  ? 765 ARG A CB  1 
ATOM   1153 C CG  . ARG A 1 142 ? -2.43473  -14.26192 -10.57563 1.000 50.89824  ? 765 ARG A CG  1 
ATOM   1154 C CD  . ARG A 1 142 ? -2.90844  -13.86147 -11.95564 1.000 56.48835  ? 765 ARG A CD  1 
ATOM   1155 N NE  . ARG A 1 142 ? -1.76483  -13.43483 -12.75980 1.000 58.45282  ? 765 ARG A NE  1 
ATOM   1156 C CZ  . ARG A 1 142 ? -1.84104  -12.99802 -14.01124 1.000 68.97375  ? 765 ARG A CZ  1 
ATOM   1157 N NH1 . ARG A 1 142 ? -3.01630  -12.91985 -14.62167 1.000 72.42732  ? 765 ARG A NH1 1 
ATOM   1158 N NH2 . ARG A 1 142 ? -0.73705  -12.63593 -14.65091 1.000 69.98149  ? 765 ARG A NH2 1 
ATOM   1159 N N   . GLY A 1 143 ? -4.45106  -17.03236 -7.30580  1.000 54.61000  ? 766 GLY A N   1 
ATOM   1160 C CA  . GLY A 1 143 ? -5.24702  -17.35266 -6.13413  1.000 47.63813  ? 766 GLY A CA  1 
ATOM   1161 C C   . GLY A 1 143 ? -4.44210  -17.24379 -4.85440  1.000 50.15929  ? 766 GLY A C   1 
ATOM   1162 O O   . GLY A 1 143 ? -4.91236  -16.68961 -3.85653  1.000 47.52090  ? 766 GLY A O   1 
ATOM   1163 N N   . LEU A 1 144 ? -3.20863  -17.75344 -4.87596  1.000 42.18941  ? 767 LEU A N   1 
ATOM   1164 C CA  . LEU A 1 144 ? -2.32186  -17.63508 -3.72364  1.000 48.02211  ? 767 LEU A CA  1 
ATOM   1165 C C   . LEU A 1 144 ? -2.01627  -16.17713 -3.40542  1.000 41.14675  ? 767 LEU A C   1 
ATOM   1166 O O   . LEU A 1 144 ? -1.94009  -15.79280 -2.23279  1.000 42.56357  ? 767 LEU A O   1 
ATOM   1167 C CB  . LEU A 1 144 ? -1.02747  -18.39863 -3.98972  1.000 49.66908  ? 767 LEU A CB  1 
ATOM   1168 C CG  . LEU A 1 144 ? 0.06738   -18.32783 -2.92805  1.000 53.94324  ? 767 LEU A CG  1 
ATOM   1169 C CD1 . LEU A 1 144 ? -0.45133  -18.84148 -1.59675  1.000 54.40594  ? 767 LEU A CD1 1 
ATOM   1170 C CD2 . LEU A 1 144 ? 1.27855   -19.12226 -3.38023  1.000 53.61944  ? 767 LEU A CD2 1 
ATOM   1171 N N   . PHE A 1 145 ? -1.82167  -15.35588 -4.43847  1.000 41.23530  ? 768 PHE A N   1 
ATOM   1172 C CA  . PHE A 1 145 ? -1.54009  -13.93863 -4.22131  1.000 40.22725  ? 768 PHE A CA  1 
ATOM   1173 C C   . PHE A 1 145 ? -2.69617  -13.25720 -3.50100  1.000 39.11215  ? 768 PHE A C   1 
ATOM   1174 O O   . PHE A 1 145 ? -2.49635  -12.56532 -2.49507  1.000 38.99544  ? 768 PHE A O   1 
ATOM   1175 C CB  . PHE A 1 145 ? -1.25000  -13.25628 -5.56070  1.000 41.56362  ? 768 PHE A CB  1 
ATOM   1176 C CG  . PHE A 1 145 ? -1.05512  -11.76148 -5.46030  1.000 43.00079  ? 768 PHE A CG  1 
ATOM   1177 C CD1 . PHE A 1 145 ? 0.19721   -11.22880 -5.19681  1.000 38.47403  ? 768 PHE A CD1 1 
ATOM   1178 C CD2 . PHE A 1 145 ? -2.12141  -10.89387 -5.64266  1.000 46.90951  ? 768 PHE A CD2 1 
ATOM   1179 C CE1 . PHE A 1 145 ? 0.37959   -9.85815  -5.10666  1.000 41.99765  ? 768 PHE A CE1 1 
ATOM   1180 C CE2 . PHE A 1 145 ? -1.94556  -9.52166  -5.55206  1.000 41.80074  ? 768 PHE A CE2 1 
ATOM   1181 C CZ  . PHE A 1 145 ? -0.69248  -9.00596  -5.28359  1.000 42.18894  ? 768 PHE A CZ  1 
ATOM   1182 N N   . TRP A 1 146 ? -3.92059  -13.45175 -3.99747  1.000 38.67207  ? 769 TRP A N   1 
ATOM   1183 C CA  . TRP A 1 146 ? -5.07235  -12.79635 -3.38693  1.000 43.93451  ? 769 TRP A CA  1 
ATOM   1184 C C   . TRP A 1 146 ? -5.28549  -13.26901 -1.95481  1.000 45.17935  ? 769 TRP A C   1 
ATOM   1185 O O   . TRP A 1 146 ? -5.59846  -12.46423 -1.06940  1.000 44.99450  ? 769 TRP A O   1 
ATOM   1186 C CB  . TRP A 1 146 ? -6.32546  -13.03517 -4.23142  1.000 50.24555  ? 769 TRP A CB  1 
ATOM   1187 C CG  . TRP A 1 146 ? -6.23289  -12.42692 -5.59823  1.000 53.59773  ? 769 TRP A CG  1 
ATOM   1188 C CD1 . TRP A 1 146 ? -6.32028  -13.07713 -6.79414  1.000 53.08528  ? 769 TRP A CD1 1 
ATOM   1189 C CD2 . TRP A 1 146 ? -6.01253  -11.04428 -5.90835  1.000 48.23769  ? 769 TRP A CD2 1 
ATOM   1190 N NE1 . TRP A 1 146 ? -6.17676  -12.18634 -7.83059  1.000 50.59799  ? 769 TRP A NE1 1 
ATOM   1191 C CE2 . TRP A 1 146 ? -5.98613  -10.93150 -7.31362  1.000 47.26129  ? 769 TRP A CE2 1 
ATOM   1192 C CE3 . TRP A 1 146 ? -5.83942  -9.89088  -5.13385  1.000 41.88757  ? 769 TRP A CE3 1 
ATOM   1193 C CZ2 . TRP A 1 146 ? -5.79223  -9.71478  -7.96096  1.000 40.39605  ? 769 TRP A CZ2 1 
ATOM   1194 C CZ3 . TRP A 1 146 ? -5.64752  -8.68168  -5.77838  1.000 40.93421  ? 769 TRP A CZ3 1 
ATOM   1195 C CH2 . TRP A 1 146 ? -5.62735  -8.60281  -7.17819  1.000 48.94945  ? 769 TRP A CH2 1 
ATOM   1196 N N   . ALA A 1 147 ? -5.11645  -14.56980 -1.70543  1.000 47.24898  ? 770 ALA A N   1 
ATOM   1197 C CA  . ALA A 1 147 ? -5.26504  -15.08352 -0.34793  1.000 46.53946  ? 770 ALA A CA  1 
ATOM   1198 C C   . ALA A 1 147 ? -4.21958  -14.47938 0.58084   1.000 42.18153  ? 770 ALA A C   1 
ATOM   1199 O O   . ALA A 1 147 ? -4.54191  -14.03007 1.68641   1.000 41.80429  ? 770 ALA A O   1 
ATOM   1200 C CB  . ALA A 1 147 ? -5.17297  -16.60993 -0.35069  1.000 45.48809  ? 770 ALA A CB  1 
ATOM   1201 N N   . ASN A 1 148 ? -2.95541  -14.46309 0.14411   1.000 36.42497  ? 771 ASN A N   1 
ATOM   1202 C CA  . ASN A 1 148 ? -1.90486  -13.81829 0.92489   1.000 37.89693  ? 771 ASN A CA  1 
ATOM   1203 C C   . ASN A 1 148 ? -2.22449  -12.34852 1.17777   1.000 38.14739  ? 771 ASN A C   1 
ATOM   1204 O O   . ASN A 1 148 ? -1.99390  -11.83391 2.27832   1.000 39.58782  ? 771 ASN A O   1 
ATOM   1205 C CB  . ASN A 1 148 ? -0.56207  -13.93582 0.20633   1.000 34.17863  ? 771 ASN A CB  1 
ATOM   1206 C CG  . ASN A 1 148 ? 0.01688   -15.33596 0.24986   1.000 45.31005  ? 771 ASN A CG  1 
ATOM   1207 O OD1 . ASN A 1 148 ? -0.38857  -16.17830 1.05498   1.000 50.90265  ? 771 ASN A OD1 1 
ATOM   1208 N ND2 . ASN A 1 148 ? 0.99155   -15.58366 -0.61102  1.000 37.39258  ? 771 ASN A ND2 1 
ATOM   1209 N N   . LEU A 1 149 ? -2.75050  -11.65692 0.16627   1.000 36.67895  ? 772 LEU A N   1 
ATOM   1210 C CA  . LEU A 1 149 ? -2.99173  -10.22096 0.29486   1.000 37.55601  ? 772 LEU A CA  1 
ATOM   1211 C C   . LEU A 1 149 ? -4.10860  -9.93458  1.28858   1.000 36.65569  ? 772 LEU A C   1 
ATOM   1212 O O   . LEU A 1 149 ? -3.95722  -9.08824  2.17826   1.000 39.52429  ? 772 LEU A O   1 
ATOM   1213 C CB  . LEU A 1 149 ? -3.31944  -9.62057  -1.07071  1.000 34.75230  ? 772 LEU A CB  1 
ATOM   1214 C CG  . LEU A 1 149 ? -3.58054  -8.10509  -1.06021  1.000 34.45188  ? 772 LEU A CG  1 
ATOM   1215 C CD1 . LEU A 1 149 ? -2.38648  -7.36886  -0.47991  1.000 34.69023  ? 772 LEU A CD1 1 
ATOM   1216 C CD2 . LEU A 1 149 ? -3.88758  -7.61368  -2.45874  1.000 36.54036  ? 772 LEU A CD2 1 
ATOM   1217 N N   . ARG A 1 150 ? -5.24396  -10.62774 1.15047   1.000 39.65122  ? 773 ARG A N   1 
ATOM   1218 C CA  . ARG A 1 150 ? -6.33969  -10.43242 2.09402   1.000 43.72064  ? 773 ARG A CA  1 
ATOM   1219 C C   . ARG A 1 150 ? -5.90042  -10.76732 3.51258   1.000 40.38560  ? 773 ARG A C   1 
ATOM   1220 O O   . ARG A 1 150 ? -6.30012  -10.09486 4.47063   1.000 44.32715  ? 773 ARG A O   1 
ATOM   1221 C CB  . ARG A 1 150 ? -7.54893  -11.27832 1.68976   1.000 55.23619  ? 773 ARG A CB  1 
ATOM   1222 C CG  . ARG A 1 150 ? -8.09127  -10.97093 0.29908   1.000 64.46440  ? 773 ARG A CG  1 
ATOM   1223 C CD  . ARG A 1 150 ? -9.38897  -11.71864 0.02488   1.000 61.65209  ? 773 ARG A CD  1 
ATOM   1224 N NE  . ARG A 1 150 ? -9.70168  -11.76709 -1.40135  1.000 71.68649  ? 773 ARG A NE  1 
ATOM   1225 C CZ  . ARG A 1 150 ? -9.50831  -12.83392 -2.17139  1.000 75.22858  ? 773 ARG A CZ  1 
ATOM   1226 N NH1 . ARG A 1 150 ? -9.00939  -13.94724 -1.64947  1.000 67.89086  ? 773 ARG A NH1 1 
ATOM   1227 N NH2 . ARG A 1 150 ? -9.81848  -12.79185 -3.46173  1.000 69.30655  ? 773 ARG A NH2 1 
ATOM   1228 N N   . ALA A 1 151 ? -5.06125  -11.79469 3.66306   1.000 39.85437  ? 774 ALA A N   1 
ATOM   1229 C CA  . ALA A 1 151 ? -4.51611  -12.11719 4.97691   1.000 43.59116  ? 774 ALA A CA  1 
ATOM   1230 C C   . ALA A 1 151 ? -3.65572  -10.97855 5.51165   1.000 38.74455  ? 774 ALA A C   1 
ATOM   1231 O O   . ALA A 1 151 ? -3.76241  -10.60727 6.68729   1.000 38.71865  ? 774 ALA A O   1 
ATOM   1232 C CB  . ALA A 1 151 ? -3.70983  -13.41534 4.90423   1.000 39.26238  ? 774 ALA A CB  1 
ATOM   1233 N N   . ALA A 1 152 ? -2.79344  -10.41094 4.66376   1.000 39.24147  ? 775 ALA A N   1 
ATOM   1234 C CA  . ALA A 1 152 ? -1.96343  -9.29300  5.10200   1.000 37.73588  ? 775 ALA A CA  1 
ATOM   1235 C C   . ALA A 1 152 ? -2.80768  -8.10890  5.55605   1.000 38.88127  ? 775 ALA A C   1 
ATOM   1236 O O   . ALA A 1 152 ? -2.39664  -7.35898  6.44816   1.000 40.40380  ? 775 ALA A O   1 
ATOM   1237 C CB  . ALA A 1 152 ? -1.01201  -8.87066  3.98218   1.000 41.24763  ? 775 ALA A CB  1 
ATOM   1238 N N   . ILE A 1 153 ? -3.98923  -7.93027  4.96773   1.000 39.67362  ? 776 ILE A N   1 
ATOM   1239 C CA  . ILE A 1 153 ? -4.85542  -6.82851  5.37085   1.000 39.37396  ? 776 ILE A CA  1 
ATOM   1240 C C   . ILE A 1 153 ? -5.52986  -7.12746  6.70428   1.000 42.14850  ? 776 ILE A C   1 
ATOM   1241 O O   . ILE A 1 153 ? -5.66589  -6.24115  7.55554   1.000 39.90378  ? 776 ILE A O   1 
ATOM   1242 C CB  . ILE A 1 153 ? -5.88623  -6.53671  4.26687   1.000 40.03417  ? 776 ILE A CB  1 
ATOM   1243 C CG1 . ILE A 1 153 ? -5.17695  -6.12810  2.97299   1.000 41.16703  ? 776 ILE A CG1 1 
ATOM   1244 C CG2 . ILE A 1 153 ? -6.85560  -5.44149  4.71513   1.000 40.61964  ? 776 ILE A CG2 1 
ATOM   1245 C CD1 . ILE A 1 153 ? -6.10622  -6.00915  1.78473   1.000 41.43706  ? 776 ILE A CD1 1 
ATOM   1246 N N   . ASN A 1 154 ? -5.94000  -8.37635  6.91743   1.000 38.17430  ? 777 ASN A N   1 
ATOM   1247 C CA  . ASN A 1 154 ? -6.73747  -8.75365  8.07738   1.000 42.89045  ? 777 ASN A CA  1 
ATOM   1248 C C   . ASN A 1 154 ? -5.90819  -9.26471  9.25049   1.000 42.63688  ? 777 ASN A C   1 
ATOM   1249 O O   . ASN A 1 154 ? -6.47648  -9.55039  10.30899  1.000 39.04974  ? 777 ASN A O   1 
ATOM   1250 C CB  . ASN A 1 154 ? -7.77312  -9.80895  7.67330   1.000 38.92058  ? 777 ASN A CB  1 
ATOM   1251 C CG  . ASN A 1 154 ? -8.91802  -9.21463  6.87775   1.000 50.86388  ? 777 ASN A CG  1 
ATOM   1252 O OD1 . ASN A 1 154 ? -9.39043  -8.12091  7.18264   1.000 47.58226  ? 777 ASN A OD1 1 
ATOM   1253 N ND2 . ASN A 1 154 ? -9.36635  -9.92647  5.85413   1.000 48.67566  ? 777 ASN A ND2 1 
ATOM   1254 N N   . ILE A 1 155 ? -4.58687  -9.36420  9.10555   1.000 40.12426  ? 778 ILE A N   1 
ATOM   1255 C CA  . ILE A 1 155 ? -3.75344  -9.82725  10.20681  1.000 40.67273  ? 778 ILE A CA  1 
ATOM   1256 C C   . ILE A 1 155 ? -3.71494  -8.77131  11.30579  1.000 48.16289  ? 778 ILE A C   1 
ATOM   1257 O O   . ILE A 1 155 ? -3.76118  -7.56052  11.04046  1.000 40.09239  ? 778 ILE A O   1 
ATOM   1258 C CB  . ILE A 1 155 ? -2.34384  -10.18213 9.69878   1.000 39.89165  ? 778 ILE A CB  1 
ATOM   1259 C CG1 . ILE A 1 155 ? -1.56087  -10.94211 10.76938  1.000 47.95320  ? 778 ILE A CG1 1 
ATOM   1260 C CG2 . ILE A 1 155 ? -1.58919  -8.93970  9.26100   1.000 46.85948  ? 778 ILE A CG2 1 
ATOM   1261 C CD1 . ILE A 1 155 ? -1.11639  -12.30319 10.32659  1.000 42.58001  ? 778 ILE A CD1 1 
ATOM   1262 N N   . LYS A 1 156 ? -3.65743  -9.23186  12.55424  1.000 39.94992  ? 779 LYS A N   1 
ATOM   1263 C CA  . LYS A 1 156 ? -3.61014  -8.32581  13.69408  1.000 50.96490  ? 779 LYS A CA  1 
ATOM   1264 C C   . LYS A 1 156 ? -2.32722  -7.50443  13.67444  1.000 45.80295  ? 779 LYS A C   1 
ATOM   1265 O O   . LYS A 1 156 ? -1.24044  -8.02883  13.41542  1.000 41.50293  ? 779 LYS A O   1 
ATOM   1266 C CB  . LYS A 1 156 ? -3.70619  -9.11953  15.00037  1.000 50.86946  ? 779 LYS A CB  1 
ATOM   1267 C CG  . LYS A 1 156 ? -3.65191  -8.27207  16.26679  1.000 50.63394  ? 779 LYS A CG  1 
ATOM   1268 C CD  . LYS A 1 156 ? -3.57713  -9.15003  17.51146  1.000 56.79953  ? 779 LYS A CD  1 
ATOM   1269 C CE  . LYS A 1 156 ? -3.47043  -8.31709  18.77922  1.000 70.06258  ? 779 LYS A CE  1 
ATOM   1270 N NZ  . LYS A 1 156 ? -3.29627  -9.17201  19.98836  1.000 80.06610  ? 779 LYS A NZ  1 
ATOM   1271 N N   . LEU A 1 157 ? -2.46345  -6.20762  13.95701  1.000 49.97480  ? 780 LEU A N   1 
ATOM   1272 C CA  . LEU A 1 157 ? -1.32680  -5.29520  13.93287  1.000 49.55528  ? 780 LEU A CA  1 
ATOM   1273 C C   . LEU A 1 157 ? -0.28618  -5.68059  14.97696  1.000 59.14026  ? 780 LEU A C   1 
ATOM   1274 O O   . LEU A 1 157 ? -0.61257  -6.14221  16.07291  1.000 66.18478  ? 780 LEU A O   1 
ATOM   1275 C CB  . LEU A 1 157 ? -1.79081  -3.85948  14.18332  1.000 59.21370  ? 780 LEU A CB  1 
ATOM   1276 C CG  . LEU A 1 157 ? -2.17719  -3.01418  12.97239  1.000 60.38345  ? 780 LEU A CG  1 
ATOM   1277 C CD1 . LEU A 1 157 ? -2.64570  -1.63653  13.41905  1.000 62.78547  ? 780 LEU A CD1 1 
ATOM   1278 C CD2 . LEU A 1 157 ? -0.99695  -2.89503  12.03004  1.000 60.00090  ? 780 LEU A CD2 1 
ATOM   1279 N N   . THR A 1 158 ? 0.98171   -5.47148  14.62536  1.000 68.91922  ? 781 THR A N   1 
ATOM   1280 C CA  . THR A 1 158 ? 2.08022   -5.75835  15.53980  1.000 75.88190  ? 781 THR A CA  1 
ATOM   1281 C C   . THR A 1 158 ? 1.97931   -4.88697  16.78582  1.000 88.80869  ? 781 THR A C   1 
ATOM   1282 O O   . THR A 1 158 ? 1.80154   -3.66852  16.69470  1.000 85.94303  ? 781 THR A O   1 
ATOM   1283 C CB  . THR A 1 158 ? 3.42269   -5.52636  14.84243  1.000 80.99326  ? 781 THR A CB  1 
ATOM   1284 O OG1 . THR A 1 158 ? 3.54163   -6.40981  13.72038  1.000 76.65699  ? 781 THR A OG1 1 
ATOM   1285 C CG2 . THR A 1 158 ? 4.57797   -5.77718  15.80116  1.000 87.33662  ? 781 THR A CG2 1 
ATOM   1286 N N   . GLU A 1 159 ? 2.08921   -5.51854  17.95161  1.000 96.53080  ? 782 GLU A N   1 
ATOM   1287 C CA  . GLU A 1 159 ? 2.00713   -4.80975  19.22483  1.000 101.01924 ? 782 GLU A CA  1 
ATOM   1288 C C   . GLU A 1 159 ? 3.30331   -4.06082  19.52498  1.000 102.05166 ? 782 GLU A C   1 
ATOM   1289 O O   . GLU A 1 159 ? 3.63490   -3.07898  18.85920  1.000 96.12912  ? 782 GLU A O   1 
ATOM   1290 C CB  . GLU A 1 159 ? 1.68725   -5.78530  20.36161  1.000 95.57775  ? 782 GLU A CB  1 
ATOM   1291 C CG  . GLU A 1 159 ? 2.73545   -6.86861  20.56827  1.000 88.07971  ? 782 GLU A CG  1 
HETATM 1292 O O   . HOH B 2 .   ? 0.58703   8.96741   -10.19042 1.000 57.04610  ? 801 HOH A O   1 
HETATM 1293 O O   . HOH B 2 .   ? -1.87527  1.05253   -16.15508 1.000 49.66701  ? 802 HOH A O   1 
HETATM 1294 O O   . HOH B 2 .   ? -5.24599  -4.65712  15.82080  1.000 63.92231  ? 803 HOH A O   1 
HETATM 1295 O O   . HOH B 2 .   ? 2.00286   1.72985   -8.49002  1.000 43.00692  ? 804 HOH A O   1 
HETATM 1296 O O   . HOH B 2 .   ? 13.45055  12.25983  -5.97777  1.000 67.81341  ? 805 HOH A O   1 
HETATM 1297 O O   . HOH B 2 .   ? 6.22577   14.17539  1.22701   1.000 57.14093  ? 806 HOH A O   1 
HETATM 1298 O O   . HOH B 2 .   ? 13.87550  6.40974   -11.62955 1.000 57.63169  ? 807 HOH A O   1 
HETATM 1299 O O   . HOH B 2 .   ? 1.30156   -16.15222 -5.61553  1.000 54.66267  ? 808 HOH A O   1 
HETATM 1300 O O   . HOH B 2 .   ? 1.02793   -1.67345  -14.57218 1.000 48.19492  ? 809 HOH A O   1 
HETATM 1301 O O   . HOH B 2 .   ? 9.59602   9.38638   -6.66313  1.000 45.97791  ? 810 HOH A O   1 
HETATM 1302 O O   . HOH B 2 .   ? -7.41534  11.78687  2.23461   1.000 59.65888  ? 811 HOH A O   1 
HETATM 1303 O O   . HOH B 2 .   ? 0.17658   -6.87141  7.23923   1.000 45.76064  ? 812 HOH A O   1 
HETATM 1304 O O   . HOH B 2 .   ? 9.86249   -6.07322  1.64183   1.000 61.91585  ? 813 HOH A O   1 
HETATM 1305 O O   . HOH B 2 .   ? 1.73621   -14.39783 -2.99261  1.000 53.34763  ? 814 HOH A O   1 
HETATM 1306 O O   . HOH B 2 .   ? -2.26678  2.69572   7.54019   1.000 46.99250  ? 815 HOH A O   1 
HETATM 1307 O O   . HOH B 2 .   ? -3.01245  1.06429   11.50190  1.000 54.12209  ? 816 HOH A O   1 
HETATM 1308 O O   . HOH B 2 .   ? -3.61976  3.63709   10.91904  1.000 56.39768  ? 817 HOH A O   1 
HETATM 1309 O O   . HOH B 2 .   ? -3.74396  -11.97556 13.24245  1.000 37.42332  ? 818 HOH A O   1 
HETATM 1310 O O   . HOH B 2 .   ? 3.60075   -6.43803  5.47988   1.000 62.83880  ? 819 HOH A O   1 
HETATM 1311 O O   . HOH B 2 .   ? 0.19319   -10.38009 14.12197  1.000 49.22887  ? 820 HOH A O   1 
HETATM 1312 O O   . HOH B 2 .   ? 6.23185   -0.05752  -14.11515 1.000 59.58542  ? 821 HOH A O   1 
HETATM 1313 O O   . HOH B 2 .   ? 12.38753  -5.95345  -8.09230  1.000 52.86319  ? 822 HOH A O   1 
HETATM 1314 O O   . HOH B 2 .   ? 2.42618   -9.99244  10.21594  1.000 62.25657  ? 823 HOH A O   1 
HETATM 1315 O O   . HOH B 2 .   ? 18.60533  -4.68028  -11.12247 1.000 59.22895  ? 824 HOH A O   1 
HETATM 1316 O O   . HOH B 2 .   ? -15.63109 -2.98401  9.22201   1.000 57.69252  ? 825 HOH A O   1 
HETATM 1317 O O   . HOH B 2 .   ? 4.33807   -1.52992  -13.58107 1.000 54.65554  ? 826 HOH A O   1 
HETATM 1318 O O   . HOH B 2 .   ? 4.48723   -6.71545  2.69539   1.000 46.41023  ? 827 HOH A O   1 
HETATM 1319 O O   . HOH B 2 .   ? 4.22369   -13.32670 -3.21864  1.000 50.29998  ? 828 HOH A O   1 
HETATM 1320 O O   . HOH B 2 .   ? -4.10315  -9.06625  -15.03093 1.000 66.40326  ? 829 HOH A O   1 
HETATM 1321 O O   . HOH B 2 .   ? -2.59586  7.90235   -7.64752  1.000 57.17271  ? 830 HOH A O   1 
HETATM 1322 O O   . HOH B 2 .   ? 20.10027  -2.35329  -12.49720 1.000 65.76864  ? 831 HOH A O   1 
HETATM 1323 O O   . HOH B 2 .   ? -1.70127  -1.47982  -15.22640 1.000 42.55732  ? 832 HOH A O   1 
HETATM 1324 O O   . HOH B 2 .   ? 6.51509   11.95394  -5.37367  1.000 59.12068  ? 833 HOH A O   1 
HETATM 1325 O O   . HOH B 2 .   ? 5.86453   14.33983  -6.42048  1.000 59.30586  ? 834 HOH A O   1 
HETATM 1326 O O   . HOH B 2 .   ? 2.15922   12.34671  -7.65693  1.000 72.06258  ? 835 HOH A O   1 
HETATM 1327 O O   . HOH B 2 .   ? 2.05991   -11.60022 12.83228  1.000 67.94016  ? 836 HOH A O   1 
HETATM 1328 O O   . HOH B 2 .   ? -1.99992  -3.31083  -17.39588 1.000 50.52235  ? 837 HOH A O   1 
HETATM 1329 O O   . HOH B 2 .   ? -1.35569  -12.91851 13.96276  1.000 43.08591  ? 838 HOH A O   1 
HETATM 1330 O O   . HOH B 2 .   ? 2.27571   -8.39263  6.03198   1.000 57.66279  ? 839 HOH A O   1 
# 
